data_4YW3
#
_entry.id   4YW3
#
_cell.length_a   100.618
_cell.length_b   74.729
_cell.length_c   113.014
_cell.angle_alpha   90.000
_cell.angle_beta   96.350
_cell.angle_gamma   90.000
#
_symmetry.space_group_name_H-M   'P 1 21 1'
#
loop_
_entity.id
_entity.type
_entity.pdbx_description
1 polymer 'Neuraminidase C'
2 non-polymer 'PHOSPHATE ION'
3 non-polymer 'N-acetyl-alpha-neuraminic acid'
4 non-polymer GLYCEROL
5 non-polymer '2-DEOXY-2,3-DEHYDRO-N-ACETYL-NEURAMINIC ACID'
6 water water
#
_entity_poly.entity_id   1
_entity_poly.type   'polypeptide(L)'
_entity_poly.pdbx_seq_one_letter_code
;ETPVLEKNNVTLTGGGENVTKELKDKFTSGDFTVVIKYNQSSEKGLQALFGISNSKPGQQNSYVDVFLRDNGELGMEARD
TSSNKNNLVSRPASVWGKYKQEAVTNTVAVVADSVKKTYSLYANGTKVVEKKVDNFLNIKDIKGIDYYMLGGVKRAGKTA
FGFNGTLENIKFFNSALDEETVKKMTTNAVTGHLIYTANDTTGSNYFRIPVLYTFSNGRVFSSIDARYGGTHDFLNKINI
ATSYSDDNGKTWTKPKLTLAFDDFAPVPLEWPREVGGRDLQISGGATYIDSVIVEKKNKQVLMFADVMPAGVSFREATRK
DSGYKQIDGNYYLKLRKQGDTDYNYTIRENGTVYDDRTNRPTEFSVDKNFGIKQNGNYLTVEQYSVSFENNKKTEYRNGT
KVHMNIFYKDALFKVVPTNYIAYISSNDHGESWSAPTLLPPIMGLNRNAPYLGPGRGIIESSTGRILIPSYTGKESAFIY
SDDNGASWKVKVVPLPSSWSAEAQFVELSPGVIQAYMRTNNGKIAYLTSKDAGTTWSAPEYLKFVSNPSYGTQLSIINYS
QLIDGKKAVILSTPNSTNGRKHGQIWIGLINDDNTIDWRYHHDVDYSNYGYSYSTLTELPNHEIGLMFEKFDSWSRNELH
MKNVVPYITFKIEDLKKNL
;
_entity_poly.pdbx_strand_id   A,B
#
# COMPACT_ATOMS: atom_id res chain seq x y z
N GLU A 1 -25.17 -6.79 -30.59
CA GLU A 1 -23.79 -7.20 -31.07
C GLU A 1 -22.98 -7.86 -29.92
N THR A 2 -22.55 -9.11 -30.07
CA THR A 2 -21.99 -9.88 -28.93
C THR A 2 -20.54 -10.35 -29.10
N PRO A 3 -19.80 -10.49 -27.98
CA PRO A 3 -18.37 -10.81 -28.12
C PRO A 3 -18.12 -12.20 -28.67
N VAL A 4 -17.06 -12.37 -29.44
CA VAL A 4 -16.61 -13.74 -29.80
C VAL A 4 -15.95 -14.41 -28.59
N LEU A 5 -15.49 -13.62 -27.63
CA LEU A 5 -14.93 -14.14 -26.39
C LEU A 5 -15.00 -13.10 -25.31
N GLU A 6 -15.41 -13.55 -24.14
CA GLU A 6 -15.44 -12.74 -22.93
C GLU A 6 -14.83 -13.56 -21.78
N LYS A 7 -13.90 -12.96 -21.05
CA LYS A 7 -13.28 -13.63 -19.89
C LYS A 7 -13.30 -12.63 -18.74
N ASN A 8 -13.34 -13.18 -17.53
CA ASN A 8 -13.46 -12.44 -16.28
C ASN A 8 -12.36 -12.81 -15.31
N ASN A 9 -11.89 -11.80 -14.58
CA ASN A 9 -11.05 -11.99 -13.41
C ASN A 9 -9.83 -12.84 -13.65
N VAL A 10 -9.06 -12.49 -14.68
CA VAL A 10 -7.83 -13.22 -15.01
C VAL A 10 -6.66 -12.48 -14.37
N THR A 11 -6.12 -13.04 -13.30
CA THR A 11 -4.99 -12.42 -12.58
C THR A 11 -3.71 -12.99 -13.16
N LEU A 12 -2.79 -12.11 -13.53
CA LEU A 12 -1.54 -12.48 -14.18
C LEU A 12 -0.35 -11.76 -13.57
N THR A 13 0.79 -12.43 -13.58
CA THR A 13 2.03 -11.90 -13.06
C THR A 13 3.12 -12.09 -14.11
N GLY A 14 2.85 -11.62 -15.34
CA GLY A 14 3.85 -11.58 -16.41
C GLY A 14 3.88 -12.77 -17.36
N GLY A 15 3.22 -13.85 -16.99
CA GLY A 15 3.27 -15.08 -17.78
C GLY A 15 2.18 -15.24 -18.86
N GLY A 16 1.10 -14.48 -18.75
CA GLY A 16 0.06 -14.50 -19.79
C GLY A 16 -0.87 -15.71 -19.73
N GLU A 17 -1.83 -15.75 -20.62
CA GLU A 17 -2.69 -16.92 -20.73
C GLU A 17 -3.01 -17.12 -22.21
N ASN A 18 -2.79 -18.33 -22.68
CA ASN A 18 -3.13 -18.74 -24.02
C ASN A 18 -4.64 -18.88 -24.18
N VAL A 19 -5.21 -18.15 -25.13
CA VAL A 19 -6.62 -18.32 -25.47
C VAL A 19 -6.81 -18.65 -26.96
N THR A 20 -5.83 -19.33 -27.55
CA THR A 20 -5.78 -19.59 -28.99
C THR A 20 -7.02 -20.41 -29.46
N LYS A 21 -7.34 -21.45 -28.70
CA LYS A 21 -8.52 -22.29 -28.95
C LYS A 21 -9.82 -21.48 -29.01
N GLU A 22 -9.95 -20.51 -28.10
CA GLU A 22 -11.14 -19.70 -28.00
C GLU A 22 -11.18 -18.45 -28.87
N LEU A 23 -10.12 -18.14 -29.62
CA LEU A 23 -10.16 -17.06 -30.63
C LEU A 23 -9.76 -17.44 -32.08
N LYS A 24 -9.21 -18.62 -32.29
CA LYS A 24 -8.63 -18.97 -33.56
C LYS A 24 -9.57 -18.76 -34.74
N ASP A 25 -9.14 -17.92 -35.70
CA ASP A 25 -9.89 -17.66 -36.93
C ASP A 25 -11.34 -17.12 -36.71
N LYS A 26 -11.62 -16.54 -35.56
CA LYS A 26 -12.98 -16.01 -35.30
C LYS A 26 -13.16 -14.60 -35.86
N PHE A 27 -12.04 -13.99 -36.24
CA PHE A 27 -12.03 -12.63 -36.79
C PHE A 27 -12.20 -12.66 -38.28
N THR A 28 -13.44 -12.94 -38.65
CA THR A 28 -13.76 -13.28 -40.01
C THR A 28 -13.47 -12.15 -40.97
N SER A 29 -13.95 -10.95 -40.65
CA SER A 29 -13.75 -9.80 -41.53
C SER A 29 -12.34 -9.29 -41.37
N GLY A 30 -11.70 -9.55 -40.22
CA GLY A 30 -10.41 -8.94 -39.91
C GLY A 30 -10.53 -7.75 -38.97
N ASP A 31 -11.67 -7.05 -38.95
CA ASP A 31 -11.90 -5.96 -37.98
C ASP A 31 -12.00 -6.48 -36.58
N PHE A 32 -11.78 -5.59 -35.63
CA PHE A 32 -11.84 -5.99 -34.24
C PHE A 32 -12.10 -4.83 -33.31
N THR A 33 -12.73 -5.15 -32.19
CA THR A 33 -12.86 -4.29 -31.04
C THR A 33 -12.55 -5.14 -29.83
N VAL A 34 -11.67 -4.64 -28.98
CA VAL A 34 -11.30 -5.30 -27.73
C VAL A 34 -11.48 -4.29 -26.59
N VAL A 35 -12.31 -4.65 -25.63
CA VAL A 35 -12.62 -3.81 -24.46
C VAL A 35 -12.08 -4.53 -23.22
N ILE A 36 -11.23 -3.83 -22.48
CA ILE A 36 -10.47 -4.39 -21.38
C ILE A 36 -10.63 -3.52 -20.13
N LYS A 37 -11.28 -4.12 -19.12
CA LYS A 37 -11.36 -3.55 -17.78
C LYS A 37 -10.29 -4.27 -16.95
N TYR A 38 -9.34 -3.49 -16.45
CA TYR A 38 -8.13 -4.08 -15.83
C TYR A 38 -7.64 -3.17 -14.69
N ASN A 39 -6.80 -3.75 -13.82
CA ASN A 39 -5.93 -2.96 -12.98
C ASN A 39 -4.55 -3.59 -12.96
N GLN A 40 -3.52 -2.75 -12.83
CA GLN A 40 -2.12 -3.19 -12.84
C GLN A 40 -1.59 -3.38 -11.43
N SER A 41 -0.88 -4.49 -11.19
CA SER A 41 -0.25 -4.75 -9.87
C SER A 41 1.14 -4.08 -9.82
N SER A 42 1.74 -3.92 -10.99
CA SER A 42 2.97 -3.20 -11.19
C SER A 42 2.89 -2.50 -12.56
N GLU A 43 3.30 -1.24 -12.61
CA GLU A 43 3.29 -0.44 -13.85
C GLU A 43 4.58 -0.53 -14.68
N LYS A 44 5.61 -1.19 -14.15
CA LYS A 44 6.97 -1.18 -14.74
C LYS A 44 6.96 -1.94 -16.05
N GLY A 45 7.72 -1.46 -17.01
CA GLY A 45 7.89 -2.16 -18.27
C GLY A 45 6.74 -1.90 -19.22
N LEU A 46 6.96 -2.28 -20.45
CA LEU A 46 5.98 -2.25 -21.50
C LEU A 46 5.09 -3.49 -21.39
N GLN A 47 3.80 -3.29 -21.22
CA GLN A 47 2.89 -4.38 -20.94
C GLN A 47 1.72 -4.43 -21.91
N ALA A 48 1.49 -5.61 -22.43
CA ALA A 48 0.44 -5.86 -23.38
C ALA A 48 -0.77 -6.49 -22.66
N LEU A 49 -1.95 -5.90 -22.90
CA LEU A 49 -3.16 -6.43 -22.31
C LEU A 49 -3.61 -7.68 -23.06
N PHE A 50 -3.29 -7.75 -24.34
CA PHE A 50 -3.49 -8.97 -25.12
C PHE A 50 -2.60 -8.91 -26.35
N GLY A 51 -2.45 -10.04 -27.01
CA GLY A 51 -1.59 -10.15 -28.18
C GLY A 51 -2.10 -11.21 -29.10
N ILE A 52 -2.20 -10.83 -30.36
CA ILE A 52 -2.58 -11.75 -31.44
C ILE A 52 -1.41 -11.73 -32.40
N SER A 53 -0.79 -12.89 -32.61
CA SER A 53 0.47 -12.94 -33.30
C SER A 53 0.69 -14.19 -34.14
N ASN A 54 1.66 -14.06 -35.04
CA ASN A 54 2.37 -15.19 -35.58
C ASN A 54 3.55 -15.50 -34.65
N SER A 55 3.50 -16.64 -33.97
CA SER A 55 4.47 -16.95 -32.92
C SER A 55 5.68 -17.72 -33.42
N LYS A 56 5.72 -18.01 -34.71
CA LYS A 56 6.77 -18.85 -35.29
C LYS A 56 8.10 -18.09 -35.37
N PRO A 57 9.22 -18.82 -35.40
CA PRO A 57 10.51 -18.16 -35.55
C PRO A 57 10.58 -17.24 -36.79
N GLY A 58 11.19 -16.08 -36.65
CA GLY A 58 11.27 -15.11 -37.75
C GLY A 58 10.03 -14.22 -37.97
N GLN A 59 8.92 -14.48 -37.29
CA GLN A 59 7.70 -13.73 -37.50
C GLN A 59 7.37 -12.82 -36.33
N GLN A 60 8.41 -12.41 -35.58
CA GLN A 60 8.24 -11.64 -34.38
C GLN A 60 7.69 -10.23 -34.63
N ASN A 61 7.70 -9.74 -35.87
CA ASN A 61 7.03 -8.47 -36.22
C ASN A 61 5.65 -8.62 -36.88
N SER A 62 4.99 -9.74 -36.58
CA SER A 62 3.65 -10.02 -37.04
C SER A 62 2.73 -10.15 -35.82
N TYR A 63 2.20 -9.01 -35.38
CA TYR A 63 1.30 -8.99 -34.28
C TYR A 63 0.44 -7.77 -34.15
N VAL A 64 -0.61 -7.94 -33.35
CA VAL A 64 -1.47 -6.87 -32.90
C VAL A 64 -1.49 -6.93 -31.37
N ASP A 65 -1.43 -5.74 -30.74
CA ASP A 65 -1.60 -5.64 -29.30
C ASP A 65 -2.11 -4.26 -28.89
N VAL A 66 -2.55 -4.20 -27.65
CA VAL A 66 -2.78 -2.98 -26.94
C VAL A 66 -1.84 -2.97 -25.76
N PHE A 67 -1.17 -1.83 -25.56
CA PHE A 67 -0.13 -1.76 -24.54
C PHE A 67 -0.27 -0.57 -23.62
N LEU A 68 0.36 -0.74 -22.47
CA LEU A 68 0.48 0.26 -21.43
C LEU A 68 1.95 0.49 -21.11
N ARG A 69 2.31 1.76 -20.91
CA ARG A 69 3.64 2.10 -20.39
C ARG A 69 3.53 2.64 -18.98
N ASP A 70 4.70 2.74 -18.36
CA ASP A 70 4.82 3.19 -16.96
C ASP A 70 4.53 4.68 -16.73
N ASN A 71 4.22 5.42 -17.79
CA ASN A 71 3.85 6.83 -17.72
C ASN A 71 2.39 7.08 -18.04
N GLY A 72 1.58 6.02 -18.10
CA GLY A 72 0.19 6.14 -18.39
C GLY A 72 -0.21 6.15 -19.88
N GLU A 73 0.76 6.10 -20.79
CA GLU A 73 0.47 6.03 -22.20
C GLU A 73 -0.25 4.73 -22.54
N LEU A 74 -1.30 4.87 -23.32
CA LEU A 74 -2.03 3.73 -23.92
C LEU A 74 -1.76 3.74 -25.40
N GLY A 75 -1.43 2.56 -25.94
CA GLY A 75 -1.16 2.43 -27.35
C GLY A 75 -1.59 1.10 -27.93
N MET A 76 -1.47 0.98 -29.23
CA MET A 76 -1.63 -0.29 -29.92
C MET A 76 -0.61 -0.41 -31.02
N GLU A 77 -0.24 -1.65 -31.33
CA GLU A 77 0.58 -1.94 -32.50
C GLU A 77 -0.20 -2.91 -33.41
N ALA A 78 0.05 -2.78 -34.71
CA ALA A 78 -0.44 -3.73 -35.70
C ALA A 78 0.65 -3.75 -36.75
N ARG A 79 1.31 -4.90 -36.83
CA ARG A 79 2.53 -5.09 -37.59
C ARG A 79 2.49 -6.41 -38.39
N ASP A 80 3.01 -6.37 -39.62
CA ASP A 80 3.13 -7.55 -40.47
C ASP A 80 4.56 -7.68 -41.00
N THR A 81 5.14 -8.85 -40.81
CA THR A 81 6.57 -9.02 -41.09
C THR A 81 6.82 -8.89 -42.60
N SER A 82 6.11 -9.67 -43.41
CA SER A 82 6.49 -9.78 -44.84
C SER A 82 6.17 -8.54 -45.69
N SER A 83 5.08 -7.81 -45.38
CA SER A 83 4.81 -6.51 -46.02
C SER A 83 5.64 -5.34 -45.44
N ASN A 84 6.34 -5.60 -44.35
CA ASN A 84 7.03 -4.57 -43.57
C ASN A 84 6.19 -3.30 -43.21
N LYS A 85 4.96 -3.56 -42.77
CA LYS A 85 4.07 -2.53 -42.28
C LYS A 85 4.04 -2.58 -40.78
N ASN A 86 4.31 -1.45 -40.17
CA ASN A 86 4.41 -1.32 -38.73
C ASN A 86 3.60 -0.10 -38.29
N ASN A 87 2.44 -0.35 -37.71
CA ASN A 87 1.53 0.70 -37.29
C ASN A 87 1.63 0.80 -35.79
N LEU A 88 1.75 2.03 -35.29
CA LEU A 88 1.71 2.29 -33.86
C LEU A 88 0.84 3.52 -33.64
N VAL A 89 -0.21 3.37 -32.89
CA VAL A 89 -1.13 4.48 -32.59
C VAL A 89 -1.24 4.52 -31.06
N SER A 90 -1.16 5.71 -30.51
CA SER A 90 -1.14 5.89 -29.05
C SER A 90 -1.49 7.32 -28.64
N ARG A 91 -1.75 7.49 -27.36
CA ARG A 91 -1.72 8.81 -26.75
C ARG A 91 -1.14 8.76 -25.32
N PRO A 92 -0.26 9.71 -24.99
CA PRO A 92 0.19 9.79 -23.62
C PRO A 92 -0.92 10.03 -22.63
N ALA A 93 -0.66 9.70 -21.37
CA ALA A 93 -1.53 10.10 -20.24
C ALA A 93 -2.98 9.71 -20.41
N SER A 94 -3.20 8.47 -20.83
CA SER A 94 -4.54 7.95 -21.13
C SER A 94 -5.14 7.20 -19.96
N VAL A 95 -4.31 6.56 -19.14
CA VAL A 95 -4.79 5.77 -18.02
C VAL A 95 -4.23 6.30 -16.69
N TRP A 96 -4.84 5.81 -15.61
CA TRP A 96 -4.36 6.03 -14.23
C TRP A 96 -3.64 4.76 -13.74
N GLY A 97 -2.65 4.96 -12.87
CA GLY A 97 -1.91 3.83 -12.27
C GLY A 97 -2.46 3.39 -10.93
N LYS A 98 -2.17 4.21 -9.91
CA LYS A 98 -2.66 4.01 -8.57
C LYS A 98 -3.23 5.29 -8.01
N TYR A 99 -4.05 5.12 -6.99
CA TYR A 99 -4.80 6.15 -6.32
C TYR A 99 -4.96 5.70 -4.88
N LYS A 100 -4.51 6.53 -3.96
CA LYS A 100 -4.58 6.24 -2.53
C LYS A 100 -4.08 4.82 -2.22
N GLN A 101 -2.88 4.55 -2.71
CA GLN A 101 -2.17 3.31 -2.44
C GLN A 101 -2.80 2.05 -3.10
N GLU A 102 -3.82 2.19 -3.95
CA GLU A 102 -4.46 1.03 -4.59
C GLU A 102 -4.45 1.16 -6.07
N ALA A 103 -4.33 0.03 -6.74
CA ALA A 103 -4.31 0.00 -8.18
C ALA A 103 -5.65 0.54 -8.67
N VAL A 104 -5.62 1.36 -9.72
CA VAL A 104 -6.81 1.87 -10.31
C VAL A 104 -7.37 0.92 -11.41
N THR A 105 -8.69 0.69 -11.36
CA THR A 105 -9.39 -0.04 -12.44
C THR A 105 -9.59 0.95 -13.58
N ASN A 106 -9.06 0.66 -14.75
CA ASN A 106 -9.33 1.43 -15.96
C ASN A 106 -10.11 0.52 -16.92
N THR A 107 -10.80 1.13 -17.87
CA THR A 107 -11.43 0.37 -18.96
C THR A 107 -10.93 1.01 -20.22
N VAL A 108 -10.28 0.25 -21.04
CA VAL A 108 -9.74 0.77 -22.29
C VAL A 108 -10.26 -0.05 -23.45
N ALA A 109 -10.06 0.46 -24.66
CA ALA A 109 -10.48 -0.28 -25.84
C ALA A 109 -9.75 0.11 -27.09
N VAL A 110 -9.75 -0.82 -28.05
CA VAL A 110 -9.20 -0.58 -29.36
C VAL A 110 -10.26 -1.01 -30.37
N VAL A 111 -10.39 -0.22 -31.43
CA VAL A 111 -11.25 -0.49 -32.56
C VAL A 111 -10.40 -0.34 -33.83
N ALA A 112 -10.43 -1.38 -34.67
CA ALA A 112 -9.83 -1.34 -35.99
C ALA A 112 -10.91 -1.51 -37.06
N ASP A 113 -10.97 -0.55 -37.98
CA ASP A 113 -12.05 -0.44 -38.94
C ASP A 113 -11.41 -0.36 -40.31
N SER A 114 -11.49 -1.47 -41.06
CA SER A 114 -10.84 -1.59 -42.39
C SER A 114 -11.38 -0.65 -43.43
N VAL A 115 -12.68 -0.39 -43.38
CA VAL A 115 -13.28 0.49 -44.34
C VAL A 115 -12.77 1.92 -44.17
N LYS A 116 -12.68 2.41 -42.94
CA LYS A 116 -12.11 3.75 -42.68
C LYS A 116 -10.57 3.78 -42.64
N LYS A 117 -9.95 2.62 -42.50
CA LYS A 117 -8.50 2.47 -42.33
C LYS A 117 -8.01 3.19 -41.07
N THR A 118 -8.82 3.14 -40.01
CA THR A 118 -8.51 3.81 -38.74
C THR A 118 -8.40 2.84 -37.59
N TYR A 119 -7.51 3.20 -36.67
CA TYR A 119 -7.40 2.58 -35.36
C TYR A 119 -7.83 3.64 -34.36
N SER A 120 -8.63 3.23 -33.39
CA SER A 120 -9.12 4.12 -32.35
C SER A 120 -8.84 3.49 -30.99
N LEU A 121 -8.48 4.34 -30.02
CA LEU A 121 -8.22 3.91 -28.67
C LEU A 121 -9.06 4.73 -27.73
N TYR A 122 -9.59 4.03 -26.73
CA TYR A 122 -10.48 4.61 -25.75
C TYR A 122 -9.96 4.28 -24.36
N ALA A 123 -10.14 5.24 -23.45
CA ALA A 123 -9.73 5.08 -22.06
C ALA A 123 -10.73 5.80 -21.16
N ASN A 124 -11.41 5.02 -20.32
CA ASN A 124 -12.24 5.60 -19.28
C ASN A 124 -13.29 6.59 -19.77
N GLY A 125 -13.89 6.27 -20.91
CA GLY A 125 -14.98 7.08 -21.46
C GLY A 125 -14.56 8.07 -22.52
N THR A 126 -13.26 8.20 -22.73
CA THR A 126 -12.73 9.12 -23.72
C THR A 126 -12.13 8.38 -24.90
N LYS A 127 -12.44 8.84 -26.11
CA LYS A 127 -11.68 8.37 -27.27
C LYS A 127 -10.41 9.17 -27.29
N VAL A 128 -9.32 8.57 -26.84
CA VAL A 128 -8.08 9.30 -26.69
C VAL A 128 -7.39 9.58 -28.02
N VAL A 129 -7.54 8.71 -29.00
CA VAL A 129 -6.99 8.93 -30.33
C VAL A 129 -7.77 8.10 -31.35
N GLU A 130 -7.95 8.67 -32.52
CA GLU A 130 -8.36 7.91 -33.71
C GLU A 130 -7.45 8.37 -34.83
N LYS A 131 -6.77 7.43 -35.48
CA LYS A 131 -5.81 7.78 -36.52
C LYS A 131 -6.04 6.90 -37.75
N LYS A 132 -6.15 7.54 -38.90
CA LYS A 132 -6.15 6.86 -40.19
C LYS A 132 -4.69 6.61 -40.62
N VAL A 133 -4.41 5.39 -41.06
CA VAL A 133 -3.06 5.05 -41.52
C VAL A 133 -3.11 4.40 -42.89
N ASP A 134 -2.22 4.86 -43.79
CA ASP A 134 -2.14 4.30 -45.16
C ASP A 134 -1.74 2.84 -45.16
N ASN A 135 -0.81 2.46 -44.27
CA ASN A 135 -0.41 1.03 -44.10
C ASN A 135 -1.29 0.22 -43.14
N PHE A 136 -2.59 0.48 -43.14
CA PHE A 136 -3.55 -0.19 -42.24
C PHE A 136 -3.44 -1.70 -42.34
N LEU A 137 -3.54 -2.37 -41.20
CA LEU A 137 -3.58 -3.81 -41.15
C LEU A 137 -4.72 -4.22 -40.26
N ASN A 138 -5.59 -5.11 -40.76
CA ASN A 138 -6.51 -5.84 -39.90
C ASN A 138 -5.92 -7.22 -39.59
N ILE A 139 -6.64 -8.01 -38.81
CA ILE A 139 -6.12 -9.31 -38.39
C ILE A 139 -5.84 -10.22 -39.57
N LYS A 140 -6.69 -10.17 -40.61
CA LYS A 140 -6.55 -11.03 -41.79
C LYS A 140 -5.34 -10.60 -42.63
N ASP A 141 -4.96 -9.33 -42.55
CA ASP A 141 -3.85 -8.81 -43.34
C ASP A 141 -2.48 -9.26 -42.79
N ILE A 142 -2.42 -9.70 -41.55
CA ILE A 142 -1.18 -10.17 -40.98
C ILE A 142 -1.01 -11.67 -41.19
N LYS A 143 0.10 -12.07 -41.79
CA LYS A 143 0.24 -13.45 -42.26
C LYS A 143 0.62 -14.45 -41.19
N GLY A 144 -0.15 -15.53 -41.13
CA GLY A 144 0.17 -16.69 -40.30
C GLY A 144 -0.07 -16.50 -38.82
N ILE A 145 -1.03 -15.63 -38.48
CA ILE A 145 -1.42 -15.49 -37.10
C ILE A 145 -1.74 -16.89 -36.58
N ASP A 146 -1.14 -17.30 -35.46
CA ASP A 146 -1.44 -18.60 -34.86
C ASP A 146 -1.55 -18.62 -33.33
N TYR A 147 -1.52 -17.48 -32.68
CA TYR A 147 -1.45 -17.46 -31.24
C TYR A 147 -2.17 -16.25 -30.72
N TYR A 148 -3.09 -16.47 -29.81
CA TYR A 148 -3.89 -15.42 -29.27
C TYR A 148 -3.72 -15.53 -27.76
N MET A 149 -3.26 -14.46 -27.14
CA MET A 149 -3.05 -14.50 -25.70
C MET A 149 -3.47 -13.28 -24.91
N LEU A 150 -3.82 -13.54 -23.65
CA LEU A 150 -4.07 -12.50 -22.71
C LEU A 150 -2.76 -12.13 -22.03
N GLY A 151 -2.56 -10.85 -21.81
CA GLY A 151 -1.48 -10.37 -20.97
C GLY A 151 -0.07 -10.56 -21.50
N GLY A 152 0.07 -10.65 -22.81
CA GLY A 152 1.38 -10.73 -23.45
C GLY A 152 1.22 -10.87 -24.95
N VAL A 153 2.37 -10.92 -25.64
CA VAL A 153 2.41 -11.18 -27.08
C VAL A 153 3.40 -12.31 -27.31
N LYS A 154 2.97 -13.36 -28.01
CA LYS A 154 3.87 -14.47 -28.25
C LYS A 154 4.70 -14.19 -29.52
N ARG A 155 6.01 -14.02 -29.30
CA ARG A 155 6.97 -13.69 -30.36
C ARG A 155 8.07 -14.73 -30.35
N ALA A 156 8.21 -15.45 -31.46
CA ALA A 156 9.20 -16.54 -31.60
C ALA A 156 9.18 -17.46 -30.38
N GLY A 157 8.00 -17.96 -30.02
CA GLY A 157 7.87 -18.90 -28.90
C GLY A 157 8.12 -18.35 -27.50
N LYS A 158 8.28 -17.03 -27.33
CA LYS A 158 8.48 -16.42 -26.01
C LYS A 158 7.42 -15.34 -25.75
N THR A 159 7.07 -15.18 -24.49
CA THR A 159 6.07 -14.22 -24.09
C THR A 159 6.75 -12.88 -23.95
N ALA A 160 6.35 -11.92 -24.77
CA ALA A 160 6.82 -10.55 -24.71
C ALA A 160 5.76 -9.65 -24.06
N PHE A 161 6.26 -8.58 -23.42
CA PHE A 161 5.44 -7.49 -22.91
C PHE A 161 4.48 -8.02 -21.86
N GLY A 162 4.98 -8.88 -20.97
CA GLY A 162 4.12 -9.51 -19.99
C GLY A 162 3.36 -8.56 -19.07
N PHE A 163 2.05 -8.73 -19.00
CA PHE A 163 1.20 -7.92 -18.12
C PHE A 163 1.19 -8.37 -16.67
N ASN A 164 1.26 -7.39 -15.76
CA ASN A 164 1.17 -7.64 -14.35
C ASN A 164 -0.05 -6.94 -13.78
N GLY A 165 -1.05 -7.76 -13.47
CA GLY A 165 -2.30 -7.25 -12.93
C GLY A 165 -3.47 -8.17 -13.15
N THR A 166 -4.67 -7.62 -13.07
CA THR A 166 -5.87 -8.40 -13.27
C THR A 166 -6.67 -7.81 -14.44
N LEU A 167 -7.01 -8.68 -15.39
CA LEU A 167 -7.99 -8.39 -16.39
C LEU A 167 -9.35 -8.72 -15.77
N GLU A 168 -10.04 -7.70 -15.26
CA GLU A 168 -11.31 -7.92 -14.59
C GLU A 168 -12.37 -8.43 -15.58
N ASN A 169 -12.38 -7.87 -16.79
CA ASN A 169 -13.28 -8.28 -17.86
C ASN A 169 -12.62 -7.93 -19.17
N ILE A 170 -12.57 -8.87 -20.10
CA ILE A 170 -12.05 -8.63 -21.43
C ILE A 170 -13.01 -9.22 -22.45
N LYS A 171 -13.38 -8.40 -23.42
CA LYS A 171 -14.29 -8.78 -24.48
C LYS A 171 -13.63 -8.53 -25.85
N PHE A 172 -13.70 -9.55 -26.69
CA PHE A 172 -13.25 -9.50 -28.10
C PHE A 172 -14.46 -9.54 -29.01
N PHE A 173 -14.54 -8.56 -29.90
CA PHE A 173 -15.57 -8.54 -30.94
C PHE A 173 -14.89 -8.64 -32.30
N ASN A 174 -15.51 -9.34 -33.24
CA ASN A 174 -14.98 -9.43 -34.61
C ASN A 174 -15.58 -8.37 -35.56
N SER A 175 -15.84 -7.18 -35.02
CA SER A 175 -16.24 -6.05 -35.84
C SER A 175 -15.79 -4.78 -35.15
N ALA A 176 -15.90 -3.68 -35.88
CA ALA A 176 -15.60 -2.35 -35.36
C ALA A 176 -16.86 -1.81 -34.69
N LEU A 177 -16.91 -1.76 -33.37
CA LEU A 177 -18.10 -1.16 -32.70
C LEU A 177 -18.07 0.38 -32.87
N ASP A 178 -19.23 1.00 -32.83
CA ASP A 178 -19.34 2.45 -33.04
C ASP A 178 -18.86 3.21 -31.82
N GLU A 179 -18.46 4.45 -32.08
CA GLU A 179 -17.83 5.29 -31.08
C GLU A 179 -18.68 5.43 -29.80
N GLU A 180 -19.98 5.71 -29.93
CA GLU A 180 -20.82 6.00 -28.76
C GLU A 180 -20.93 4.75 -27.88
N THR A 181 -21.07 3.61 -28.52
CA THR A 181 -21.09 2.36 -27.80
C THR A 181 -19.81 2.16 -26.99
N VAL A 182 -18.66 2.40 -27.61
CA VAL A 182 -17.38 2.10 -26.95
C VAL A 182 -17.12 3.13 -25.85
N LYS A 183 -17.48 4.39 -26.07
CA LYS A 183 -17.37 5.40 -25.00
C LYS A 183 -18.16 4.98 -23.77
N LYS A 184 -19.39 4.54 -24.00
CA LYS A 184 -20.21 4.05 -22.89
C LYS A 184 -19.58 2.85 -22.21
N MET A 185 -19.08 1.90 -23.00
CA MET A 185 -18.57 0.67 -22.42
C MET A 185 -17.31 0.96 -21.59
N THR A 186 -16.55 2.00 -21.92
CA THR A 186 -15.34 2.32 -21.17
C THR A 186 -15.56 3.30 -20.00
N THR A 187 -16.81 3.75 -19.81
CA THR A 187 -17.12 4.70 -18.77
C THR A 187 -17.12 3.99 -17.44
N ASN A 188 -16.51 4.61 -16.42
CA ASN A 188 -16.33 3.95 -15.12
C ASN A 188 -16.09 4.98 -14.04
N ALA A 189 -15.64 4.56 -12.86
CA ALA A 189 -15.42 5.51 -11.74
C ALA A 189 -14.37 6.60 -12.08
N VAL A 190 -13.39 6.30 -12.92
CA VAL A 190 -12.40 7.31 -13.32
C VAL A 190 -13.00 8.49 -14.06
N THR A 191 -13.95 8.22 -14.93
CA THR A 191 -14.66 9.23 -15.73
C THR A 191 -15.29 10.32 -14.87
N GLY A 192 -15.83 9.93 -13.72
CA GLY A 192 -16.46 10.87 -12.80
C GLY A 192 -15.51 11.83 -12.09
N HIS A 193 -14.19 11.68 -12.24
CA HIS A 193 -13.25 12.68 -11.70
C HIS A 193 -12.99 13.86 -12.59
N LEU A 194 -13.62 13.94 -13.77
CA LEU A 194 -13.43 15.08 -14.67
C LEU A 194 -14.53 16.09 -14.40
N ILE A 195 -14.18 17.32 -14.13
CA ILE A 195 -15.18 18.34 -13.97
C ILE A 195 -15.45 18.99 -15.32
N TYR A 196 -14.36 19.31 -16.02
CA TYR A 196 -14.41 19.85 -17.36
C TYR A 196 -14.06 18.74 -18.34
N THR A 197 -14.87 18.62 -19.39
CA THR A 197 -14.71 17.58 -20.41
C THR A 197 -14.81 18.16 -21.83
N ALA A 198 -14.19 17.47 -22.77
CA ALA A 198 -14.07 17.96 -24.11
C ALA A 198 -15.44 18.11 -24.70
N ASN A 199 -15.69 19.27 -25.27
CA ASN A 199 -16.96 19.66 -25.87
C ASN A 199 -18.17 19.57 -24.93
N ASP A 200 -17.93 19.89 -23.66
CA ASP A 200 -19.02 20.08 -22.71
C ASP A 200 -19.63 21.47 -22.96
N THR A 201 -20.26 22.05 -21.94
CA THR A 201 -20.91 23.35 -22.07
C THR A 201 -19.95 24.54 -22.26
N THR A 202 -18.65 24.30 -22.22
CA THR A 202 -17.68 25.29 -22.65
C THR A 202 -17.44 25.32 -24.14
N GLY A 203 -17.78 24.25 -24.82
CA GLY A 203 -17.42 24.09 -26.24
C GLY A 203 -15.95 23.77 -26.54
N SER A 204 -15.11 23.66 -25.51
CA SER A 204 -13.69 23.44 -25.69
C SER A 204 -13.35 21.98 -25.66
N ASN A 205 -12.45 21.57 -26.54
CA ASN A 205 -11.86 20.25 -26.41
C ASN A 205 -10.76 20.13 -25.35
N TYR A 206 -10.18 21.26 -24.93
CA TYR A 206 -8.98 21.23 -24.13
C TYR A 206 -9.10 22.23 -22.98
N PHE A 207 -8.40 21.88 -21.90
CA PHE A 207 -8.31 22.70 -20.70
C PHE A 207 -6.90 22.69 -20.15
N ARG A 208 -6.57 23.75 -19.42
CA ARG A 208 -5.36 23.84 -18.61
C ARG A 208 -5.59 24.82 -17.45
N ILE A 209 -4.67 24.82 -16.47
CA ILE A 209 -4.63 25.84 -15.42
C ILE A 209 -5.87 25.80 -14.51
N PRO A 210 -6.07 24.69 -13.80
CA PRO A 210 -7.20 24.61 -12.88
C PRO A 210 -6.96 25.43 -11.61
N VAL A 211 -8.04 25.94 -11.05
CA VAL A 211 -8.02 26.60 -9.75
C VAL A 211 -9.21 26.12 -8.91
N LEU A 212 -8.93 25.76 -7.65
CA LEU A 212 -9.95 25.47 -6.65
C LEU A 212 -9.94 26.50 -5.51
N TYR A 213 -11.13 26.82 -5.02
CA TYR A 213 -11.27 27.69 -3.86
C TYR A 213 -12.52 27.31 -3.10
N THR A 214 -12.44 27.24 -1.78
CA THR A 214 -13.60 26.96 -0.96
C THR A 214 -14.09 28.27 -0.34
N PHE A 215 -15.36 28.62 -0.57
CA PHE A 215 -15.93 29.84 0.00
C PHE A 215 -16.41 29.62 1.43
N SER A 216 -16.61 30.73 2.13
CA SER A 216 -17.07 30.79 3.52
C SER A 216 -18.38 30.04 3.74
N ASN A 217 -19.28 30.04 2.77
CA ASN A 217 -20.56 29.32 2.90
C ASN A 217 -20.51 27.79 2.60
N GLY A 218 -19.33 27.23 2.40
CA GLY A 218 -19.23 25.78 2.10
C GLY A 218 -19.17 25.40 0.64
N ARG A 219 -19.38 26.35 -0.28
CA ARG A 219 -19.33 26.06 -1.69
C ARG A 219 -17.89 25.86 -2.14
N VAL A 220 -17.65 24.82 -2.95
CA VAL A 220 -16.35 24.58 -3.53
C VAL A 220 -16.42 25.03 -4.99
N PHE A 221 -15.54 25.95 -5.38
CA PHE A 221 -15.61 26.64 -6.66
C PHE A 221 -14.35 26.31 -7.46
N SER A 222 -14.51 26.09 -8.75
CA SER A 222 -13.38 25.89 -9.65
C SER A 222 -13.45 26.85 -10.84
N SER A 223 -12.26 27.24 -11.29
CA SER A 223 -12.09 27.89 -12.58
C SER A 223 -10.96 27.21 -13.33
N ILE A 224 -10.89 27.46 -14.63
CA ILE A 224 -9.91 26.82 -15.50
C ILE A 224 -9.78 27.56 -16.83
N ASP A 225 -8.62 27.45 -17.50
CA ASP A 225 -8.51 27.86 -18.89
C ASP A 225 -9.22 26.86 -19.81
N ALA A 226 -10.18 27.33 -20.62
CA ALA A 226 -10.73 26.54 -21.72
C ALA A 226 -9.98 26.98 -22.95
N ARG A 227 -9.10 26.11 -23.45
CA ARG A 227 -8.16 26.45 -24.52
C ARG A 227 -8.62 25.74 -25.77
N TYR A 228 -9.03 26.51 -26.76
CA TYR A 228 -9.82 25.94 -27.86
C TYR A 228 -8.94 25.36 -29.00
N GLY A 229 -7.88 26.03 -29.36
CA GLY A 229 -6.98 25.61 -30.42
C GLY A 229 -5.81 24.84 -29.89
N GLY A 230 -6.10 23.67 -29.34
CA GLY A 230 -5.12 22.90 -28.58
C GLY A 230 -4.76 23.58 -27.26
N THR A 231 -3.69 23.13 -26.63
CA THR A 231 -3.34 23.54 -25.26
C THR A 231 -2.28 24.65 -25.24
N HIS A 232 -1.95 25.18 -26.43
CA HIS A 232 -0.98 26.27 -26.55
C HIS A 232 -1.38 27.44 -25.64
N ASP A 233 -0.41 28.03 -24.95
CA ASP A 233 -0.59 29.33 -24.25
C ASP A 233 -1.04 30.37 -25.31
N PHE A 234 -0.26 30.42 -26.42
CA PHE A 234 -0.41 31.38 -27.50
C PHE A 234 0.18 30.85 -28.80
N LEU A 235 -0.28 31.32 -29.96
CA LEU A 235 -1.52 32.07 -30.10
C LEU A 235 -2.66 31.07 -29.99
N ASN A 236 -3.80 31.53 -29.46
CA ASN A 236 -4.93 30.66 -29.20
C ASN A 236 -6.19 31.51 -29.00
N LYS A 237 -7.28 30.83 -28.67
CA LYS A 237 -8.39 31.42 -28.01
C LYS A 237 -8.52 30.71 -26.67
N ILE A 238 -8.57 31.51 -25.60
CA ILE A 238 -8.79 31.02 -24.24
C ILE A 238 -9.88 31.84 -23.54
N ASN A 239 -10.78 31.11 -22.87
CA ASN A 239 -11.78 31.65 -21.98
C ASN A 239 -11.52 31.06 -20.62
N ILE A 240 -12.01 31.75 -19.60
CA ILE A 240 -12.08 31.18 -18.25
C ILE A 240 -13.46 30.62 -17.99
N ALA A 241 -13.48 29.31 -17.73
CA ALA A 241 -14.68 28.55 -17.44
C ALA A 241 -14.71 28.28 -15.93
N THR A 242 -15.92 28.15 -15.40
CA THR A 242 -16.12 27.83 -13.99
C THR A 242 -17.17 26.76 -13.80
N SER A 243 -17.11 26.18 -12.61
CA SER A 243 -18.01 25.09 -12.16
C SER A 243 -17.89 24.99 -10.66
N TYR A 244 -18.98 24.65 -9.97
CA TYR A 244 -18.96 24.63 -8.48
C TYR A 244 -19.75 23.48 -7.93
N SER A 245 -19.49 23.19 -6.65
CA SER A 245 -20.08 22.05 -5.96
C SER A 245 -20.57 22.54 -4.63
N ASP A 246 -21.82 22.21 -4.32
CA ASP A 246 -22.37 22.49 -3.01
C ASP A 246 -22.51 21.24 -2.15
N ASP A 247 -21.88 20.12 -2.54
CA ASP A 247 -21.86 18.92 -1.68
C ASP A 247 -20.45 18.39 -1.42
N ASN A 248 -19.54 19.28 -1.06
CA ASN A 248 -18.16 18.88 -0.74
C ASN A 248 -17.41 18.20 -1.90
N GLY A 249 -17.69 18.62 -3.12
CA GLY A 249 -16.98 18.14 -4.30
C GLY A 249 -17.49 16.86 -4.93
N LYS A 250 -18.60 16.32 -4.43
CA LYS A 250 -19.16 15.10 -4.98
C LYS A 250 -19.79 15.34 -6.33
N THR A 251 -20.56 16.42 -6.50
CA THR A 251 -21.21 16.76 -7.80
C THR A 251 -20.95 18.24 -8.12
N TRP A 252 -20.81 18.51 -9.41
CA TRP A 252 -20.40 19.81 -9.90
C TRP A 252 -21.43 20.32 -10.94
N THR A 253 -21.60 21.63 -11.03
CA THR A 253 -22.41 22.23 -12.09
C THR A 253 -21.80 22.03 -13.47
N LYS A 254 -22.68 22.08 -14.46
CA LYS A 254 -22.25 22.15 -15.85
C LYS A 254 -21.40 23.38 -16.00
N PRO A 255 -20.20 23.23 -16.56
CA PRO A 255 -19.38 24.44 -16.71
C PRO A 255 -20.04 25.61 -17.46
N LYS A 256 -19.76 26.82 -17.01
CA LYS A 256 -20.11 28.08 -17.66
C LYS A 256 -18.90 28.86 -18.15
N LEU A 257 -19.05 29.61 -19.24
CA LEU A 257 -18.03 30.55 -19.69
C LEU A 257 -18.17 31.81 -18.87
N THR A 258 -17.19 32.11 -18.03
CA THR A 258 -17.29 33.24 -17.10
C THR A 258 -16.50 34.47 -17.59
N LEU A 259 -15.30 34.27 -18.13
CA LEU A 259 -14.61 35.35 -18.83
C LEU A 259 -14.35 34.84 -20.23
N ALA A 260 -14.97 35.48 -21.21
CA ALA A 260 -14.93 35.01 -22.58
C ALA A 260 -15.15 36.16 -23.53
N PHE A 261 -14.35 36.20 -24.57
CA PHE A 261 -14.57 37.09 -25.69
C PHE A 261 -15.35 36.34 -26.76
N ASP A 262 -15.96 37.07 -27.65
CA ASP A 262 -16.74 36.42 -28.71
C ASP A 262 -16.33 36.80 -30.13
N ASP A 263 -15.11 37.33 -30.29
CA ASP A 263 -14.53 37.54 -31.65
C ASP A 263 -14.35 36.23 -32.41
N PHE A 264 -14.12 35.14 -31.65
CA PHE A 264 -14.02 33.78 -32.17
C PHE A 264 -15.02 32.92 -31.41
N ALA A 265 -15.69 32.03 -32.16
CA ALA A 265 -16.64 31.11 -31.58
C ALA A 265 -15.91 30.10 -30.69
N PRO A 266 -16.47 29.79 -29.51
CA PRO A 266 -15.93 28.77 -28.65
C PRO A 266 -16.32 27.34 -29.13
N VAL A 267 -15.51 26.78 -30.02
CA VAL A 267 -15.89 25.55 -30.70
C VAL A 267 -14.90 24.43 -30.49
N PRO A 268 -15.39 23.19 -30.59
CA PRO A 268 -14.50 22.03 -30.43
C PRO A 268 -13.67 21.81 -31.70
N LEU A 269 -12.37 21.77 -31.53
CA LEU A 269 -11.43 21.70 -32.64
C LEU A 269 -10.52 20.50 -32.46
N GLU A 270 -10.31 19.75 -33.54
CA GLU A 270 -9.45 18.56 -33.51
C GLU A 270 -8.00 18.95 -33.79
N TRP A 271 -7.26 19.32 -32.76
CA TRP A 271 -5.93 19.91 -33.02
C TRP A 271 -4.96 18.78 -33.34
N PRO A 272 -4.12 18.92 -34.40
CA PRO A 272 -3.22 17.84 -34.75
C PRO A 272 -2.13 17.62 -33.71
N ARG A 273 -1.75 16.36 -33.51
N ARG A 273 -1.75 16.36 -33.51
CA ARG A 273 -0.71 15.98 -32.57
CA ARG A 273 -0.72 15.97 -32.56
C ARG A 273 0.57 15.45 -33.25
C ARG A 273 0.57 15.45 -33.25
N GLU A 274 0.59 15.37 -34.58
CA GLU A 274 1.82 14.93 -35.28
C GLU A 274 2.93 15.97 -35.04
N VAL A 275 4.17 15.51 -35.03
CA VAL A 275 5.33 16.37 -35.20
C VAL A 275 5.08 17.39 -36.31
N GLY A 276 5.39 18.65 -36.04
CA GLY A 276 5.19 19.67 -37.05
C GLY A 276 3.79 20.22 -36.88
N GLY A 277 2.78 19.43 -37.28
CA GLY A 277 1.36 19.86 -37.17
C GLY A 277 0.97 20.37 -35.79
N ARG A 278 1.51 19.76 -34.75
CA ARG A 278 1.19 20.19 -33.37
C ARG A 278 1.61 21.59 -33.01
N ASP A 279 2.57 22.16 -33.76
CA ASP A 279 2.97 23.56 -33.54
C ASP A 279 1.97 24.57 -34.12
N LEU A 280 1.04 24.10 -34.95
CA LEU A 280 -0.01 24.96 -35.49
C LEU A 280 -0.71 25.74 -34.42
N GLN A 281 -0.96 27.01 -34.74
CA GLN A 281 -1.77 27.86 -33.89
C GLN A 281 -2.76 28.58 -34.78
N ILE A 282 -3.82 29.03 -34.17
CA ILE A 282 -4.72 29.97 -34.87
C ILE A 282 -4.09 31.37 -34.97
N SER A 283 -4.79 32.27 -35.65
CA SER A 283 -4.26 33.62 -35.85
C SER A 283 -4.39 34.37 -34.53
N GLY A 284 -5.18 33.86 -33.61
CA GLY A 284 -5.26 34.45 -32.25
C GLY A 284 -6.60 35.16 -32.05
N GLY A 285 -7.41 34.67 -31.09
CA GLY A 285 -8.61 35.39 -30.63
C GLY A 285 -8.31 36.14 -29.35
N ALA A 286 -9.10 37.17 -29.03
CA ALA A 286 -8.90 37.86 -27.76
C ALA A 286 -9.00 36.84 -26.64
N THR A 287 -8.18 36.99 -25.64
CA THR A 287 -7.94 35.88 -24.72
C THR A 287 -7.99 36.34 -23.26
N TYR A 288 -8.59 35.51 -22.42
CA TYR A 288 -8.38 35.52 -20.97
C TYR A 288 -7.64 34.28 -20.57
N ILE A 289 -6.65 34.43 -19.71
CA ILE A 289 -5.74 33.35 -19.38
C ILE A 289 -5.21 33.48 -17.95
N ASP A 290 -5.11 32.34 -17.25
CA ASP A 290 -4.45 32.24 -15.92
C ASP A 290 -5.26 32.95 -14.81
N SER A 291 -6.22 32.24 -14.25
CA SER A 291 -7.11 32.82 -13.26
C SER A 291 -6.58 32.76 -11.81
N VAL A 292 -7.03 33.72 -11.02
CA VAL A 292 -6.74 33.79 -9.61
C VAL A 292 -8.04 34.17 -8.87
N ILE A 293 -8.35 33.45 -7.80
CA ILE A 293 -9.55 33.67 -7.01
C ILE A 293 -9.26 34.03 -5.56
N VAL A 294 -10.04 34.97 -5.02
CA VAL A 294 -10.01 35.25 -3.58
C VAL A 294 -11.40 35.67 -3.09
N GLU A 295 -11.74 35.26 -1.88
CA GLU A 295 -12.94 35.71 -1.18
C GLU A 295 -12.55 36.83 -0.18
N LYS A 296 -13.21 37.97 -0.30
CA LYS A 296 -12.97 39.12 0.59
C LYS A 296 -13.62 38.91 1.95
N LYS A 297 -13.24 39.74 2.92
CA LYS A 297 -13.83 39.69 4.25
C LYS A 297 -15.34 39.77 4.23
N ASN A 298 -15.87 40.64 3.39
CA ASN A 298 -17.33 40.76 3.26
C ASN A 298 -18.06 39.67 2.43
N LYS A 299 -17.35 38.62 2.03
CA LYS A 299 -17.90 37.49 1.26
C LYS A 299 -18.11 37.74 -0.23
N GLN A 300 -17.79 38.92 -0.71
CA GLN A 300 -17.67 39.14 -2.14
C GLN A 300 -16.49 38.32 -2.70
N VAL A 301 -16.65 37.74 -3.88
CA VAL A 301 -15.61 36.94 -4.49
C VAL A 301 -15.07 37.73 -5.66
N LEU A 302 -13.75 37.79 -5.76
CA LEU A 302 -13.02 38.34 -6.88
C LEU A 302 -12.35 37.24 -7.68
N MET A 303 -12.43 37.35 -9.00
CA MET A 303 -11.63 36.55 -9.90
C MET A 303 -10.84 37.50 -10.80
N PHE A 304 -9.53 37.26 -10.88
CA PHE A 304 -8.59 37.97 -11.75
C PHE A 304 -8.17 37.04 -12.88
N ALA A 305 -7.88 37.63 -14.03
CA ALA A 305 -7.26 36.90 -15.14
C ALA A 305 -6.43 37.85 -15.97
N ASP A 306 -5.44 37.30 -16.70
CA ASP A 306 -4.69 38.09 -17.65
C ASP A 306 -5.62 38.31 -18.87
N VAL A 307 -5.46 39.45 -19.53
CA VAL A 307 -6.23 39.78 -20.74
C VAL A 307 -5.25 40.07 -21.86
N MET A 308 -5.45 39.40 -23.02
CA MET A 308 -4.62 39.59 -24.19
C MET A 308 -5.47 39.92 -25.35
N PRO A 309 -5.20 41.04 -26.01
CA PRO A 309 -5.89 41.30 -27.26
C PRO A 309 -5.61 40.21 -28.30
N ALA A 310 -6.53 40.09 -29.24
CA ALA A 310 -6.45 39.08 -30.29
C ALA A 310 -5.14 39.23 -31.03
N GLY A 311 -4.41 38.14 -31.15
CA GLY A 311 -3.19 38.07 -31.98
C GLY A 311 -1.91 38.40 -31.21
N VAL A 312 -2.02 38.78 -29.94
CA VAL A 312 -0.88 39.25 -29.18
C VAL A 312 -0.43 38.11 -28.31
N SER A 313 0.84 37.78 -28.33
CA SER A 313 1.35 36.66 -27.50
C SER A 313 2.12 37.19 -26.29
N PHE A 314 2.21 36.46 -25.17
CA PHE A 314 3.13 36.86 -24.06
C PHE A 314 4.53 37.25 -24.59
N ARG A 315 5.01 36.54 -25.60
CA ARG A 315 6.35 36.75 -26.14
C ARG A 315 6.50 38.05 -26.95
N GLU A 316 5.50 38.43 -27.76
CA GLU A 316 5.48 39.70 -28.53
C GLU A 316 4.79 40.92 -27.82
N ALA A 317 4.06 40.72 -26.73
CA ALA A 317 3.54 41.86 -25.96
C ALA A 317 4.66 42.86 -25.68
N THR A 318 4.37 44.14 -25.96
CA THR A 318 5.34 45.18 -25.69
C THR A 318 5.45 45.36 -24.20
N ARG A 319 6.68 45.50 -23.75
CA ARG A 319 7.02 45.67 -22.37
C ARG A 319 7.15 47.14 -21.96
N LYS A 320 7.03 48.05 -22.92
CA LYS A 320 7.35 49.46 -22.68
C LYS A 320 6.12 50.36 -22.74
N ASP A 321 4.94 49.79 -22.70
CA ASP A 321 3.75 50.61 -22.78
C ASP A 321 2.64 49.92 -22.02
N SER A 322 2.14 50.61 -21.00
CA SER A 322 1.04 50.13 -20.15
C SER A 322 -0.28 50.02 -20.83
N GLY A 323 -0.47 50.79 -21.91
CA GLY A 323 -1.75 50.95 -22.53
C GLY A 323 -2.59 52.03 -21.92
N TYR A 324 -2.01 52.83 -21.03
CA TYR A 324 -2.69 53.93 -20.37
C TYR A 324 -1.99 55.25 -20.63
N LYS A 325 -2.76 56.34 -20.61
CA LYS A 325 -2.21 57.69 -20.51
C LYS A 325 -2.59 58.24 -19.14
N GLN A 326 -1.84 59.24 -18.71
CA GLN A 326 -2.21 60.00 -17.54
C GLN A 326 -2.59 61.41 -18.01
N ILE A 327 -3.84 61.81 -17.75
CA ILE A 327 -4.35 63.13 -18.09
C ILE A 327 -5.01 63.73 -16.86
N ASP A 328 -4.59 64.94 -16.49
CA ASP A 328 -5.04 65.60 -15.25
C ASP A 328 -5.00 64.67 -14.08
N GLY A 329 -3.90 63.95 -13.92
CA GLY A 329 -3.74 63.04 -12.78
C GLY A 329 -4.53 61.74 -12.82
N ASN A 330 -5.38 61.53 -13.84
CA ASN A 330 -6.15 60.28 -13.94
C ASN A 330 -5.55 59.35 -14.98
N TYR A 331 -5.69 58.05 -14.77
CA TYR A 331 -5.20 57.06 -15.70
C TYR A 331 -6.34 56.62 -16.59
N TYR A 332 -6.19 56.80 -17.91
CA TYR A 332 -7.23 56.41 -18.86
C TYR A 332 -6.65 55.42 -19.85
N LEU A 333 -7.43 54.40 -20.18
CA LEU A 333 -7.01 53.42 -21.18
C LEU A 333 -6.99 54.14 -22.52
N LYS A 334 -5.90 53.99 -23.24
CA LYS A 334 -5.74 54.71 -24.50
C LYS A 334 -6.07 53.83 -25.70
N LEU A 335 -6.37 54.50 -26.81
CA LEU A 335 -6.84 53.81 -28.03
C LEU A 335 -6.21 54.40 -29.24
N ARG A 336 -5.93 53.56 -30.23
CA ARG A 336 -5.47 54.02 -31.56
C ARG A 336 -6.55 53.71 -32.58
N LYS A 337 -6.97 54.71 -33.33
CA LYS A 337 -8.00 54.53 -34.34
C LYS A 337 -7.33 53.98 -35.59
N GLN A 338 -8.02 53.07 -36.29
CA GLN A 338 -7.42 52.39 -37.46
C GLN A 338 -7.04 53.46 -38.47
N GLY A 339 -5.84 53.32 -39.03
CA GLY A 339 -5.30 54.33 -39.92
C GLY A 339 -4.38 55.31 -39.22
N ASP A 340 -4.50 55.54 -37.89
CA ASP A 340 -3.55 56.42 -37.17
C ASP A 340 -2.29 55.67 -36.78
N THR A 341 -1.19 56.39 -36.60
CA THR A 341 0.03 55.80 -36.04
C THR A 341 0.14 56.12 -34.56
N ASP A 342 -0.37 57.26 -34.11
CA ASP A 342 -0.36 57.57 -32.68
C ASP A 342 -1.63 57.10 -32.03
N TYR A 343 -1.55 56.96 -30.71
CA TYR A 343 -2.71 56.71 -29.86
C TYR A 343 -3.26 58.09 -29.51
N ASN A 344 -4.30 58.51 -30.23
CA ASN A 344 -4.85 59.85 -30.07
C ASN A 344 -6.10 59.94 -29.19
N TYR A 345 -6.50 58.84 -28.58
CA TYR A 345 -7.77 58.76 -27.89
C TYR A 345 -7.63 58.09 -26.51
N THR A 346 -8.58 58.42 -25.63
CA THR A 346 -8.67 57.82 -24.31
C THR A 346 -10.12 57.55 -23.95
N ILE A 347 -10.35 56.50 -23.18
CA ILE A 347 -11.65 56.17 -22.65
C ILE A 347 -11.74 56.88 -21.31
N ARG A 348 -12.62 57.88 -21.21
CA ARG A 348 -12.76 58.65 -19.96
C ARG A 348 -14.06 58.36 -19.23
N GLU A 349 -14.59 59.33 -18.48
CA GLU A 349 -15.79 59.13 -17.71
C GLU A 349 -16.97 58.64 -18.56
N ASN A 350 -17.71 57.70 -17.97
CA ASN A 350 -18.86 57.03 -18.59
C ASN A 350 -18.52 56.27 -19.86
N GLY A 351 -17.25 55.93 -20.06
CA GLY A 351 -16.81 55.24 -21.25
C GLY A 351 -16.71 56.11 -22.49
N THR A 352 -16.83 57.43 -22.34
CA THR A 352 -16.78 58.33 -23.48
C THR A 352 -15.35 58.32 -24.03
N VAL A 353 -15.23 58.13 -25.33
CA VAL A 353 -13.93 58.22 -26.02
C VAL A 353 -13.65 59.69 -26.37
N TYR A 354 -12.54 60.19 -25.82
CA TYR A 354 -12.09 61.56 -26.08
C TYR A 354 -10.98 61.55 -27.11
N ASP A 355 -10.93 62.61 -27.91
CA ASP A 355 -9.77 62.88 -28.76
C ASP A 355 -8.83 63.70 -27.88
N ASP A 356 -7.65 63.16 -27.62
CA ASP A 356 -6.70 63.80 -26.71
C ASP A 356 -6.05 65.03 -27.36
N ARG A 357 -6.07 65.13 -28.69
CA ARG A 357 -5.50 66.28 -29.37
C ARG A 357 -6.31 67.54 -29.12
N THR A 358 -7.62 67.39 -29.08
CA THR A 358 -8.54 68.48 -28.82
C THR A 358 -9.15 68.45 -27.43
N ASN A 359 -8.98 67.35 -26.71
CA ASN A 359 -9.53 67.21 -25.37
C ASN A 359 -11.07 67.38 -25.32
N ARG A 360 -11.76 66.80 -26.30
CA ARG A 360 -13.20 66.91 -26.43
C ARG A 360 -13.76 65.47 -26.66
N PRO A 361 -15.03 65.22 -26.27
CA PRO A 361 -15.62 63.91 -26.55
C PRO A 361 -15.86 63.68 -28.04
N THR A 362 -15.72 62.45 -28.48
CA THR A 362 -16.09 62.01 -29.84
C THR A 362 -17.52 61.48 -29.85
N GLU A 363 -17.97 60.98 -30.99
CA GLU A 363 -19.21 60.20 -31.08
C GLU A 363 -19.13 58.78 -30.47
N PHE A 364 -17.94 58.34 -30.08
CA PHE A 364 -17.71 56.95 -29.65
C PHE A 364 -17.67 56.81 -28.14
N SER A 365 -18.06 55.63 -27.71
CA SER A 365 -18.01 55.22 -26.31
C SER A 365 -17.76 53.73 -26.20
N VAL A 366 -17.23 53.34 -25.05
CA VAL A 366 -16.90 51.95 -24.76
C VAL A 366 -17.66 51.55 -23.50
N ASP A 367 -18.49 50.52 -23.59
CA ASP A 367 -19.23 50.02 -22.43
C ASP A 367 -18.30 49.25 -21.47
N LYS A 368 -18.86 48.77 -20.37
CA LYS A 368 -18.10 48.12 -19.31
C LYS A 368 -17.50 46.76 -19.67
N ASN A 369 -18.01 46.13 -20.74
CA ASN A 369 -17.49 44.88 -21.31
C ASN A 369 -16.71 45.10 -22.58
N PHE A 370 -16.21 46.32 -22.75
CA PHE A 370 -15.24 46.69 -23.76
C PHE A 370 -15.82 46.81 -25.18
N GLY A 371 -17.15 46.82 -25.28
CA GLY A 371 -17.84 46.99 -26.57
C GLY A 371 -17.89 48.43 -27.00
N ILE A 372 -17.78 48.66 -28.30
CA ILE A 372 -17.75 50.00 -28.86
C ILE A 372 -19.10 50.43 -29.40
N LYS A 373 -19.51 51.64 -29.01
CA LYS A 373 -20.73 52.27 -29.56
C LYS A 373 -20.36 53.54 -30.28
N GLN A 374 -21.14 53.87 -31.31
CA GLN A 374 -21.08 55.16 -31.98
C GLN A 374 -22.47 55.79 -31.93
N ASN A 375 -22.54 57.03 -31.44
CA ASN A 375 -23.84 57.69 -31.19
C ASN A 375 -24.84 56.83 -30.43
N GLY A 376 -24.35 56.08 -29.44
CA GLY A 376 -25.23 55.25 -28.64
C GLY A 376 -25.60 53.90 -29.23
N ASN A 377 -25.22 53.63 -30.48
CA ASN A 377 -25.49 52.35 -31.13
C ASN A 377 -24.25 51.49 -31.24
N TYR A 378 -24.37 50.20 -30.94
CA TYR A 378 -23.24 49.29 -31.02
C TYR A 378 -22.70 49.16 -32.42
N LEU A 379 -21.38 49.25 -32.57
CA LEU A 379 -20.73 48.81 -33.81
C LEU A 379 -20.56 47.30 -33.69
N THR A 380 -20.52 46.63 -34.83
CA THR A 380 -20.40 45.17 -34.86
C THR A 380 -19.29 44.77 -35.84
N VAL A 381 -18.80 43.55 -35.62
CA VAL A 381 -17.88 42.84 -36.48
C VAL A 381 -18.33 41.40 -36.58
N GLU A 382 -17.82 40.71 -37.59
CA GLU A 382 -18.22 39.35 -37.84
C GLU A 382 -17.29 38.41 -37.09
N GLN A 383 -17.89 37.45 -36.42
CA GLN A 383 -17.15 36.47 -35.65
C GLN A 383 -16.43 35.52 -36.57
N TYR A 384 -15.29 35.01 -36.08
CA TYR A 384 -14.53 33.95 -36.76
C TYR A 384 -14.84 32.54 -36.20
N SER A 385 -14.92 31.56 -37.11
CA SER A 385 -14.81 30.18 -36.77
C SER A 385 -13.50 29.65 -37.30
N VAL A 386 -13.05 28.55 -36.65
CA VAL A 386 -11.89 27.80 -37.10
C VAL A 386 -12.38 26.42 -37.46
N SER A 387 -11.79 25.82 -38.49
CA SER A 387 -12.12 24.48 -38.89
C SER A 387 -10.89 23.73 -39.41
N PHE A 388 -11.00 22.39 -39.38
CA PHE A 388 -10.11 21.42 -40.06
C PHE A 388 -10.86 20.54 -41.02
N GLU A 389 -10.11 19.77 -41.78
CA GLU A 389 -10.61 18.47 -42.21
C GLU A 389 -9.51 17.75 -42.94
N ASN A 390 -9.18 18.26 -44.12
CA ASN A 390 -8.24 17.60 -44.99
C ASN A 390 -6.85 17.95 -44.51
N ASN A 391 -6.61 17.77 -43.20
CA ASN A 391 -5.38 18.18 -42.55
C ASN A 391 -5.10 19.69 -42.80
N LYS A 392 -6.15 20.49 -43.08
CA LYS A 392 -6.00 21.95 -43.44
C LYS A 392 -6.78 22.77 -42.42
N LYS A 393 -6.11 23.74 -41.79
CA LYS A 393 -6.78 24.66 -40.86
C LYS A 393 -7.32 25.82 -41.68
N THR A 394 -8.57 26.18 -41.43
CA THR A 394 -9.19 27.34 -42.09
C THR A 394 -9.79 28.23 -41.03
N GLU A 395 -9.59 29.53 -41.16
CA GLU A 395 -10.31 30.51 -40.32
C GLU A 395 -11.19 31.32 -41.24
N TYR A 396 -12.38 31.66 -40.79
CA TYR A 396 -13.25 32.40 -41.66
C TYR A 396 -14.35 33.08 -40.89
N ARG A 397 -14.80 34.18 -41.46
CA ARG A 397 -15.99 34.86 -40.95
C ARG A 397 -17.20 33.97 -41.09
N ASN A 398 -17.95 33.82 -39.99
CA ASN A 398 -18.87 32.70 -39.87
C ASN A 398 -20.35 33.08 -39.91
N GLY A 399 -20.65 34.33 -40.25
CA GLY A 399 -22.05 34.81 -40.35
C GLY A 399 -22.62 35.38 -39.06
N THR A 400 -21.99 35.14 -37.90
CA THR A 400 -22.45 35.73 -36.64
C THR A 400 -21.95 37.16 -36.46
N LYS A 401 -22.84 38.09 -36.06
CA LYS A 401 -22.44 39.47 -35.79
C LYS A 401 -22.30 39.61 -34.30
N VAL A 402 -21.17 40.14 -33.85
CA VAL A 402 -20.93 40.41 -32.42
C VAL A 402 -20.55 41.88 -32.27
N HIS A 403 -20.61 42.37 -31.04
CA HIS A 403 -20.22 43.74 -30.78
C HIS A 403 -18.76 43.91 -31.07
N MET A 404 -18.42 45.01 -31.73
CA MET A 404 -17.02 45.40 -31.89
C MET A 404 -16.48 45.66 -30.50
N ASN A 405 -15.26 45.23 -30.27
CA ASN A 405 -14.62 45.25 -28.94
C ASN A 405 -13.20 45.75 -29.13
N ILE A 406 -12.73 46.56 -28.20
CA ILE A 406 -11.39 47.18 -28.29
C ILE A 406 -10.22 46.19 -28.27
N PHE A 407 -10.46 44.97 -27.78
CA PHE A 407 -9.49 43.88 -27.82
C PHE A 407 -9.43 43.04 -29.12
N TYR A 408 -10.26 43.37 -30.10
CA TYR A 408 -10.37 42.53 -31.28
C TYR A 408 -9.55 43.09 -32.41
N LYS A 409 -9.15 42.20 -33.31
CA LYS A 409 -8.31 42.62 -34.44
C LYS A 409 -9.10 43.43 -35.45
N ASP A 410 -10.42 43.31 -35.48
CA ASP A 410 -11.24 44.08 -36.37
C ASP A 410 -11.86 45.34 -35.76
N ALA A 411 -11.32 45.83 -34.67
CA ALA A 411 -11.87 47.02 -34.07
C ALA A 411 -11.35 48.33 -34.68
N LEU A 412 -12.28 49.27 -34.81
CA LEU A 412 -11.98 50.63 -35.26
C LEU A 412 -11.06 51.38 -34.28
N PHE A 413 -11.19 51.07 -32.98
CA PHE A 413 -10.33 51.59 -31.93
C PHE A 413 -9.74 50.42 -31.18
N LYS A 414 -8.43 50.45 -31.02
CA LYS A 414 -7.70 49.32 -30.44
C LYS A 414 -6.78 49.75 -29.30
N VAL A 415 -6.71 48.89 -28.30
CA VAL A 415 -5.76 49.01 -27.24
C VAL A 415 -4.34 48.66 -27.70
N VAL A 416 -3.39 49.12 -26.91
CA VAL A 416 -2.01 48.75 -27.09
C VAL A 416 -1.90 47.24 -27.10
N PRO A 417 -1.06 46.68 -28.00
CA PRO A 417 -0.91 45.22 -28.01
C PRO A 417 0.02 44.72 -26.92
N THR A 418 -0.52 44.66 -25.72
CA THR A 418 0.24 44.18 -24.58
C THR A 418 -0.74 43.43 -23.69
N ASN A 419 -0.23 42.92 -22.56
CA ASN A 419 -1.05 42.19 -21.60
C ASN A 419 -1.62 43.11 -20.53
N TYR A 420 -2.80 42.75 -20.02
CA TYR A 420 -3.49 43.52 -18.99
C TYR A 420 -3.95 42.51 -17.96
N ILE A 421 -4.43 43.02 -16.82
CA ILE A 421 -5.11 42.20 -15.82
C ILE A 421 -6.52 42.75 -15.62
N ALA A 422 -7.52 41.86 -15.60
CA ALA A 422 -8.89 42.24 -15.27
C ALA A 422 -9.35 41.50 -14.04
N TYR A 423 -10.27 42.11 -13.30
CA TYR A 423 -11.02 41.38 -12.28
C TYR A 423 -12.52 41.59 -12.40
N ILE A 424 -13.24 40.55 -11.96
CA ILE A 424 -14.69 40.59 -11.81
C ILE A 424 -15.05 40.21 -10.39
N SER A 425 -16.23 40.62 -9.95
CA SER A 425 -16.69 40.32 -8.59
C SER A 425 -18.05 39.70 -8.61
N SER A 426 -18.30 38.85 -7.62
CA SER A 426 -19.58 38.18 -7.42
C SER A 426 -20.09 38.37 -6.01
N ASN A 427 -21.37 38.70 -5.88
CA ASN A 427 -22.00 38.77 -4.56
C ASN A 427 -22.86 37.59 -4.21
N ASP A 428 -22.89 36.56 -5.05
CA ASP A 428 -23.69 35.38 -4.79
C ASP A 428 -22.80 34.16 -4.93
N HIS A 429 -21.54 34.28 -4.54
CA HIS A 429 -20.62 33.14 -4.54
C HIS A 429 -20.52 32.40 -5.85
N GLY A 430 -20.35 33.16 -6.92
CA GLY A 430 -20.01 32.61 -8.18
C GLY A 430 -21.13 32.29 -9.10
N GLU A 431 -22.36 32.58 -8.72
CA GLU A 431 -23.50 32.35 -9.64
C GLU A 431 -23.65 33.43 -10.68
N SER A 432 -23.35 34.67 -10.34
CA SER A 432 -23.32 35.75 -11.31
C SER A 432 -22.17 36.68 -10.96
N TRP A 433 -21.74 37.44 -11.95
CA TRP A 433 -20.53 38.23 -11.92
C TRP A 433 -20.73 39.64 -12.49
N SER A 434 -19.97 40.59 -11.99
CA SER A 434 -19.98 41.95 -12.52
C SER A 434 -19.28 41.98 -13.89
N ALA A 435 -19.37 43.15 -14.52
CA ALA A 435 -18.50 43.46 -15.65
C ALA A 435 -17.03 43.50 -15.18
N PRO A 436 -16.07 43.31 -16.08
CA PRO A 436 -14.66 43.40 -15.72
C PRO A 436 -14.16 44.80 -15.44
N THR A 437 -13.15 44.89 -14.60
CA THR A 437 -12.39 46.11 -14.37
C THR A 437 -10.93 45.77 -14.76
N LEU A 438 -10.31 46.58 -15.61
CA LEU A 438 -8.89 46.47 -15.86
C LEU A 438 -8.13 47.10 -14.71
N LEU A 439 -7.09 46.44 -14.23
CA LEU A 439 -6.22 47.08 -13.27
C LEU A 439 -5.61 48.34 -13.86
N PRO A 440 -5.51 49.41 -13.04
CA PRO A 440 -4.74 50.57 -13.47
C PRO A 440 -3.28 50.20 -13.69
N PRO A 441 -2.48 51.13 -14.25
CA PRO A 441 -1.08 50.84 -14.60
C PRO A 441 -0.16 50.88 -13.40
N ILE A 442 -0.37 49.94 -12.48
CA ILE A 442 0.39 49.90 -11.22
C ILE A 442 1.89 49.68 -11.39
N MET A 443 2.33 49.09 -12.50
CA MET A 443 3.76 49.00 -12.79
C MET A 443 4.41 50.26 -13.33
N GLY A 444 3.63 51.30 -13.62
CA GLY A 444 4.11 52.53 -14.26
C GLY A 444 3.50 52.62 -15.64
N LEU A 445 3.50 53.82 -16.21
CA LEU A 445 2.91 54.06 -17.53
C LEU A 445 3.66 53.40 -18.65
N ASN A 446 4.96 53.21 -18.47
CA ASN A 446 5.85 52.67 -19.50
C ASN A 446 6.27 51.23 -19.24
N ARG A 447 5.46 50.51 -18.46
CA ARG A 447 5.65 49.06 -18.30
C ARG A 447 4.35 48.37 -18.54
N ASN A 448 4.44 47.16 -19.09
CA ASN A 448 3.28 46.29 -19.16
C ASN A 448 2.84 45.85 -17.75
N ALA A 449 1.61 45.37 -17.69
CA ALA A 449 1.08 44.77 -16.46
C ALA A 449 1.85 43.52 -16.12
N PRO A 450 1.78 43.10 -14.84
CA PRO A 450 2.31 41.79 -14.48
C PRO A 450 1.45 40.64 -15.03
N TYR A 451 2.02 39.45 -14.95
CA TYR A 451 1.36 38.19 -15.29
C TYR A 451 0.94 37.54 -13.98
N LEU A 452 -0.31 37.12 -13.88
CA LEU A 452 -0.79 36.49 -12.63
C LEU A 452 -0.17 35.11 -12.39
N GLY A 453 0.03 34.80 -11.11
CA GLY A 453 0.42 33.46 -10.66
C GLY A 453 -0.88 32.69 -10.37
N PRO A 454 -1.25 31.74 -11.24
CA PRO A 454 -2.54 31.10 -11.08
C PRO A 454 -2.70 30.34 -9.76
N GLY A 455 -3.90 30.41 -9.25
CA GLY A 455 -4.23 29.85 -7.97
C GLY A 455 -5.10 30.82 -7.20
N ARG A 456 -4.78 31.04 -5.95
CA ARG A 456 -5.59 31.93 -5.13
C ARG A 456 -4.80 33.10 -4.66
N GLY A 457 -5.54 34.09 -4.17
CA GLY A 457 -4.98 35.17 -3.37
C GLY A 457 -5.28 34.89 -1.91
N ILE A 458 -4.80 35.75 -1.01
CA ILE A 458 -5.12 35.60 0.40
C ILE A 458 -5.44 36.92 1.05
N ILE A 459 -6.06 36.84 2.23
CA ILE A 459 -6.26 38.00 3.08
C ILE A 459 -5.35 37.80 4.31
N GLU A 460 -4.41 38.68 4.52
CA GLU A 460 -3.51 38.54 5.64
C GLU A 460 -4.31 38.96 6.87
N SER A 461 -4.21 38.16 7.91
CA SER A 461 -5.16 38.25 9.02
C SER A 461 -5.02 39.48 9.93
N SER A 462 -3.80 39.95 10.20
CA SER A 462 -3.63 41.02 11.15
C SER A 462 -4.01 42.39 10.56
N THR A 463 -3.77 42.61 9.26
CA THR A 463 -4.07 43.93 8.64
C THR A 463 -5.28 43.89 7.74
N GLY A 464 -5.73 42.72 7.33
CA GLY A 464 -6.77 42.64 6.31
C GLY A 464 -6.30 42.94 4.89
N ARG A 465 -4.98 43.04 4.68
CA ARG A 465 -4.48 43.31 3.35
C ARG A 465 -4.79 42.14 2.40
N ILE A 466 -5.30 42.45 1.22
CA ILE A 466 -5.52 41.45 0.17
C ILE A 466 -4.28 41.35 -0.71
N LEU A 467 -3.80 40.15 -0.96
CA LEU A 467 -2.60 39.95 -1.76
C LEU A 467 -2.86 39.02 -2.94
N ILE A 468 -2.40 39.44 -4.11
CA ILE A 468 -2.60 38.69 -5.37
C ILE A 468 -1.20 38.47 -5.96
N PRO A 469 -0.81 37.19 -6.19
CA PRO A 469 0.54 36.92 -6.68
C PRO A 469 0.63 37.14 -8.18
N SER A 470 1.72 37.78 -8.59
CA SER A 470 2.02 37.96 -10.01
C SER A 470 3.54 38.08 -10.21
N TYR A 471 3.95 38.20 -11.45
CA TYR A 471 5.37 38.19 -11.83
C TYR A 471 5.57 38.92 -13.17
N THR A 472 6.80 39.36 -13.43
CA THR A 472 7.13 40.08 -14.65
C THR A 472 8.08 39.38 -15.58
N GLY A 473 8.74 38.32 -15.11
CA GLY A 473 9.78 37.64 -15.90
C GLY A 473 11.15 37.90 -15.31
N LYS A 474 11.29 39.02 -14.61
CA LYS A 474 12.53 39.34 -13.85
C LYS A 474 12.28 39.70 -12.36
N GLU A 475 11.02 39.95 -11.98
CA GLU A 475 10.66 40.34 -10.63
C GLU A 475 9.43 39.60 -10.17
N SER A 476 9.27 39.56 -8.85
CA SER A 476 7.98 39.21 -8.27
C SER A 476 7.17 40.48 -8.19
N ALA A 477 5.86 40.37 -8.39
CA ALA A 477 4.95 41.52 -8.21
C ALA A 477 3.80 41.12 -7.35
N PHE A 478 3.86 41.56 -6.11
CA PHE A 478 2.82 41.27 -5.15
C PHE A 478 1.83 42.42 -5.18
N ILE A 479 0.69 42.17 -5.83
CA ILE A 479 -0.40 43.13 -5.97
C ILE A 479 -1.21 43.10 -4.68
N TYR A 480 -1.60 44.26 -4.18
CA TYR A 480 -2.27 44.27 -2.91
C TYR A 480 -3.24 45.42 -2.75
N SER A 481 -4.21 45.25 -1.85
CA SER A 481 -5.12 46.35 -1.51
C SER A 481 -5.23 46.44 -0.01
N ASP A 482 -5.13 47.67 0.48
CA ASP A 482 -5.35 47.96 1.90
C ASP A 482 -6.67 48.63 2.20
N ASP A 483 -7.57 48.66 1.23
CA ASP A 483 -8.88 49.27 1.44
C ASP A 483 -9.96 48.29 0.94
N ASN A 484 -9.78 47.01 1.27
N ASN A 484 -9.80 47.00 1.27
CA ASN A 484 -10.76 45.96 0.97
CA ASN A 484 -10.79 45.95 0.94
C ASN A 484 -11.08 45.89 -0.54
C ASN A 484 -11.08 45.88 -0.56
N GLY A 485 -10.05 46.10 -1.36
CA GLY A 485 -10.18 45.95 -2.80
C GLY A 485 -10.79 47.08 -3.58
N ALA A 486 -10.87 48.27 -2.99
CA ALA A 486 -11.27 49.46 -3.73
C ALA A 486 -10.12 49.94 -4.63
N SER A 487 -8.88 49.87 -4.16
CA SER A 487 -7.75 50.32 -4.96
C SER A 487 -6.59 49.35 -4.77
N TRP A 488 -5.68 49.34 -5.74
CA TRP A 488 -4.62 48.34 -5.80
C TRP A 488 -3.25 48.96 -5.93
N LYS A 489 -2.29 48.34 -5.25
CA LYS A 489 -0.90 48.74 -5.32
C LYS A 489 -0.03 47.50 -5.54
N VAL A 490 1.28 47.69 -5.62
CA VAL A 490 2.17 46.59 -5.90
C VAL A 490 3.52 46.76 -5.21
N LYS A 491 4.08 45.63 -4.74
CA LYS A 491 5.46 45.54 -4.34
C LYS A 491 6.23 44.73 -5.34
N VAL A 492 7.22 45.36 -5.95
CA VAL A 492 8.02 44.76 -7.00
C VAL A 492 9.35 44.34 -6.38
N VAL A 493 9.65 43.05 -6.45
CA VAL A 493 10.83 42.50 -5.80
C VAL A 493 11.72 41.86 -6.84
N PRO A 494 12.90 42.45 -7.11
CA PRO A 494 13.82 41.85 -8.11
C PRO A 494 14.25 40.46 -7.69
N LEU A 495 14.42 39.58 -8.67
CA LEU A 495 14.71 38.17 -8.43
C LEU A 495 16.13 37.86 -8.92
N PRO A 496 16.76 36.80 -8.39
CA PRO A 496 18.12 36.44 -8.83
C PRO A 496 18.27 36.16 -10.32
N SER A 497 17.21 35.76 -11.02
CA SER A 497 17.31 35.46 -12.43
C SER A 497 15.94 35.66 -13.01
N SER A 498 15.79 35.34 -14.29
CA SER A 498 14.55 35.61 -14.98
C SER A 498 13.53 34.47 -14.79
N TRP A 499 13.04 34.36 -13.56
CA TRP A 499 12.10 33.32 -13.18
C TRP A 499 10.70 33.62 -13.76
N SER A 500 10.01 32.58 -14.23
CA SER A 500 8.58 32.65 -14.45
C SER A 500 7.92 32.44 -13.11
N ALA A 501 7.94 33.47 -12.27
CA ALA A 501 7.68 33.35 -10.83
C ALA A 501 6.21 33.32 -10.43
N GLU A 502 5.49 32.34 -10.97
CA GLU A 502 4.18 31.98 -10.50
C GLU A 502 4.31 31.62 -9.04
N ALA A 503 3.54 32.34 -8.22
CA ALA A 503 3.60 32.21 -6.80
C ALA A 503 2.25 31.99 -6.15
N GLN A 504 2.35 31.50 -4.91
CA GLN A 504 1.19 31.36 -4.00
C GLN A 504 1.64 31.74 -2.59
N PHE A 505 0.72 32.24 -1.76
CA PHE A 505 1.05 32.68 -0.41
C PHE A 505 0.54 31.76 0.69
N VAL A 506 1.26 31.74 1.79
CA VAL A 506 0.74 31.22 3.05
C VAL A 506 1.09 32.19 4.18
N GLU A 507 0.26 32.17 5.20
CA GLU A 507 0.50 32.95 6.41
C GLU A 507 0.96 31.98 7.49
N LEU A 508 2.11 32.24 8.08
CA LEU A 508 2.68 31.38 9.14
C LEU A 508 2.15 31.79 10.48
N SER A 509 2.14 33.10 10.71
CA SER A 509 1.62 33.67 11.92
C SER A 509 1.19 35.10 11.57
N PRO A 510 0.45 35.78 12.46
CA PRO A 510 -0.09 37.10 12.07
C PRO A 510 1.02 38.05 11.59
N GLY A 511 0.86 38.61 10.40
CA GLY A 511 1.86 39.50 9.84
C GLY A 511 3.01 38.82 9.09
N VAL A 512 3.09 37.50 9.13
CA VAL A 512 4.23 36.78 8.57
C VAL A 512 3.74 35.90 7.46
N ILE A 513 4.18 36.21 6.25
CA ILE A 513 3.72 35.49 5.10
C ILE A 513 4.91 35.08 4.25
N GLN A 514 4.73 33.96 3.53
CA GLN A 514 5.72 33.45 2.62
C GLN A 514 5.09 33.29 1.27
N ALA A 515 5.86 33.67 0.24
CA ALA A 515 5.49 33.46 -1.15
C ALA A 515 6.36 32.32 -1.72
N TYR A 516 5.74 31.21 -2.07
CA TYR A 516 6.41 30.06 -2.69
C TYR A 516 6.25 30.20 -4.19
N MET A 517 7.32 29.94 -4.94
CA MET A 517 7.27 30.20 -6.37
C MET A 517 8.22 29.35 -7.23
N ARG A 518 7.82 29.30 -8.49
CA ARG A 518 8.56 28.69 -9.59
C ARG A 518 9.77 29.52 -9.91
N THR A 519 10.86 28.83 -10.28
CA THR A 519 12.12 29.48 -10.64
C THR A 519 12.59 28.91 -11.98
N ASN A 520 13.76 29.35 -12.42
CA ASN A 520 14.37 28.81 -13.60
C ASN A 520 15.60 28.02 -13.24
N ASN A 521 15.71 27.58 -11.99
CA ASN A 521 16.93 26.90 -11.58
C ASN A 521 16.68 25.47 -11.09
N GLY A 522 15.47 24.97 -11.20
CA GLY A 522 15.15 23.63 -10.76
C GLY A 522 14.57 23.51 -9.34
N LYS A 523 14.66 24.57 -8.52
CA LYS A 523 14.19 24.52 -7.16
C LYS A 523 12.92 25.33 -7.01
N ILE A 524 12.18 25.05 -5.94
CA ILE A 524 11.10 25.93 -5.52
C ILE A 524 11.67 26.94 -4.53
N ALA A 525 11.41 28.22 -4.78
CA ALA A 525 11.86 29.29 -3.93
C ALA A 525 10.74 29.78 -2.99
N TYR A 526 11.14 30.33 -1.84
CA TYR A 526 10.20 31.00 -0.95
C TYR A 526 10.84 32.25 -0.37
N LEU A 527 10.09 33.34 -0.42
CA LEU A 527 10.51 34.62 0.16
C LEU A 527 9.62 34.90 1.36
N THR A 528 10.16 35.59 2.35
CA THR A 528 9.46 35.76 3.63
C THR A 528 9.26 37.24 3.93
N SER A 529 8.03 37.62 4.30
CA SER A 529 7.71 38.96 4.82
C SER A 529 7.20 38.88 6.25
N LYS A 530 7.73 39.78 7.08
CA LYS A 530 7.32 39.86 8.48
C LYS A 530 6.51 41.11 8.74
N ASP A 531 6.09 41.82 7.69
CA ASP A 531 5.26 43.03 7.82
C ASP A 531 4.10 42.96 6.81
N ALA A 532 3.46 41.79 6.76
CA ALA A 532 2.31 41.57 5.89
C ALA A 532 2.52 41.91 4.41
N GLY A 533 3.74 41.76 3.92
CA GLY A 533 4.02 41.91 2.52
C GLY A 533 4.61 43.21 2.07
N THR A 534 4.92 44.09 3.01
CA THR A 534 5.56 45.35 2.67
C THR A 534 7.02 45.16 2.25
N THR A 535 7.77 44.34 2.98
CA THR A 535 9.16 44.07 2.65
C THR A 535 9.37 42.55 2.63
N TRP A 536 10.31 42.12 1.79
CA TRP A 536 10.56 40.67 1.60
C TRP A 536 12.04 40.29 1.75
N SER A 537 12.29 39.13 2.34
CA SER A 537 13.63 38.52 2.41
C SER A 537 14.16 38.08 1.04
N ALA A 538 15.45 37.83 1.03
CA ALA A 538 16.09 37.11 -0.04
C ALA A 538 15.48 35.71 -0.17
N PRO A 539 15.57 35.10 -1.36
CA PRO A 539 15.00 33.77 -1.54
C PRO A 539 15.67 32.70 -0.70
N GLU A 540 14.87 31.76 -0.20
CA GLU A 540 15.33 30.47 0.24
C GLU A 540 14.70 29.43 -0.68
N TYR A 541 15.14 28.19 -0.55
CA TYR A 541 14.75 27.13 -1.46
C TYR A 541 14.38 25.85 -0.71
N LEU A 542 13.31 25.18 -1.13
CA LEU A 542 13.03 23.86 -0.61
C LEU A 542 14.19 22.92 -0.98
N LYS A 543 14.54 22.04 -0.06
CA LYS A 543 15.66 21.12 -0.24
C LYS A 543 15.25 19.81 -0.88
N PHE A 544 13.95 19.52 -0.95
CA PHE A 544 13.50 18.18 -1.30
C PHE A 544 12.85 18.09 -2.69
N VAL A 545 12.71 19.21 -3.39
CA VAL A 545 12.20 19.20 -4.74
C VAL A 545 13.31 19.54 -5.71
N SER A 546 13.41 18.76 -6.79
CA SER A 546 14.39 19.00 -7.82
C SER A 546 13.74 18.76 -9.17
N ASN A 547 13.54 19.86 -9.89
CA ASN A 547 12.78 19.88 -11.10
C ASN A 547 13.62 20.34 -12.26
N PRO A 548 13.08 20.31 -13.48
CA PRO A 548 13.89 20.85 -14.58
C PRO A 548 13.94 22.39 -14.51
N SER A 549 14.84 22.97 -15.31
CA SER A 549 15.09 24.40 -15.25
C SER A 549 13.84 25.22 -15.62
N TYR A 550 13.01 24.73 -16.53
CA TYR A 550 11.80 25.48 -16.88
C TYR A 550 10.83 25.61 -15.72
N GLY A 551 10.77 24.61 -14.84
CA GLY A 551 9.88 24.66 -13.66
C GLY A 551 8.38 24.51 -13.98
N THR A 552 7.57 24.46 -12.92
CA THR A 552 6.13 24.33 -13.03
C THR A 552 5.47 25.15 -11.91
N GLN A 553 4.29 25.67 -12.19
CA GLN A 553 3.41 26.25 -11.15
C GLN A 553 3.21 25.25 -10.01
N LEU A 554 2.83 25.77 -8.86
CA LEU A 554 2.57 24.96 -7.67
C LEU A 554 1.34 25.47 -7.02
N SER A 555 0.92 24.74 -6.01
CA SER A 555 -0.16 25.16 -5.14
C SER A 555 0.31 24.95 -3.72
N ILE A 556 0.10 25.94 -2.88
CA ILE A 556 0.26 25.78 -1.44
C ILE A 556 -0.86 26.53 -0.76
N ILE A 557 -1.38 25.92 0.30
CA ILE A 557 -2.44 26.52 1.09
C ILE A 557 -2.20 26.32 2.59
N ASN A 558 -2.80 27.20 3.39
CA ASN A 558 -2.96 26.95 4.82
C ASN A 558 -4.06 25.90 5.02
N TYR A 559 -3.93 25.11 6.05
CA TYR A 559 -4.92 24.13 6.42
C TYR A 559 -5.44 24.53 7.79
N SER A 560 -6.72 24.35 8.04
CA SER A 560 -7.35 24.89 9.27
C SER A 560 -7.20 24.01 10.52
N GLN A 561 -6.91 22.73 10.37
CA GLN A 561 -6.83 21.82 11.53
C GLN A 561 -5.38 21.49 11.90
N LEU A 562 -5.14 21.29 13.18
CA LEU A 562 -3.82 20.92 13.66
C LEU A 562 -3.43 19.55 13.18
N ILE A 563 -2.17 19.41 12.83
CA ILE A 563 -1.59 18.13 12.47
C ILE A 563 -0.38 17.94 13.37
N ASP A 564 -0.36 16.83 14.10
CA ASP A 564 0.63 16.53 15.11
C ASP A 564 0.78 17.69 16.11
N GLY A 565 -0.34 18.34 16.45
CA GLY A 565 -0.34 19.47 17.36
C GLY A 565 0.16 20.78 16.78
N LYS A 566 0.37 20.85 15.46
CA LYS A 566 0.95 22.02 14.80
C LYS A 566 0.07 22.54 13.67
N LYS A 567 0.18 23.82 13.39
CA LYS A 567 -0.44 24.46 12.23
C LYS A 567 0.29 23.95 11.01
N ALA A 568 -0.48 23.72 9.95
CA ALA A 568 0.03 23.05 8.78
C ALA A 568 -0.24 23.82 7.49
N VAL A 569 0.64 23.58 6.53
CA VAL A 569 0.48 24.02 5.16
C VAL A 569 0.55 22.78 4.26
N ILE A 570 -0.08 22.87 3.09
CA ILE A 570 -0.16 21.74 2.19
C ILE A 570 0.28 22.23 0.85
N LEU A 571 1.27 21.53 0.30
CA LEU A 571 1.93 21.89 -0.96
C LEU A 571 1.69 20.79 -2.01
N SER A 572 1.38 21.20 -3.24
CA SER A 572 1.29 20.30 -4.40
C SER A 572 2.27 20.77 -5.49
N THR A 573 3.10 19.85 -6.00
CA THR A 573 4.05 20.14 -7.09
C THR A 573 4.53 18.83 -7.74
N PRO A 574 4.90 18.87 -9.05
CA PRO A 574 5.72 17.80 -9.56
C PRO A 574 7.10 17.84 -8.87
N ASN A 575 7.79 16.70 -8.93
CA ASN A 575 9.11 16.55 -8.38
C ASN A 575 9.88 15.53 -9.19
N SER A 576 10.49 16.01 -10.27
CA SER A 576 11.26 15.15 -11.16
C SER A 576 12.14 16.00 -12.01
N THR A 577 13.38 15.55 -12.23
CA THR A 577 14.25 16.23 -13.19
C THR A 577 13.96 15.80 -14.63
N ASN A 578 13.14 14.76 -14.83
CA ASN A 578 12.84 14.21 -16.18
C ASN A 578 11.63 14.80 -16.88
N GLY A 579 10.86 15.64 -16.23
CA GLY A 579 9.69 16.25 -16.89
C GLY A 579 8.76 16.77 -15.84
N ARG A 580 7.54 17.09 -16.24
CA ARG A 580 6.48 17.46 -15.32
C ARG A 580 5.77 16.16 -14.92
N LYS A 581 6.32 15.54 -13.88
CA LYS A 581 6.03 14.18 -13.48
C LYS A 581 6.16 14.03 -11.98
N HIS A 582 5.71 12.89 -11.47
CA HIS A 582 5.91 12.53 -10.07
C HIS A 582 5.33 13.59 -9.14
N GLY A 583 4.03 13.79 -9.26
CA GLY A 583 3.32 14.72 -8.40
C GLY A 583 3.36 14.29 -6.95
N GLN A 584 3.56 15.26 -6.07
CA GLN A 584 3.52 15.00 -4.64
C GLN A 584 2.72 16.04 -3.91
N ILE A 585 2.08 15.59 -2.84
CA ILE A 585 1.50 16.47 -1.88
C ILE A 585 2.30 16.35 -0.57
N TRP A 586 2.79 17.49 -0.11
CA TRP A 586 3.62 17.60 1.09
C TRP A 586 2.86 18.32 2.19
N ILE A 587 3.01 17.82 3.39
CA ILE A 587 2.52 18.49 4.57
C ILE A 587 3.69 19.13 5.28
N GLY A 588 3.57 20.43 5.54
CA GLY A 588 4.55 21.20 6.28
C GLY A 588 3.97 21.68 7.59
N LEU A 589 4.65 21.39 8.69
CA LEU A 589 4.19 21.80 10.00
C LEU A 589 4.99 23.00 10.45
N ILE A 590 4.29 24.04 10.92
CA ILE A 590 4.88 25.31 11.22
C ILE A 590 5.46 25.22 12.62
N ASN A 591 6.75 25.43 12.71
CA ASN A 591 7.45 25.44 13.98
C ASN A 591 7.24 26.74 14.72
N ASP A 592 7.53 26.70 16.01
CA ASP A 592 7.40 27.86 16.87
C ASP A 592 8.17 29.09 16.33
N ASP A 593 9.30 28.85 15.65
CA ASP A 593 10.14 29.89 15.08
C ASP A 593 9.79 30.26 13.65
N ASN A 594 8.64 29.80 13.18
CA ASN A 594 8.18 30.01 11.83
C ASN A 594 9.00 29.38 10.70
N THR A 595 9.84 28.41 10.99
CA THR A 595 10.36 27.53 9.94
C THR A 595 9.33 26.42 9.79
N ILE A 596 9.47 25.62 8.73
CA ILE A 596 8.53 24.57 8.43
C ILE A 596 9.20 23.20 8.46
N ASP A 597 8.55 22.27 9.14
CA ASP A 597 8.97 20.88 9.17
C ASP A 597 8.15 20.14 8.11
N TRP A 598 8.79 19.88 6.98
CA TRP A 598 8.17 19.16 5.87
C TRP A 598 8.22 17.66 6.21
N ARG A 599 7.21 17.20 6.97
CA ARG A 599 7.27 15.95 7.68
C ARG A 599 6.69 14.76 6.88
N TYR A 600 5.71 15.03 6.03
CA TYR A 600 4.99 13.98 5.30
C TYR A 600 4.89 14.34 3.82
N HIS A 601 4.82 13.30 3.00
CA HIS A 601 4.40 13.46 1.62
C HIS A 601 3.66 12.24 1.12
N HIS A 602 2.85 12.48 0.10
CA HIS A 602 2.12 11.43 -0.61
C HIS A 602 2.32 11.62 -2.10
N ASP A 603 2.76 10.57 -2.79
CA ASP A 603 2.90 10.60 -4.24
C ASP A 603 1.54 10.43 -4.87
N VAL A 604 1.21 11.30 -5.80
CA VAL A 604 0.01 11.15 -6.61
C VAL A 604 0.36 10.33 -7.83
N ASP A 605 -0.08 9.08 -7.82
CA ASP A 605 0.17 8.10 -8.84
C ASP A 605 1.66 7.75 -8.91
N TYR A 606 2.01 6.89 -9.88
CA TYR A 606 3.40 6.47 -10.04
C TYR A 606 4.27 7.61 -10.55
N SER A 607 5.57 7.43 -10.32
CA SER A 607 6.53 8.52 -10.47
C SER A 607 6.78 8.96 -11.92
N ASN A 608 6.56 8.08 -12.88
CA ASN A 608 6.71 8.48 -14.26
C ASN A 608 5.40 8.99 -14.90
N TYR A 609 4.30 8.98 -14.15
CA TYR A 609 3.05 9.58 -14.62
C TYR A 609 3.13 11.11 -14.60
N GLY A 610 2.43 11.74 -15.51
CA GLY A 610 2.50 13.18 -15.69
C GLY A 610 1.73 13.96 -14.61
N TYR A 611 2.26 15.12 -14.26
CA TYR A 611 1.70 15.95 -13.20
C TYR A 611 2.28 17.35 -13.42
N SER A 612 1.42 18.29 -13.80
CA SER A 612 1.88 19.65 -14.13
C SER A 612 1.19 20.67 -13.19
N TYR A 613 0.40 21.62 -13.71
CA TYR A 613 -0.19 22.65 -12.87
C TYR A 613 -1.19 22.02 -11.98
N SER A 614 -1.35 22.58 -10.78
CA SER A 614 -2.22 22.01 -9.78
C SER A 614 -2.80 23.05 -8.84
N THR A 615 -3.84 22.64 -8.13
CA THR A 615 -4.50 23.52 -7.21
C THR A 615 -5.14 22.73 -6.06
N LEU A 616 -4.89 23.20 -4.83
CA LEU A 616 -5.43 22.64 -3.62
C LEU A 616 -6.51 23.54 -3.01
N THR A 617 -7.46 22.89 -2.37
CA THR A 617 -8.32 23.59 -1.44
C THR A 617 -8.71 22.70 -0.25
N GLU A 618 -8.98 23.34 0.88
CA GLU A 618 -9.57 22.61 2.04
C GLU A 618 -11.06 22.57 1.84
N LEU A 619 -11.62 21.37 1.78
CA LEU A 619 -13.05 21.20 1.67
C LEU A 619 -13.70 21.56 3.02
N PRO A 620 -15.02 21.85 3.02
CA PRO A 620 -15.64 22.26 4.31
C PRO A 620 -15.55 21.19 5.39
N ASN A 621 -15.51 19.92 5.02
CA ASN A 621 -15.34 18.82 5.97
C ASN A 621 -13.88 18.53 6.33
N HIS A 622 -12.96 19.40 5.91
CA HIS A 622 -11.53 19.34 6.26
C HIS A 622 -10.78 18.27 5.51
N GLU A 623 -11.43 17.69 4.51
CA GLU A 623 -10.71 16.91 3.51
C GLU A 623 -10.04 17.91 2.53
N ILE A 624 -9.26 17.38 1.62
CA ILE A 624 -8.46 18.18 0.68
C ILE A 624 -8.91 17.89 -0.72
N GLY A 625 -9.23 18.94 -1.46
CA GLY A 625 -9.53 18.79 -2.87
C GLY A 625 -8.29 19.13 -3.68
N LEU A 626 -8.06 18.36 -4.75
CA LEU A 626 -6.96 18.56 -5.67
C LEU A 626 -7.48 18.48 -7.08
N MET A 627 -7.15 19.48 -7.85
CA MET A 627 -7.36 19.40 -9.29
C MET A 627 -6.03 19.69 -9.97
N PHE A 628 -5.72 18.90 -11.00
CA PHE A 628 -4.39 18.98 -11.59
C PHE A 628 -4.34 18.51 -13.04
N GLU A 629 -3.33 18.99 -13.74
CA GLU A 629 -3.01 18.59 -15.08
C GLU A 629 -2.31 17.22 -14.98
N LYS A 630 -3.03 16.14 -15.30
CA LYS A 630 -2.50 14.78 -15.25
C LYS A 630 -1.87 14.41 -16.60
N PHE A 631 -0.78 15.12 -16.87
CA PHE A 631 0.01 15.06 -18.09
C PHE A 631 1.16 16.03 -17.93
N ASP A 632 2.15 15.90 -18.80
CA ASP A 632 3.23 16.86 -18.86
C ASP A 632 2.82 17.99 -19.81
N SER A 633 2.45 19.13 -19.27
CA SER A 633 1.99 20.24 -20.07
C SER A 633 3.09 21.13 -20.69
N TRP A 634 4.37 20.77 -20.46
CA TRP A 634 5.53 21.41 -21.11
C TRP A 634 5.97 20.64 -22.34
N SER A 635 6.03 19.32 -22.19
CA SER A 635 6.45 18.39 -23.23
C SER A 635 5.75 18.63 -24.59
N ARG A 636 6.52 18.70 -25.65
CA ARG A 636 5.97 18.82 -27.00
C ARG A 636 5.30 17.49 -27.44
N ASN A 637 5.48 16.40 -26.67
CA ASN A 637 4.83 15.12 -26.98
C ASN A 637 3.44 14.97 -26.38
N GLU A 638 3.05 15.86 -25.46
CA GLU A 638 1.77 15.72 -24.75
C GLU A 638 0.80 16.89 -24.93
N LEU A 639 0.99 17.61 -26.03
CA LEU A 639 0.15 18.73 -26.35
C LEU A 639 -1.21 18.28 -26.84
N HIS A 640 -2.23 19.10 -26.64
CA HIS A 640 -3.51 18.90 -27.33
C HIS A 640 -4.15 17.54 -27.02
N MET A 641 -4.27 17.19 -25.72
CA MET A 641 -4.92 15.97 -25.28
C MET A 641 -6.19 16.30 -24.51
N LYS A 642 -7.22 15.50 -24.77
CA LYS A 642 -8.55 15.62 -24.17
C LYS A 642 -8.68 14.92 -22.83
N ASN A 643 -9.36 15.59 -21.90
CA ASN A 643 -9.83 14.97 -20.68
C ASN A 643 -8.74 14.47 -19.74
N VAL A 644 -7.90 15.40 -19.37
CA VAL A 644 -6.68 15.13 -18.64
C VAL A 644 -6.48 16.09 -17.48
N VAL A 645 -7.57 16.69 -16.98
CA VAL A 645 -7.46 17.57 -15.78
C VAL A 645 -8.46 17.11 -14.70
N PRO A 646 -8.10 16.07 -13.95
CA PRO A 646 -9.05 15.53 -12.99
C PRO A 646 -9.05 16.21 -11.62
N TYR A 647 -10.09 15.88 -10.87
CA TYR A 647 -10.30 16.32 -9.51
C TYR A 647 -10.30 15.05 -8.65
N ILE A 648 -9.54 15.09 -7.54
CA ILE A 648 -9.53 14.02 -6.54
C ILE A 648 -9.57 14.62 -5.13
N THR A 649 -10.17 13.86 -4.21
CA THR A 649 -10.32 14.25 -2.79
C THR A 649 -9.36 13.43 -1.95
N PHE A 650 -8.73 14.01 -0.94
CA PHE A 650 -7.95 13.25 0.05
C PHE A 650 -8.40 13.56 1.48
N LYS A 651 -8.35 12.56 2.35
CA LYS A 651 -8.42 12.78 3.80
C LYS A 651 -6.98 13.01 4.20
N ILE A 652 -6.78 13.68 5.33
CA ILE A 652 -5.42 13.91 5.81
C ILE A 652 -4.67 12.61 6.01
N GLU A 653 -5.34 11.56 6.47
CA GLU A 653 -4.70 10.28 6.68
C GLU A 653 -4.16 9.68 5.35
N ASP A 654 -4.79 10.00 4.23
CA ASP A 654 -4.28 9.60 2.93
C ASP A 654 -2.95 10.30 2.62
N LEU A 655 -2.75 11.47 3.23
CA LEU A 655 -1.57 12.31 2.96
C LEU A 655 -0.45 12.13 3.97
N LYS A 656 -0.78 11.76 5.21
CA LYS A 656 0.19 11.64 6.29
C LYS A 656 1.00 10.36 6.10
N LYS A 657 1.86 10.36 5.09
CA LYS A 657 2.64 9.20 4.73
C LYS A 657 4.12 9.61 4.69
N ASN A 658 4.97 8.59 4.63
CA ASN A 658 6.40 8.78 4.40
C ASN A 658 7.08 9.63 5.46
N LEU A 659 6.77 9.37 6.74
CA LEU A 659 7.68 9.67 7.88
C LEU A 659 6.93 9.54 9.22
N GLU B 1 39.37 -13.92 10.80
CA GLU B 1 39.18 -12.70 9.94
C GLU B 1 38.98 -12.97 8.43
N THR B 2 39.99 -13.41 7.67
CA THR B 2 39.79 -13.57 6.21
C THR B 2 39.77 -15.03 5.71
N PRO B 3 38.93 -15.32 4.69
CA PRO B 3 38.75 -16.68 4.26
C PRO B 3 39.97 -17.23 3.53
N VAL B 4 40.23 -18.52 3.70
CA VAL B 4 41.29 -19.17 2.92
C VAL B 4 40.80 -19.42 1.49
N LEU B 5 39.49 -19.40 1.30
CA LEU B 5 38.90 -19.45 -0.04
C LEU B 5 37.47 -18.89 -0.03
N GLU B 6 37.19 -18.08 -1.05
CA GLU B 6 35.90 -17.50 -1.28
C GLU B 6 35.54 -17.63 -2.75
N LYS B 7 34.34 -18.12 -3.04
CA LYS B 7 33.87 -18.26 -4.40
C LYS B 7 32.44 -17.70 -4.47
N ASN B 8 32.08 -17.21 -5.65
CA ASN B 8 30.82 -16.55 -5.93
C ASN B 8 30.10 -17.18 -7.09
N ASN B 9 28.78 -17.23 -6.99
CA ASN B 9 27.90 -17.58 -8.11
C ASN B 9 28.27 -18.84 -8.82
N VAL B 10 28.37 -19.91 -8.05
CA VAL B 10 28.65 -21.24 -8.61
C VAL B 10 27.31 -21.98 -8.77
N THR B 11 26.85 -22.12 -10.00
CA THR B 11 25.58 -22.79 -10.28
C THR B 11 25.87 -24.24 -10.62
N LEU B 12 25.19 -25.17 -9.94
CA LEU B 12 25.46 -26.60 -10.05
C LEU B 12 24.18 -27.38 -10.21
N THR B 13 24.29 -28.49 -10.93
CA THR B 13 23.18 -29.41 -11.17
C THR B 13 23.66 -30.83 -10.84
N GLY B 14 24.23 -31.00 -9.65
CA GLY B 14 24.50 -32.31 -9.08
C GLY B 14 25.92 -32.80 -9.30
N GLY B 15 26.67 -32.13 -10.17
CA GLY B 15 28.00 -32.58 -10.54
C GLY B 15 29.14 -32.01 -9.71
N GLY B 16 28.89 -30.92 -8.99
CA GLY B 16 29.90 -30.38 -8.07
C GLY B 16 31.05 -29.60 -8.73
N GLU B 17 31.97 -29.10 -7.93
CA GLU B 17 33.16 -28.42 -8.49
C GLU B 17 34.34 -28.67 -7.60
N ASN B 18 35.43 -29.13 -8.20
CA ASN B 18 36.64 -29.43 -7.48
C ASN B 18 37.35 -28.13 -7.09
N VAL B 19 37.66 -27.97 -5.82
CA VAL B 19 38.49 -26.86 -5.37
C VAL B 19 39.70 -27.33 -4.54
N THR B 20 40.19 -28.51 -4.87
CA THR B 20 41.29 -29.13 -4.13
C THR B 20 42.57 -28.28 -4.12
N LYS B 21 42.95 -27.81 -5.31
CA LYS B 21 44.11 -26.96 -5.46
C LYS B 21 44.08 -25.75 -4.55
N GLU B 22 42.93 -25.13 -4.45
CA GLU B 22 42.78 -23.92 -3.67
C GLU B 22 42.73 -24.16 -2.16
N LEU B 23 42.35 -25.36 -1.70
CA LEU B 23 42.14 -25.61 -0.25
C LEU B 23 43.17 -26.55 0.39
N LYS B 24 43.90 -27.32 -0.42
CA LYS B 24 44.81 -28.32 0.11
C LYS B 24 45.84 -27.61 1.01
N ASP B 25 46.09 -28.20 2.17
CA ASP B 25 47.06 -27.69 3.16
C ASP B 25 46.74 -26.35 3.82
N LYS B 26 45.54 -25.78 3.60
CA LYS B 26 45.24 -24.46 4.14
C LYS B 26 44.69 -24.52 5.57
N PHE B 27 44.27 -25.72 6.01
CA PHE B 27 43.67 -25.89 7.34
C PHE B 27 44.75 -26.25 8.38
N THR B 28 45.46 -25.17 8.77
CA THR B 28 46.69 -25.15 9.57
C THR B 28 46.49 -25.84 10.89
N SER B 29 45.46 -25.41 11.61
CA SER B 29 45.14 -26.01 12.90
C SER B 29 44.26 -27.25 12.75
N GLY B 30 43.49 -27.36 11.66
CA GLY B 30 42.42 -28.38 11.54
C GLY B 30 41.00 -27.84 11.78
N ASP B 31 40.89 -26.75 12.55
CA ASP B 31 39.58 -26.10 12.78
C ASP B 31 39.05 -25.48 11.51
N PHE B 32 37.75 -25.28 11.48
CA PHE B 32 37.17 -24.69 10.30
C PHE B 32 35.84 -24.03 10.57
N THR B 33 35.56 -23.04 9.74
CA THR B 33 34.26 -22.38 9.64
C THR B 33 33.98 -22.25 8.16
N VAL B 34 32.81 -22.70 7.73
CA VAL B 34 32.38 -22.58 6.36
C VAL B 34 31.02 -21.88 6.38
N VAL B 35 30.92 -20.79 5.63
CA VAL B 35 29.69 -19.98 5.53
C VAL B 35 29.23 -20.03 4.10
N ILE B 36 27.99 -20.44 3.90
CA ILE B 36 27.41 -20.72 2.59
C ILE B 36 26.09 -19.99 2.41
N LYS B 37 26.08 -19.09 1.44
CA LYS B 37 24.89 -18.40 0.99
C LYS B 37 24.49 -19.08 -0.32
N TYR B 38 23.29 -19.68 -0.33
CA TYR B 38 22.89 -20.55 -1.44
C TYR B 38 21.38 -20.46 -1.65
N ASN B 39 20.94 -20.94 -2.82
CA ASN B 39 19.55 -21.31 -3.05
C ASN B 39 19.50 -22.60 -3.82
N GLN B 40 18.50 -23.42 -3.54
CA GLN B 40 18.34 -24.73 -4.18
C GLN B 40 17.40 -24.62 -5.37
N SER B 41 17.78 -25.23 -6.49
CA SER B 41 16.91 -25.31 -7.69
C SER B 41 15.96 -26.52 -7.57
N SER B 42 16.37 -27.52 -6.79
CA SER B 42 15.56 -28.65 -6.42
C SER B 42 15.95 -29.06 -5.02
N GLU B 43 14.95 -29.33 -4.19
CA GLU B 43 15.16 -29.76 -2.81
C GLU B 43 15.27 -31.27 -2.60
N LYS B 44 15.02 -32.04 -3.65
CA LYS B 44 14.93 -33.51 -3.55
C LYS B 44 16.29 -34.10 -3.20
N GLY B 45 16.29 -35.13 -2.38
CA GLY B 45 17.50 -35.88 -2.10
C GLY B 45 18.36 -35.22 -1.05
N LEU B 46 19.34 -35.98 -0.58
CA LEU B 46 20.32 -35.52 0.38
C LEU B 46 21.43 -34.78 -0.39
N GLN B 47 21.65 -33.52 -0.06
CA GLN B 47 22.54 -32.68 -0.80
C GLN B 47 23.60 -32.06 0.09
N ALA B 48 24.84 -32.14 -0.33
CA ALA B 48 25.97 -31.55 0.37
C ALA B 48 26.35 -30.21 -0.27
N LEU B 49 26.49 -29.19 0.56
CA LEU B 49 26.88 -27.87 0.07
C LEU B 49 28.38 -27.84 -0.20
N PHE B 50 29.13 -28.67 0.50
CA PHE B 50 30.55 -28.87 0.19
C PHE B 50 30.99 -30.17 0.83
N GLY B 51 32.15 -30.63 0.43
CA GLY B 51 32.69 -31.89 0.96
C GLY B 51 34.20 -31.87 0.97
N ILE B 52 34.76 -32.26 2.11
CA ILE B 52 36.18 -32.41 2.27
C ILE B 52 36.39 -33.85 2.63
N SER B 53 37.14 -34.55 1.80
CA SER B 53 37.19 -36.01 1.89
C SER B 53 38.50 -36.63 1.49
N ASN B 54 38.66 -37.88 1.92
CA ASN B 54 39.62 -38.78 1.32
C ASN B 54 38.86 -39.49 0.21
N SER B 55 39.24 -39.21 -1.03
CA SER B 55 38.49 -39.72 -2.19
C SER B 55 38.95 -41.08 -2.66
N LYS B 56 39.98 -41.66 -2.04
CA LYS B 56 40.61 -42.90 -2.51
C LYS B 56 39.71 -44.12 -2.25
N PRO B 57 39.92 -45.22 -3.01
CA PRO B 57 39.06 -46.40 -2.79
C PRO B 57 39.13 -46.87 -1.35
N GLY B 58 38.01 -47.28 -0.79
CA GLY B 58 37.98 -47.75 0.59
C GLY B 58 37.87 -46.67 1.65
N GLN B 59 38.00 -45.39 1.28
CA GLN B 59 38.01 -44.33 2.28
C GLN B 59 36.73 -43.50 2.27
N GLN B 60 35.62 -44.12 1.85
CA GLN B 60 34.35 -43.44 1.69
C GLN B 60 33.74 -42.89 2.97
N ASN B 61 34.14 -43.41 4.13
CA ASN B 61 33.72 -42.87 5.41
C ASN B 61 34.69 -41.87 6.05
N SER B 62 35.51 -41.23 5.19
CA SER B 62 36.47 -40.22 5.63
C SER B 62 36.12 -38.90 4.97
N TYR B 63 35.21 -38.18 5.61
CA TYR B 63 34.81 -36.89 5.12
C TYR B 63 34.17 -35.98 6.12
N VAL B 64 34.12 -34.72 5.70
CA VAL B 64 33.38 -33.69 6.39
C VAL B 64 32.44 -33.08 5.34
N ASP B 65 31.20 -32.82 5.74
CA ASP B 65 30.26 -32.07 4.89
C ASP B 65 29.22 -31.32 5.70
N VAL B 66 28.54 -30.40 5.03
CA VAL B 66 27.30 -29.80 5.48
C VAL B 66 26.22 -30.21 4.50
N PHE B 67 25.09 -30.68 5.03
CA PHE B 67 24.02 -31.23 4.18
C PHE B 67 22.66 -30.65 4.44
N LEU B 68 21.84 -30.78 3.41
CA LEU B 68 20.42 -30.35 3.40
C LEU B 68 19.54 -31.50 2.97
N ARG B 69 18.40 -31.64 3.63
CA ARG B 69 17.40 -32.61 3.24
C ARG B 69 16.16 -31.90 2.70
N ASP B 70 15.27 -32.68 2.13
CA ASP B 70 14.06 -32.15 1.51
C ASP B 70 12.95 -31.65 2.46
N ASN B 71 13.20 -31.77 3.76
CA ASN B 71 12.30 -31.27 4.78
C ASN B 71 12.85 -30.06 5.52
N GLY B 72 13.95 -29.48 5.02
CA GLY B 72 14.54 -28.31 5.62
C GLY B 72 15.56 -28.57 6.71
N GLU B 73 15.84 -29.84 7.02
CA GLU B 73 16.90 -30.18 7.98
C GLU B 73 18.26 -29.73 7.45
N LEU B 74 19.03 -29.06 8.31
CA LEU B 74 20.43 -28.76 8.09
C LEU B 74 21.27 -29.66 9.01
N GLY B 75 22.31 -30.27 8.45
CA GLY B 75 23.24 -31.10 9.22
C GLY B 75 24.68 -31.03 8.76
N MET B 76 25.54 -31.67 9.53
CA MET B 76 26.93 -31.90 9.14
C MET B 76 27.38 -33.29 9.53
N GLU B 77 28.33 -33.83 8.77
CA GLU B 77 29.03 -35.04 9.12
C GLU B 77 30.52 -34.76 9.21
N ALA B 78 31.18 -35.47 10.12
CA ALA B 78 32.63 -35.49 10.21
C ALA B 78 32.97 -36.92 10.62
N ARG B 79 33.64 -37.63 9.72
CA ARG B 79 33.81 -39.07 9.79
C ARG B 79 35.23 -39.45 9.42
N ASP B 80 35.78 -40.45 10.10
CA ASP B 80 37.08 -41.04 9.75
C ASP B 80 36.92 -42.54 9.61
N THR B 81 37.41 -43.10 8.50
CA THR B 81 37.20 -44.52 8.21
C THR B 81 37.90 -45.40 9.21
N SER B 82 39.20 -45.24 9.36
CA SER B 82 39.97 -46.25 10.11
C SER B 82 39.70 -46.21 11.64
N SER B 83 39.45 -45.03 12.22
CA SER B 83 39.10 -44.94 13.66
C SER B 83 37.62 -45.30 13.92
N ASN B 84 36.85 -45.44 12.84
CA ASN B 84 35.42 -45.61 12.90
C ASN B 84 34.66 -44.58 13.78
N LYS B 85 35.05 -43.32 13.63
CA LYS B 85 34.41 -42.23 14.29
C LYS B 85 33.49 -41.55 13.29
N ASN B 86 32.21 -41.44 13.66
CA ASN B 86 31.16 -40.94 12.78
C ASN B 86 30.37 -39.93 13.58
N ASN B 87 30.59 -38.65 13.29
CA ASN B 87 29.89 -37.60 13.97
C ASN B 87 28.83 -37.08 13.01
N LEU B 88 27.61 -36.92 13.50
CA LEU B 88 26.51 -36.35 12.76
C LEU B 88 25.81 -35.40 13.69
N VAL B 89 25.77 -34.13 13.32
CA VAL B 89 25.13 -33.09 14.13
C VAL B 89 24.15 -32.34 13.19
N SER B 90 22.93 -32.11 13.68
CA SER B 90 21.87 -31.56 12.83
C SER B 90 20.73 -31.00 13.64
N ARG B 91 19.89 -30.24 12.95
CA ARG B 91 18.55 -29.89 13.46
C ARG B 91 17.52 -29.83 12.37
N PRO B 92 16.36 -30.45 12.58
CA PRO B 92 15.29 -30.25 11.62
C PRO B 92 14.88 -28.77 11.41
N ALA B 93 14.22 -28.49 10.30
CA ALA B 93 13.51 -27.22 10.07
C ALA B 93 14.41 -26.02 10.28
N SER B 94 15.59 -26.07 9.68
CA SER B 94 16.60 -25.03 9.84
C SER B 94 16.61 -24.04 8.68
N VAL B 95 16.26 -24.53 7.48
CA VAL B 95 16.26 -23.70 6.30
C VAL B 95 14.89 -23.60 5.66
N TRP B 96 14.77 -22.66 4.71
CA TRP B 96 13.61 -22.47 3.87
C TRP B 96 13.92 -22.99 2.48
N GLY B 97 12.89 -23.50 1.81
CA GLY B 97 13.01 -24.01 0.46
C GLY B 97 12.68 -22.97 -0.60
N LYS B 98 11.39 -22.73 -0.78
CA LYS B 98 10.86 -21.72 -1.70
C LYS B 98 9.82 -20.82 -1.00
N TYR B 99 9.64 -19.65 -1.60
CA TYR B 99 8.79 -18.58 -1.11
C TYR B 99 8.29 -17.82 -2.31
N LYS B 100 6.97 -17.70 -2.40
CA LYS B 100 6.34 -17.00 -3.52
C LYS B 100 6.92 -17.38 -4.87
N GLN B 101 6.91 -18.69 -5.14
CA GLN B 101 7.35 -19.24 -6.44
C GLN B 101 8.87 -19.18 -6.72
N GLU B 102 9.69 -18.72 -5.80
CA GLU B 102 11.14 -18.61 -6.03
C GLU B 102 11.91 -19.32 -4.96
N ALA B 103 13.04 -19.87 -5.36
CA ALA B 103 13.95 -20.49 -4.44
C ALA B 103 14.40 -19.44 -3.40
N VAL B 104 14.49 -19.84 -2.15
CA VAL B 104 14.91 -18.92 -1.08
C VAL B 104 16.43 -18.97 -0.91
N THR B 105 17.03 -17.79 -0.83
CA THR B 105 18.43 -17.67 -0.48
C THR B 105 18.57 -17.87 1.03
N ASN B 106 19.30 -18.88 1.46
CA ASN B 106 19.62 -19.06 2.88
C ASN B 106 21.10 -18.82 3.05
N THR B 107 21.51 -18.55 4.29
CA THR B 107 22.94 -18.47 4.61
C THR B 107 23.12 -19.38 5.81
N VAL B 108 23.97 -20.39 5.64
CA VAL B 108 24.16 -21.34 6.70
C VAL B 108 25.64 -21.43 7.00
N ALA B 109 25.97 -22.05 8.12
CA ALA B 109 27.37 -22.20 8.48
C ALA B 109 27.62 -23.35 9.42
N VAL B 110 28.86 -23.81 9.39
CA VAL B 110 29.36 -24.81 10.31
C VAL B 110 30.64 -24.27 10.94
N VAL B 111 30.80 -24.52 12.24
CA VAL B 111 32.01 -24.19 13.00
C VAL B 111 32.46 -25.42 13.76
N ALA B 112 33.73 -25.78 13.58
CA ALA B 112 34.34 -26.89 14.29
C ALA B 112 35.49 -26.34 15.12
N ASP B 113 35.43 -26.59 16.43
CA ASP B 113 36.37 -26.00 17.40
C ASP B 113 36.98 -27.15 18.19
N SER B 114 38.24 -27.46 17.88
CA SER B 114 38.95 -28.59 18.50
C SER B 114 39.15 -28.47 19.97
N VAL B 115 39.41 -27.26 20.43
CA VAL B 115 39.59 -27.02 21.85
C VAL B 115 38.31 -27.35 22.64
N LYS B 116 37.16 -26.91 22.17
CA LYS B 116 35.87 -27.23 22.83
C LYS B 116 35.29 -28.60 22.44
N LYS B 117 35.81 -29.20 21.37
CA LYS B 117 35.31 -30.45 20.80
C LYS B 117 33.85 -30.34 20.34
N THR B 118 33.48 -29.19 19.80
CA THR B 118 32.09 -28.91 19.41
C THR B 118 31.99 -28.64 17.94
N TYR B 119 30.84 -29.01 17.40
CA TYR B 119 30.39 -28.61 16.10
C TYR B 119 29.17 -27.74 16.31
N SER B 120 29.10 -26.64 15.58
CA SER B 120 27.96 -25.74 15.63
C SER B 120 27.43 -25.55 14.23
N LEU B 121 26.10 -25.42 14.13
CA LEU B 121 25.45 -25.14 12.85
C LEU B 121 24.56 -23.91 13.00
N TYR B 122 24.63 -23.07 11.96
CA TYR B 122 23.93 -21.80 11.93
C TYR B 122 23.08 -21.75 10.66
N ALA B 123 21.91 -21.15 10.77
CA ALA B 123 21.03 -20.95 9.65
C ALA B 123 20.33 -19.59 9.82
N ASN B 124 20.57 -18.69 8.87
CA ASN B 124 19.78 -17.45 8.76
C ASN B 124 19.76 -16.62 10.02
N GLY B 125 20.89 -16.59 10.71
CA GLY B 125 21.08 -15.78 11.92
C GLY B 125 20.90 -16.52 13.24
N THR B 126 20.47 -17.79 13.17
CA THR B 126 20.26 -18.61 14.34
C THR B 126 21.30 -19.69 14.44
N LYS B 127 21.88 -19.86 15.63
CA LYS B 127 22.66 -21.06 15.92
C LYS B 127 21.66 -22.17 16.21
N VAL B 128 21.41 -23.03 15.20
CA VAL B 128 20.39 -24.06 15.31
C VAL B 128 20.78 -25.23 16.20
N VAL B 129 22.07 -25.55 16.27
CA VAL B 129 22.58 -26.55 17.19
C VAL B 129 24.09 -26.36 17.43
N GLU B 130 24.51 -26.66 18.65
CA GLU B 130 25.91 -26.76 19.00
C GLU B 130 25.99 -27.99 19.85
N LYS B 131 26.83 -28.93 19.46
CA LYS B 131 26.96 -30.18 20.18
C LYS B 131 28.44 -30.50 20.43
N LYS B 132 28.78 -30.78 21.69
CA LYS B 132 30.08 -31.36 22.04
C LYS B 132 30.07 -32.87 21.79
N VAL B 133 31.11 -33.40 21.17
CA VAL B 133 31.20 -34.83 20.92
C VAL B 133 32.55 -35.38 21.36
N ASP B 134 32.50 -36.53 22.04
CA ASP B 134 33.73 -37.20 22.49
C ASP B 134 34.60 -37.66 21.34
N ASN B 135 34.02 -38.18 20.27
CA ASN B 135 34.76 -38.58 19.06
C ASN B 135 35.01 -37.47 18.05
N PHE B 136 35.27 -36.26 18.52
CA PHE B 136 35.46 -35.08 17.69
C PHE B 136 36.56 -35.28 16.64
N LEU B 137 36.33 -34.75 15.44
CA LEU B 137 37.29 -34.83 14.34
C LEU B 137 37.40 -33.47 13.69
N ASN B 138 38.61 -32.94 13.58
CA ASN B 138 38.89 -31.78 12.74
C ASN B 138 39.49 -32.30 11.44
N ILE B 139 39.77 -31.38 10.51
CA ILE B 139 40.23 -31.77 9.20
C ILE B 139 41.54 -32.55 9.23
N LYS B 140 42.47 -32.15 10.12
CA LYS B 140 43.75 -32.86 10.29
C LYS B 140 43.59 -34.23 10.93
N ASP B 141 42.53 -34.47 11.69
CA ASP B 141 42.31 -35.78 12.33
C ASP B 141 41.86 -36.88 11.33
N ILE B 142 41.31 -36.50 10.20
CA ILE B 142 40.79 -37.51 9.27
C ILE B 142 41.92 -37.91 8.36
N LYS B 143 42.18 -39.21 8.24
CA LYS B 143 43.38 -39.66 7.56
C LYS B 143 43.26 -39.58 6.02
N GLY B 144 44.25 -38.92 5.42
CA GLY B 144 44.40 -38.87 3.97
C GLY B 144 43.40 -37.99 3.21
N ILE B 145 42.89 -36.94 3.85
CA ILE B 145 42.04 -35.98 3.14
C ILE B 145 42.79 -35.52 1.90
N ASP B 146 42.18 -35.64 0.71
CA ASP B 146 42.87 -35.21 -0.52
C ASP B 146 41.92 -34.58 -1.55
N TYR B 147 40.67 -34.27 -1.18
CA TYR B 147 39.72 -33.77 -2.15
C TYR B 147 38.81 -32.78 -1.44
N TYR B 148 38.71 -31.59 -2.01
CA TYR B 148 37.86 -30.56 -1.44
C TYR B 148 36.94 -30.16 -2.58
N MET B 149 35.63 -30.28 -2.35
CA MET B 149 34.70 -29.90 -3.38
C MET B 149 33.47 -29.10 -2.95
N LEU B 150 32.99 -28.33 -3.91
CA LEU B 150 31.74 -27.64 -3.78
C LEU B 150 30.59 -28.49 -4.28
N GLY B 151 29.48 -28.48 -3.56
CA GLY B 151 28.24 -29.12 -4.02
C GLY B 151 28.24 -30.64 -4.10
N GLY B 152 29.06 -31.28 -3.28
CA GLY B 152 29.09 -32.75 -3.25
C GLY B 152 30.18 -33.21 -2.28
N VAL B 153 30.30 -34.53 -2.17
CA VAL B 153 31.39 -35.17 -1.44
C VAL B 153 32.02 -36.25 -2.34
N LYS B 154 33.33 -36.20 -2.52
CA LYS B 154 33.99 -37.18 -3.36
C LYS B 154 34.30 -38.42 -2.52
N ARG B 155 33.63 -39.53 -2.88
CA ARG B 155 33.75 -40.80 -2.17
C ARG B 155 34.11 -41.89 -3.16
N ALA B 156 35.28 -42.50 -2.97
CA ALA B 156 35.82 -43.51 -3.90
C ALA B 156 35.69 -43.05 -5.34
N GLY B 157 36.22 -41.86 -5.64
CA GLY B 157 36.19 -41.34 -7.01
C GLY B 157 34.84 -40.97 -7.62
N LYS B 158 33.74 -40.98 -6.85
CA LYS B 158 32.40 -40.60 -7.33
C LYS B 158 31.82 -39.49 -6.47
N THR B 159 31.04 -38.65 -7.11
CA THR B 159 30.43 -37.50 -6.45
C THR B 159 29.19 -37.96 -5.74
N ALA B 160 29.19 -37.89 -4.41
CA ALA B 160 28.00 -38.19 -3.59
C ALA B 160 27.30 -36.90 -3.11
N PHE B 161 26.00 -37.05 -2.87
CA PHE B 161 25.14 -36.02 -2.25
C PHE B 161 25.14 -34.75 -3.10
N GLY B 162 25.02 -34.91 -4.42
CA GLY B 162 25.16 -33.79 -5.33
C GLY B 162 24.16 -32.66 -5.14
N PHE B 163 24.68 -31.44 -5.02
CA PHE B 163 23.85 -30.26 -4.78
C PHE B 163 23.24 -29.71 -6.06
N ASN B 164 21.97 -29.34 -5.99
CA ASN B 164 21.25 -28.72 -7.10
C ASN B 164 20.81 -27.31 -6.73
N GLY B 165 21.53 -26.34 -7.27
CA GLY B 165 21.27 -24.96 -6.99
C GLY B 165 22.47 -24.06 -7.21
N THR B 166 22.44 -22.88 -6.59
CA THR B 166 23.51 -21.93 -6.75
C THR B 166 24.12 -21.63 -5.37
N LEU B 167 25.44 -21.79 -5.30
CA LEU B 167 26.21 -21.26 -4.20
C LEU B 167 26.49 -19.81 -4.54
N GLU B 168 25.71 -18.89 -3.97
CA GLU B 168 25.87 -17.49 -4.28
C GLU B 168 27.20 -16.96 -3.73
N ASN B 169 27.56 -17.40 -2.53
CA ASN B 169 28.83 -17.05 -1.93
C ASN B 169 29.18 -18.17 -0.96
N ILE B 170 30.41 -18.67 -1.04
CA ILE B 170 30.87 -19.64 -0.07
C ILE B 170 32.25 -19.20 0.39
N LYS B 171 32.44 -19.24 1.72
CA LYS B 171 33.69 -18.84 2.36
C LYS B 171 34.16 -19.96 3.31
N PHE B 172 35.42 -20.31 3.14
CA PHE B 172 36.12 -21.24 4.03
C PHE B 172 37.11 -20.47 4.89
N PHE B 173 37.03 -20.66 6.22
CA PHE B 173 38.03 -20.15 7.15
C PHE B 173 38.74 -21.31 7.83
N ASN B 174 40.02 -21.15 8.11
CA ASN B 174 40.80 -22.19 8.83
C ASN B 174 40.86 -21.97 10.37
N SER B 175 39.77 -21.42 10.92
CA SER B 175 39.65 -21.30 12.34
C SER B 175 38.17 -21.33 12.67
N ALA B 176 37.89 -21.45 13.97
CA ALA B 176 36.53 -21.47 14.52
C ALA B 176 36.13 -20.03 14.78
N LEU B 177 35.27 -19.45 13.95
CA LEU B 177 34.83 -18.08 14.22
C LEU B 177 33.84 -18.07 15.42
N ASP B 178 33.78 -16.96 16.15
CA ASP B 178 32.96 -16.88 17.35
C ASP B 178 31.50 -16.79 16.96
N GLU B 179 30.67 -17.11 17.93
CA GLU B 179 29.24 -17.18 17.72
C GLU B 179 28.61 -15.89 17.18
N GLU B 180 28.96 -14.75 17.76
CA GLU B 180 28.32 -13.50 17.34
C GLU B 180 28.67 -13.18 15.91
N THR B 181 29.93 -13.40 15.56
CA THR B 181 30.38 -13.14 14.20
C THR B 181 29.58 -13.99 13.24
N VAL B 182 29.42 -15.27 13.54
CA VAL B 182 28.76 -16.18 12.59
C VAL B 182 27.27 -15.91 12.49
N LYS B 183 26.66 -15.57 13.62
CA LYS B 183 25.26 -15.14 13.58
C LYS B 183 25.08 -13.98 12.65
N LYS B 184 25.94 -12.98 12.80
CA LYS B 184 25.87 -11.82 11.93
C LYS B 184 26.10 -12.20 10.48
N MET B 185 27.07 -13.07 10.19
CA MET B 185 27.37 -13.41 8.83
C MET B 185 26.23 -14.18 8.19
N THR B 186 25.45 -14.93 8.98
CA THR B 186 24.34 -15.70 8.40
C THR B 186 23.01 -14.93 8.39
N THR B 187 23.00 -13.69 8.88
CA THR B 187 21.81 -12.88 8.92
C THR B 187 21.47 -12.42 7.52
N ASN B 188 20.20 -12.49 7.16
CA ASN B 188 19.78 -12.18 5.80
C ASN B 188 18.28 -11.85 5.80
N ALA B 189 17.66 -11.80 4.63
CA ALA B 189 16.23 -11.43 4.55
C ALA B 189 15.33 -12.43 5.32
N VAL B 190 15.71 -13.68 5.40
CA VAL B 190 14.93 -14.68 6.16
C VAL B 190 14.84 -14.32 7.66
N THR B 191 15.92 -13.84 8.24
CA THR B 191 15.99 -13.49 9.64
C THR B 191 14.94 -12.46 10.08
N GLY B 192 14.66 -11.49 9.20
CA GLY B 192 13.64 -10.50 9.45
C GLY B 192 12.20 -11.00 9.48
N HIS B 193 11.93 -12.25 9.11
CA HIS B 193 10.59 -12.82 9.28
C HIS B 193 10.24 -13.37 10.67
N LEU B 194 11.16 -13.31 11.64
CA LEU B 194 10.87 -13.74 12.99
C LEU B 194 10.40 -12.57 13.83
N ILE B 195 9.27 -12.68 14.45
CA ILE B 195 8.83 -11.63 15.36
C ILE B 195 9.31 -11.94 16.77
N TYR B 196 9.11 -13.19 17.16
CA TYR B 196 9.57 -13.72 18.42
C TYR B 196 10.81 -14.53 18.18
N THR B 197 11.83 -14.29 19.00
CA THR B 197 13.10 -14.96 18.88
C THR B 197 13.59 -15.45 20.23
N ALA B 198 14.45 -16.45 20.16
CA ALA B 198 14.95 -17.08 21.37
C ALA B 198 15.75 -16.09 22.21
N ASN B 199 15.39 -16.04 23.48
CA ASN B 199 15.98 -15.13 24.43
C ASN B 199 15.91 -13.64 24.03
N ASP B 200 14.79 -13.28 23.44
CA ASP B 200 14.44 -11.88 23.24
C ASP B 200 13.87 -11.35 24.58
N THR B 201 13.06 -10.30 24.52
CA THR B 201 12.54 -9.66 25.72
C THR B 201 11.55 -10.53 26.50
N THR B 202 11.11 -11.66 25.93
CA THR B 202 10.31 -12.61 26.69
C THR B 202 11.14 -13.48 27.60
N GLY B 203 12.43 -13.61 27.30
CA GLY B 203 13.28 -14.55 28.04
C GLY B 203 13.12 -16.01 27.64
N SER B 204 12.25 -16.32 26.68
CA SER B 204 11.96 -17.71 26.26
C SER B 204 12.80 -18.13 25.09
N ASN B 205 13.28 -19.37 25.12
CA ASN B 205 13.95 -19.91 23.97
C ASN B 205 12.98 -20.44 22.93
N TYR B 206 11.71 -20.66 23.30
CA TYR B 206 10.81 -21.36 22.45
C TYR B 206 9.44 -20.68 22.40
N PHE B 207 8.76 -20.89 21.28
CA PHE B 207 7.41 -20.39 21.04
C PHE B 207 6.56 -21.41 20.28
N ARG B 208 5.25 -21.30 20.48
CA ARG B 208 4.24 -22.01 19.71
C ARG B 208 2.93 -21.21 19.70
N ILE B 209 1.98 -21.64 18.88
CA ILE B 209 0.62 -21.16 18.91
C ILE B 209 0.50 -19.62 18.60
N PRO B 210 0.98 -19.20 17.43
CA PRO B 210 0.86 -17.80 17.06
C PRO B 210 -0.58 -17.40 16.72
N VAL B 211 -0.90 -16.14 17.01
CA VAL B 211 -2.17 -15.55 16.63
C VAL B 211 -1.92 -14.17 16.08
N LEU B 212 -2.56 -13.88 14.96
CA LEU B 212 -2.58 -12.55 14.37
C LEU B 212 -4.00 -11.99 14.37
N TYR B 213 -4.09 -10.68 14.58
CA TYR B 213 -5.38 -9.97 14.48
C TYR B 213 -5.10 -8.54 14.02
N THR B 214 -5.92 -8.03 13.12
CA THR B 214 -5.79 -6.64 12.70
C THR B 214 -6.93 -5.85 13.37
N PHE B 215 -6.56 -4.78 14.10
CA PHE B 215 -7.56 -3.91 14.72
C PHE B 215 -8.08 -2.83 13.76
N SER B 216 -9.23 -2.26 14.12
CA SER B 216 -9.96 -1.25 13.36
C SER B 216 -9.10 -0.05 13.05
N ASN B 217 -8.18 0.32 13.94
CA ASN B 217 -7.30 1.46 13.70
C ASN B 217 -6.04 1.17 12.81
N GLY B 218 -5.93 0.01 12.20
CA GLY B 218 -4.79 -0.31 11.33
C GLY B 218 -3.62 -1.04 11.98
N ARG B 219 -3.67 -1.23 13.31
CA ARG B 219 -2.60 -1.91 14.02
C ARG B 219 -2.72 -3.41 13.79
N VAL B 220 -1.59 -4.03 13.48
CA VAL B 220 -1.54 -5.48 13.38
C VAL B 220 -0.91 -6.02 14.65
N PHE B 221 -1.65 -6.90 15.33
CA PHE B 221 -1.32 -7.39 16.66
C PHE B 221 -1.06 -8.87 16.64
N SER B 222 -0.05 -9.32 17.39
CA SER B 222 0.21 -10.73 17.54
C SER B 222 0.28 -11.11 18.99
N SER B 223 -0.13 -12.35 19.24
CA SER B 223 0.17 -13.05 20.49
C SER B 223 0.67 -14.46 20.17
N ILE B 224 1.26 -15.08 21.18
CA ILE B 224 1.90 -16.38 21.01
C ILE B 224 2.16 -17.03 22.39
N ASP B 225 2.21 -18.37 22.45
CA ASP B 225 2.76 -19.03 23.62
C ASP B 225 4.28 -18.84 23.66
N ALA B 226 4.79 -18.29 24.77
CA ALA B 226 6.22 -18.34 25.08
C ALA B 226 6.41 -19.52 25.99
N ARG B 227 6.97 -20.60 25.43
CA ARG B 227 7.07 -21.87 26.12
C ARG B 227 8.51 -22.02 26.56
N TYR B 228 8.72 -22.03 27.86
CA TYR B 228 10.08 -21.90 28.40
C TYR B 228 10.80 -23.23 28.50
N GLY B 229 10.06 -24.28 28.89
CA GLY B 229 10.65 -25.60 29.09
C GLY B 229 10.49 -26.45 27.84
N GLY B 230 11.13 -26.03 26.77
CA GLY B 230 10.92 -26.62 25.46
C GLY B 230 9.52 -26.32 24.96
N THR B 231 9.08 -27.05 23.97
CA THR B 231 7.83 -26.76 23.27
C THR B 231 6.65 -27.63 23.72
N HIS B 232 6.85 -28.43 24.76
CA HIS B 232 5.80 -29.33 25.29
C HIS B 232 4.51 -28.54 25.56
N ASP B 233 3.37 -29.12 25.18
CA ASP B 233 2.03 -28.65 25.54
C ASP B 233 1.95 -28.61 27.05
N PHE B 234 2.35 -29.72 27.66
CA PHE B 234 2.37 -29.92 29.10
C PHE B 234 3.34 -31.06 29.50
N LEU B 235 3.81 -31.09 30.75
CA LEU B 235 3.73 -29.95 31.66
C LEU B 235 4.73 -28.94 31.17
N ASN B 236 4.46 -27.66 31.42
CA ASN B 236 5.40 -26.61 31.02
C ASN B 236 5.18 -25.32 31.85
N LYS B 237 6.04 -24.34 31.61
CA LYS B 237 5.86 -22.98 32.04
C LYS B 237 5.64 -22.19 30.76
N ILE B 238 4.45 -21.66 30.61
CA ILE B 238 4.05 -20.93 29.44
C ILE B 238 3.45 -19.58 29.85
N ASN B 239 3.86 -18.55 29.12
CA ASN B 239 3.27 -17.21 29.19
C ASN B 239 2.75 -16.90 27.81
N ILE B 240 1.82 -15.94 27.76
CA ILE B 240 1.40 -15.36 26.50
C ILE B 240 2.16 -14.04 26.33
N ALA B 241 2.89 -14.01 25.24
CA ALA B 241 3.65 -12.87 24.81
C ALA B 241 2.92 -12.19 23.68
N THR B 242 3.13 -10.88 23.54
CA THR B 242 2.55 -10.10 22.45
C THR B 242 3.56 -9.15 21.79
N SER B 243 3.22 -8.72 20.59
CA SER B 243 4.02 -7.78 19.78
C SER B 243 3.13 -7.22 18.70
N TYR B 244 3.34 -5.98 18.29
CA TYR B 244 2.43 -5.37 17.30
C TYR B 244 3.18 -4.53 16.33
N SER B 245 2.50 -4.25 15.22
CA SER B 245 3.11 -3.46 14.10
C SER B 245 2.14 -2.39 13.69
N ASP B 246 2.63 -1.16 13.58
CA ASP B 246 1.80 -0.05 13.08
C ASP B 246 2.18 0.34 11.64
N ASP B 247 2.97 -0.47 10.96
CA ASP B 247 3.30 -0.18 9.57
C ASP B 247 3.02 -1.41 8.68
N ASN B 248 1.84 -1.98 8.82
CA ASN B 248 1.43 -3.10 7.95
C ASN B 248 2.33 -4.33 8.01
N GLY B 249 2.88 -4.58 9.20
CA GLY B 249 3.68 -5.77 9.44
C GLY B 249 5.14 -5.68 9.09
N LYS B 250 5.61 -4.51 8.67
CA LYS B 250 7.01 -4.37 8.30
C LYS B 250 7.90 -4.39 9.53
N THR B 251 7.54 -3.68 10.60
CA THR B 251 8.32 -3.68 11.85
C THR B 251 7.39 -3.95 13.05
N TRP B 252 7.93 -4.60 14.05
CA TRP B 252 7.20 -5.09 15.19
C TRP B 252 7.85 -4.63 16.48
N THR B 253 7.05 -4.41 17.52
CA THR B 253 7.57 -4.07 18.83
C THR B 253 8.36 -5.21 19.43
N LYS B 254 9.28 -4.86 20.33
CA LYS B 254 9.92 -5.88 21.18
C LYS B 254 8.82 -6.61 21.97
N PRO B 255 8.86 -7.95 21.97
CA PRO B 255 7.77 -8.64 22.67
C PRO B 255 7.66 -8.32 24.15
N LYS B 256 6.42 -8.25 24.62
CA LYS B 256 6.08 -8.10 26.03
C LYS B 256 5.43 -9.37 26.58
N LEU B 257 5.65 -9.65 27.86
CA LEU B 257 4.88 -10.71 28.57
C LEU B 257 3.55 -10.13 28.99
N THR B 258 2.47 -10.62 28.41
CA THR B 258 1.16 -10.03 28.60
C THR B 258 0.31 -10.85 29.58
N LEU B 259 0.34 -12.19 29.49
CA LEU B 259 -0.21 -13.04 30.54
C LEU B 259 0.91 -13.97 31.03
N ALA B 260 1.28 -13.80 32.30
CA ALA B 260 2.42 -14.51 32.84
C ALA B 260 2.24 -14.73 34.32
N PHE B 261 2.58 -15.93 34.77
CA PHE B 261 2.75 -16.17 36.17
C PHE B 261 4.23 -16.02 36.56
N ASP B 262 4.49 -15.69 37.80
CA ASP B 262 5.87 -15.50 38.24
C ASP B 262 6.33 -16.45 39.34
N ASP B 263 5.63 -17.59 39.49
CA ASP B 263 6.10 -18.70 40.34
C ASP B 263 7.39 -19.31 39.86
N PHE B 264 7.62 -19.23 38.55
CA PHE B 264 8.88 -19.63 37.87
C PHE B 264 9.37 -18.44 37.07
N ALA B 265 10.68 -18.22 37.11
CA ALA B 265 11.32 -17.20 36.34
C ALA B 265 11.24 -17.50 34.84
N PRO B 266 10.99 -16.46 34.04
CA PRO B 266 10.96 -16.62 32.57
C PRO B 266 12.36 -16.54 31.97
N VAL B 267 13.02 -17.68 31.91
CA VAL B 267 14.44 -17.70 31.61
C VAL B 267 14.74 -18.60 30.42
N PRO B 268 15.80 -18.26 29.67
CA PRO B 268 16.15 -19.08 28.51
C PRO B 268 16.77 -20.37 28.99
N LEU B 269 16.17 -21.47 28.59
CA LEU B 269 16.57 -22.80 29.02
C LEU B 269 17.01 -23.60 27.79
N GLU B 270 18.12 -24.32 27.92
CA GLU B 270 18.61 -25.20 26.85
C GLU B 270 17.95 -26.57 27.01
N TRP B 271 16.77 -26.73 26.43
CA TRP B 271 16.03 -27.97 26.62
C TRP B 271 16.67 -29.06 25.77
N PRO B 272 16.89 -30.24 26.38
CA PRO B 272 17.58 -31.28 25.62
C PRO B 272 16.74 -31.82 24.49
N ARG B 273 17.37 -32.15 23.38
CA ARG B 273 16.73 -32.73 22.23
C ARG B 273 17.07 -34.22 22.03
N GLU B 274 17.93 -34.81 22.86
CA GLU B 274 18.25 -36.22 22.75
C GLU B 274 17.01 -37.03 23.04
N VAL B 275 16.92 -38.19 22.40
CA VAL B 275 15.99 -39.22 22.82
C VAL B 275 16.03 -39.37 24.34
N GLY B 276 14.87 -39.46 24.97
CA GLY B 276 14.84 -39.62 26.43
C GLY B 276 14.79 -38.28 27.12
N GLY B 277 15.92 -37.57 27.10
CA GLY B 277 16.01 -36.22 27.64
C GLY B 277 14.91 -35.26 27.12
N ARG B 278 14.55 -35.35 25.84
CA ARG B 278 13.56 -34.45 25.26
C ARG B 278 12.19 -34.60 25.91
N ASP B 279 11.92 -35.74 26.57
CA ASP B 279 10.64 -35.95 27.28
C ASP B 279 10.54 -35.22 28.61
N LEU B 280 11.67 -34.76 29.13
CA LEU B 280 11.69 -34.01 30.39
C LEU B 280 10.80 -32.75 30.31
N GLN B 281 10.13 -32.48 31.42
CA GLN B 281 9.22 -31.34 31.54
C GLN B 281 9.42 -30.48 32.77
N ILE B 282 9.18 -29.17 32.62
CA ILE B 282 8.97 -28.32 33.81
C ILE B 282 7.65 -28.72 34.42
N SER B 283 7.67 -29.19 35.66
CA SER B 283 6.45 -29.76 36.20
C SER B 283 5.67 -28.94 37.22
N GLY B 284 6.32 -27.99 37.89
CA GLY B 284 5.69 -27.28 39.03
C GLY B 284 5.25 -25.81 38.82
N GLY B 285 4.99 -25.42 37.56
CA GLY B 285 4.69 -24.01 37.15
C GLY B 285 3.31 -23.73 36.58
N ALA B 286 2.71 -22.68 37.11
CA ALA B 286 1.42 -22.15 36.61
C ALA B 286 1.57 -21.65 35.16
N THR B 287 0.52 -21.82 34.38
CA THR B 287 0.64 -21.63 32.93
C THR B 287 -0.59 -20.91 32.35
N TYR B 288 -0.30 -20.03 31.40
CA TYR B 288 -1.29 -19.58 30.43
C TYR B 288 -0.93 -20.23 29.09
N ILE B 289 -1.94 -20.68 28.37
CA ILE B 289 -1.73 -21.40 27.12
C ILE B 289 -2.91 -21.21 26.15
N ASP B 290 -2.61 -21.06 24.86
CA ASP B 290 -3.60 -21.07 23.76
C ASP B 290 -4.45 -19.82 23.75
N SER B 291 -3.95 -18.77 23.11
CA SER B 291 -4.64 -17.49 23.13
C SER B 291 -5.70 -17.35 22.04
N VAL B 292 -6.70 -16.50 22.33
CA VAL B 292 -7.70 -16.10 21.35
C VAL B 292 -7.91 -14.60 21.48
N ILE B 293 -7.97 -13.90 20.35
CA ILE B 293 -8.19 -12.47 20.31
C ILE B 293 -9.49 -12.10 19.56
N VAL B 294 -10.18 -11.08 20.07
CA VAL B 294 -11.25 -10.46 19.31
C VAL B 294 -11.37 -8.96 19.67
N GLU B 295 -11.72 -8.14 18.68
CA GLU B 295 -12.01 -6.74 18.87
C GLU B 295 -13.53 -6.55 18.92
N LYS B 296 -14.01 -5.92 20.00
CA LYS B 296 -15.44 -5.66 20.17
C LYS B 296 -15.89 -4.49 19.30
N LYS B 297 -17.21 -4.35 19.14
CA LYS B 297 -17.78 -3.24 18.39
C LYS B 297 -17.26 -1.89 18.86
N ASN B 298 -17.14 -1.72 20.16
CA ASN B 298 -16.64 -0.45 20.71
C ASN B 298 -15.11 -0.25 20.66
N LYS B 299 -14.40 -1.15 20.01
CA LYS B 299 -12.93 -1.08 19.81
C LYS B 299 -12.10 -1.54 21.02
N GLN B 300 -12.75 -1.93 22.11
CA GLN B 300 -12.06 -2.62 23.16
C GLN B 300 -11.57 -3.98 22.59
N VAL B 301 -10.37 -4.39 22.99
CA VAL B 301 -9.81 -5.68 22.57
C VAL B 301 -9.84 -6.63 23.77
N LEU B 302 -10.31 -7.87 23.53
CA LEU B 302 -10.25 -8.98 24.46
C LEU B 302 -9.19 -9.99 24.01
N MET B 303 -8.40 -10.48 24.96
CA MET B 303 -7.58 -11.67 24.77
C MET B 303 -7.96 -12.69 25.82
N PHE B 304 -8.26 -13.91 25.37
CA PHE B 304 -8.55 -15.08 26.21
C PHE B 304 -7.35 -16.00 26.19
N ALA B 305 -7.16 -16.76 27.29
CA ALA B 305 -6.22 -17.87 27.32
C ALA B 305 -6.68 -18.92 28.32
N ASP B 306 -6.25 -20.15 28.12
CA ASP B 306 -6.49 -21.18 29.10
C ASP B 306 -5.55 -20.90 30.31
N VAL B 307 -6.00 -21.22 31.52
CA VAL B 307 -5.19 -21.07 32.71
C VAL B 307 -5.05 -22.46 33.33
N MET B 308 -3.82 -22.87 33.60
CA MET B 308 -3.53 -24.12 34.31
C MET B 308 -2.74 -23.81 35.57
N PRO B 309 -3.26 -24.20 36.74
CA PRO B 309 -2.44 -24.13 37.95
C PRO B 309 -1.23 -25.01 37.82
N ALA B 310 -0.27 -24.75 38.69
CA ALA B 310 0.93 -25.56 38.70
C ALA B 310 0.55 -27.02 38.83
N GLY B 311 1.12 -27.88 37.99
CA GLY B 311 0.94 -29.35 38.09
C GLY B 311 -0.30 -29.84 37.35
N VAL B 312 -1.03 -28.95 36.66
CA VAL B 312 -2.24 -29.32 35.94
C VAL B 312 -2.03 -29.19 34.43
N SER B 313 -2.66 -30.04 33.66
CA SER B 313 -2.74 -29.84 32.23
C SER B 313 -4.00 -30.39 31.65
N PHE B 314 -4.12 -30.33 30.32
CA PHE B 314 -5.17 -31.04 29.61
C PHE B 314 -5.30 -32.51 30.04
N ARG B 315 -4.17 -33.21 30.22
CA ARG B 315 -4.18 -34.59 30.74
C ARG B 315 -4.60 -34.73 32.22
N GLU B 316 -4.07 -33.89 33.10
CA GLU B 316 -4.29 -34.04 34.56
C GLU B 316 -5.59 -33.38 35.11
N ALA B 317 -6.09 -32.38 34.45
CA ALA B 317 -7.24 -31.64 34.99
C ALA B 317 -8.46 -32.51 35.38
N THR B 318 -9.03 -32.30 36.57
CA THR B 318 -10.28 -32.98 36.94
C THR B 318 -11.41 -32.43 36.08
N ARG B 319 -12.21 -33.35 35.57
CA ARG B 319 -13.29 -33.02 34.68
C ARG B 319 -14.61 -32.82 35.43
N LYS B 320 -14.61 -33.05 36.74
CA LYS B 320 -15.84 -33.11 37.53
C LYS B 320 -15.99 -31.98 38.50
N ASP B 321 -15.17 -30.95 38.39
CA ASP B 321 -15.27 -29.85 39.34
C ASP B 321 -14.84 -28.59 38.60
N SER B 322 -15.75 -27.62 38.53
CA SER B 322 -15.51 -26.33 37.90
C SER B 322 -14.50 -25.45 38.64
N GLY B 323 -14.32 -25.69 39.93
CA GLY B 323 -13.56 -24.80 40.76
C GLY B 323 -14.36 -23.65 41.31
N TYR B 324 -15.67 -23.68 41.09
CA TYR B 324 -16.56 -22.66 41.63
C TYR B 324 -17.60 -23.26 42.57
N LYS B 325 -18.09 -22.44 43.50
CA LYS B 325 -19.31 -22.73 44.26
C LYS B 325 -20.39 -21.72 43.86
N GLN B 326 -21.64 -22.08 44.08
CA GLN B 326 -22.75 -21.17 43.91
C GLN B 326 -23.33 -20.86 45.29
N ILE B 327 -23.27 -19.59 45.67
CA ILE B 327 -23.76 -19.12 46.97
C ILE B 327 -24.66 -17.92 46.70
N ASP B 328 -25.89 -17.97 47.20
CA ASP B 328 -26.90 -16.93 46.95
C ASP B 328 -27.05 -16.58 45.47
N GLY B 329 -27.07 -17.59 44.62
CA GLY B 329 -27.16 -17.36 43.18
C GLY B 329 -25.89 -16.83 42.49
N ASN B 330 -24.81 -16.51 43.22
CA ASN B 330 -23.57 -16.01 42.60
C ASN B 330 -22.54 -17.11 42.53
N TYR B 331 -21.68 -17.04 41.52
CA TYR B 331 -20.64 -18.03 41.35
C TYR B 331 -19.37 -17.45 41.89
N TYR B 332 -18.74 -18.14 42.84
CA TYR B 332 -17.49 -17.67 43.41
C TYR B 332 -16.42 -18.73 43.25
N LEU B 333 -15.23 -18.29 42.93
CA LEU B 333 -14.11 -19.21 42.83
C LEU B 333 -13.83 -19.75 44.26
N LYS B 334 -13.68 -21.07 44.36
CA LYS B 334 -13.44 -21.68 45.66
C LYS B 334 -11.98 -22.01 45.91
N LEU B 335 -11.64 -22.14 47.19
CA LEU B 335 -10.24 -22.32 47.62
C LEU B 335 -10.15 -23.35 48.69
N ARG B 336 -9.05 -24.11 48.69
CA ARG B 336 -8.72 -24.99 49.79
C ARG B 336 -7.49 -24.49 50.50
N LYS B 337 -7.60 -24.39 51.83
CA LYS B 337 -6.49 -23.96 52.64
C LYS B 337 -5.63 -25.14 52.99
N GLN B 338 -4.33 -24.91 53.05
CA GLN B 338 -3.39 -25.96 53.42
C GLN B 338 -3.81 -26.59 54.73
N GLY B 339 -3.75 -27.91 54.79
CA GLY B 339 -4.19 -28.64 55.97
C GLY B 339 -5.62 -29.11 55.85
N ASP B 340 -6.47 -28.46 55.05
CA ASP B 340 -7.86 -28.92 54.86
C ASP B 340 -7.99 -29.97 53.77
N THR B 341 -9.03 -30.80 53.89
CA THR B 341 -9.38 -31.72 52.80
C THR B 341 -10.50 -31.12 51.94
N ASP B 342 -11.40 -30.34 52.51
CA ASP B 342 -12.46 -29.72 51.75
C ASP B 342 -12.03 -28.36 51.28
N TYR B 343 -12.74 -27.85 50.27
CA TYR B 343 -12.65 -26.45 49.84
C TYR B 343 -13.65 -25.63 50.69
N ASN B 344 -13.14 -25.00 51.74
CA ASN B 344 -13.98 -24.29 52.70
C ASN B 344 -14.08 -22.77 52.52
N TYR B 345 -13.55 -22.28 51.42
CA TYR B 345 -13.42 -20.86 51.20
C TYR B 345 -13.81 -20.46 49.79
N THR B 346 -14.25 -19.20 49.66
CA THR B 346 -14.60 -18.59 48.40
C THR B 346 -14.04 -17.16 48.34
N ILE B 347 -13.67 -16.75 47.12
CA ILE B 347 -13.31 -15.39 46.85
C ILE B 347 -14.59 -14.64 46.50
N ARG B 348 -15.01 -13.70 47.37
CA ARG B 348 -16.24 -12.95 47.11
C ARG B 348 -15.96 -11.50 46.74
N GLU B 349 -16.88 -10.59 47.01
CA GLU B 349 -16.76 -9.20 46.62
C GLU B 349 -15.43 -8.59 47.10
N ASN B 350 -14.83 -7.80 46.19
CA ASN B 350 -13.56 -7.10 46.40
C ASN B 350 -12.38 -8.03 46.63
N GLY B 351 -12.52 -9.29 46.23
CA GLY B 351 -11.51 -10.27 46.49
C GLY B 351 -11.41 -10.80 47.92
N THR B 352 -12.37 -10.46 48.77
CA THR B 352 -12.35 -10.90 50.17
C THR B 352 -12.57 -12.43 50.21
N VAL B 353 -11.68 -13.14 50.91
CA VAL B 353 -11.83 -14.58 51.11
C VAL B 353 -12.77 -14.80 52.29
N TYR B 354 -13.87 -15.49 52.01
CA TYR B 354 -14.86 -15.89 53.04
C TYR B 354 -14.63 -17.32 53.43
N ASP B 355 -14.91 -17.62 54.71
CA ASP B 355 -15.04 -18.99 55.19
C ASP B 355 -16.51 -19.35 54.98
N ASP B 356 -16.75 -20.36 54.13
CA ASP B 356 -18.10 -20.73 53.74
C ASP B 356 -18.81 -21.48 54.86
N ARG B 357 -18.07 -22.01 55.82
CA ARG B 357 -18.69 -22.67 56.98
C ARG B 357 -19.38 -21.68 57.95
N THR B 358 -18.79 -20.50 58.11
CA THR B 358 -19.32 -19.43 58.94
C THR B 358 -19.89 -18.27 58.13
N ASN B 359 -19.63 -18.24 56.82
CA ASN B 359 -20.17 -17.21 55.94
C ASN B 359 -19.72 -15.80 56.39
N ARG B 360 -18.44 -15.69 56.76
CA ARG B 360 -17.86 -14.46 57.27
C ARG B 360 -16.58 -14.21 56.54
N PRO B 361 -16.18 -12.93 56.43
CA PRO B 361 -14.86 -12.66 55.84
C PRO B 361 -13.70 -13.12 56.73
N THR B 362 -12.62 -13.59 56.11
CA THR B 362 -11.36 -13.92 56.81
C THR B 362 -10.45 -12.69 56.79
N GLU B 363 -9.24 -12.85 57.31
CA GLU B 363 -8.17 -11.89 57.15
C GLU B 363 -7.56 -11.83 55.75
N PHE B 364 -7.97 -12.74 54.87
CA PHE B 364 -7.31 -12.94 53.60
C PHE B 364 -8.14 -12.35 52.47
N SER B 365 -7.41 -11.94 51.43
CA SER B 365 -7.99 -11.44 50.20
C SER B 365 -7.12 -11.80 49.03
N VAL B 366 -7.74 -11.80 47.86
CA VAL B 366 -7.07 -12.12 46.62
C VAL B 366 -7.25 -10.93 45.71
N ASP B 367 -6.14 -10.35 45.26
CA ASP B 367 -6.18 -9.20 44.34
C ASP B 367 -6.54 -9.67 42.92
N LYS B 368 -6.64 -8.72 42.01
CA LYS B 368 -7.19 -8.97 40.68
C LYS B 368 -6.26 -9.80 39.79
N ASN B 369 -4.98 -9.90 40.15
CA ASN B 369 -3.99 -10.77 39.52
C ASN B 369 -3.69 -12.02 40.31
N PHE B 370 -4.63 -12.42 41.17
CA PHE B 370 -4.64 -13.69 41.86
C PHE B 370 -3.67 -13.80 43.04
N GLY B 371 -3.08 -12.66 43.47
CA GLY B 371 -2.16 -12.61 44.58
C GLY B 371 -2.87 -12.58 45.92
N ILE B 372 -2.30 -13.24 46.92
CA ILE B 372 -2.93 -13.40 48.22
C ILE B 372 -2.37 -12.39 49.24
N LYS B 373 -3.28 -11.71 49.95
CA LYS B 373 -2.92 -10.78 51.02
C LYS B 373 -3.53 -11.26 52.30
N GLN B 374 -2.84 -10.99 53.41
CA GLN B 374 -3.35 -11.20 54.74
C GLN B 374 -3.27 -9.88 55.49
N ASN B 375 -4.41 -9.44 56.06
CA ASN B 375 -4.53 -8.11 56.65
C ASN B 375 -3.99 -6.97 55.79
N GLY B 376 -4.26 -7.05 54.49
CA GLY B 376 -3.81 -6.00 53.60
C GLY B 376 -2.37 -6.10 53.12
N ASN B 377 -1.57 -7.03 53.66
CA ASN B 377 -0.19 -7.23 53.27
C ASN B 377 -0.02 -8.50 52.42
N TYR B 378 0.72 -8.40 51.33
CA TYR B 378 0.99 -9.55 50.46
C TYR B 378 1.72 -10.67 51.16
N LEU B 379 1.24 -11.90 51.02
CA LEU B 379 2.03 -13.05 51.36
C LEU B 379 2.94 -13.34 50.18
N THR B 380 4.05 -14.00 50.45
CA THR B 380 5.02 -14.28 49.41
C THR B 380 5.44 -15.72 49.50
N VAL B 381 5.99 -16.17 48.38
CA VAL B 381 6.66 -17.45 48.23
C VAL B 381 7.92 -17.20 47.40
N GLU B 382 8.82 -18.16 47.44
CA GLU B 382 10.03 -18.04 46.69
C GLU B 382 9.83 -18.61 45.27
N GLN B 383 10.34 -17.87 44.30
CA GLN B 383 10.30 -18.26 42.91
C GLN B 383 11.22 -19.40 42.62
N TYR B 384 10.86 -20.20 41.61
CA TYR B 384 11.68 -21.28 41.08
C TYR B 384 12.42 -20.90 39.81
N SER B 385 13.65 -21.37 39.70
CA SER B 385 14.38 -21.42 38.46
C SER B 385 14.59 -22.90 38.11
N VAL B 386 15.04 -23.16 36.88
CA VAL B 386 15.30 -24.48 36.38
C VAL B 386 16.74 -24.49 35.93
N SER B 387 17.43 -25.62 36.16
CA SER B 387 18.80 -25.80 35.72
C SER B 387 19.08 -27.27 35.34
N PHE B 388 20.15 -27.42 34.55
CA PHE B 388 20.70 -28.69 34.01
C PHE B 388 22.12 -28.97 34.44
N GLU B 389 22.52 -30.24 34.46
CA GLU B 389 23.84 -30.64 35.01
C GLU B 389 24.32 -31.98 34.44
N ASN B 390 23.80 -33.10 34.93
CA ASN B 390 24.26 -34.44 34.53
C ASN B 390 23.37 -34.99 33.42
N ASN B 391 23.05 -34.12 32.45
CA ASN B 391 21.80 -34.24 31.68
C ASN B 391 20.58 -34.34 32.60
N LYS B 392 20.67 -33.69 33.76
CA LYS B 392 19.76 -33.86 34.89
C LYS B 392 19.09 -32.50 35.17
N LYS B 393 17.77 -32.51 35.29
CA LYS B 393 17.03 -31.27 35.48
C LYS B 393 16.76 -31.02 36.95
N THR B 394 16.91 -29.77 37.40
CA THR B 394 16.59 -29.40 38.76
C THR B 394 15.67 -28.17 38.75
N GLU B 395 14.64 -28.17 39.57
CA GLU B 395 13.86 -26.99 39.81
C GLU B 395 14.15 -26.56 41.23
N TYR B 396 14.59 -25.30 41.42
CA TYR B 396 15.13 -24.85 42.71
C TYR B 396 14.65 -23.46 43.04
N ARG B 397 14.49 -23.21 44.33
CA ARG B 397 14.19 -21.87 44.82
C ARG B 397 15.35 -20.94 44.59
N ASN B 398 15.07 -19.79 43.99
CA ASN B 398 16.11 -18.99 43.37
C ASN B 398 16.45 -17.65 44.07
N GLY B 399 15.90 -17.45 45.26
CA GLY B 399 16.17 -16.20 46.04
C GLY B 399 15.20 -15.03 45.77
N THR B 400 14.43 -15.07 44.68
CA THR B 400 13.40 -14.05 44.44
C THR B 400 12.11 -14.33 45.22
N LYS B 401 11.55 -13.29 45.84
CA LYS B 401 10.26 -13.40 46.53
C LYS B 401 9.19 -12.83 45.62
N VAL B 402 8.15 -13.60 45.36
CA VAL B 402 7.03 -13.15 44.56
C VAL B 402 5.76 -13.29 45.42
N HIS B 403 4.70 -12.62 44.97
CA HIS B 403 3.43 -12.72 45.67
C HIS B 403 2.92 -14.14 45.61
N MET B 404 2.47 -14.63 46.75
CA MET B 404 1.78 -15.91 46.79
C MET B 404 0.54 -15.75 45.93
N ASN B 405 0.22 -16.79 45.19
CA ASN B 405 -0.79 -16.75 44.16
C ASN B 405 -1.57 -18.05 44.24
N ILE B 406 -2.88 -17.96 44.05
CA ILE B 406 -3.77 -19.12 44.21
C ILE B 406 -3.55 -20.24 43.20
N PHE B 407 -2.88 -19.93 42.08
CA PHE B 407 -2.48 -20.92 41.08
C PHE B 407 -1.14 -21.63 41.31
N TYR B 408 -0.45 -21.33 42.40
CA TYR B 408 0.88 -21.86 42.61
C TYR B 408 0.83 -23.08 43.50
N LYS B 409 1.86 -23.91 43.38
CA LYS B 409 1.96 -25.08 44.24
C LYS B 409 2.32 -24.72 45.68
N ASP B 410 2.96 -23.58 45.94
CA ASP B 410 3.32 -23.21 47.32
C ASP B 410 2.28 -22.33 48.02
N ALA B 411 1.07 -22.23 47.50
CA ALA B 411 0.11 -21.30 48.09
C ALA B 411 -0.58 -21.89 49.32
N LEU B 412 -0.84 -21.02 50.30
CA LEU B 412 -1.65 -21.30 51.47
C LEU B 412 -3.14 -21.61 51.12
N PHE B 413 -3.65 -20.95 50.08
CA PHE B 413 -4.99 -21.18 49.52
C PHE B 413 -4.82 -21.51 48.03
N LYS B 414 -5.46 -22.59 47.60
CA LYS B 414 -5.30 -23.11 46.25
C LYS B 414 -6.64 -23.36 45.58
N VAL B 415 -6.66 -23.10 44.29
CA VAL B 415 -7.77 -23.49 43.46
C VAL B 415 -7.81 -24.98 43.21
N VAL B 416 -8.98 -25.44 42.80
CA VAL B 416 -9.16 -26.80 42.28
C VAL B 416 -8.18 -27.03 41.13
N PRO B 417 -7.53 -28.22 41.13
CA PRO B 417 -6.58 -28.50 40.06
C PRO B 417 -7.28 -28.90 38.76
N THR B 418 -7.76 -27.88 38.06
CA THR B 418 -8.41 -28.04 36.78
C THR B 418 -8.04 -26.83 35.92
N ASN B 419 -8.51 -26.83 34.68
CA ASN B 419 -8.25 -25.76 33.74
C ASN B 419 -9.33 -24.70 33.87
N TYR B 420 -8.96 -23.46 33.57
CA TYR B 420 -9.88 -22.35 33.59
C TYR B 420 -9.63 -21.55 32.28
N ILE B 421 -10.47 -20.58 32.03
CA ILE B 421 -10.25 -19.62 30.96
C ILE B 421 -10.23 -18.23 31.59
N ALA B 422 -9.25 -17.42 31.24
CA ALA B 422 -9.21 -16.02 31.63
C ALA B 422 -9.29 -15.13 30.41
N TYR B 423 -9.81 -13.92 30.61
CA TYR B 423 -9.68 -12.87 29.62
C TYR B 423 -9.25 -11.56 30.21
N ILE B 424 -8.52 -10.80 29.39
CA ILE B 424 -8.14 -9.44 29.70
C ILE B 424 -8.63 -8.53 28.58
N SER B 425 -8.77 -7.24 28.90
CA SER B 425 -9.24 -6.26 27.92
C SER B 425 -8.30 -5.07 27.85
N SER B 426 -8.22 -4.48 26.66
CA SER B 426 -7.42 -3.30 26.40
C SER B 426 -8.26 -2.20 25.77
N ASN B 427 -8.10 -0.99 26.28
CA ASN B 427 -8.75 0.17 25.65
C ASN B 427 -7.84 1.00 24.78
N ASP B 428 -6.61 0.57 24.54
CA ASP B 428 -5.68 1.34 23.71
C ASP B 428 -5.05 0.43 22.67
N HIS B 429 -5.84 -0.53 22.19
CA HIS B 429 -5.40 -1.47 21.17
C HIS B 429 -4.12 -2.24 21.48
N GLY B 430 -4.05 -2.81 22.67
CA GLY B 430 -2.98 -3.68 23.01
C GLY B 430 -1.77 -3.09 23.67
N GLU B 431 -1.77 -1.79 23.94
CA GLU B 431 -0.63 -1.21 24.66
C GLU B 431 -0.64 -1.50 26.13
N SER B 432 -1.84 -1.52 26.73
CA SER B 432 -1.96 -1.86 28.12
C SER B 432 -3.22 -2.67 28.25
N TRP B 433 -3.26 -3.43 29.35
CA TRP B 433 -4.31 -4.43 29.57
C TRP B 433 -4.86 -4.36 30.99
N SER B 434 -6.12 -4.73 31.13
CA SER B 434 -6.72 -4.89 32.46
C SER B 434 -6.13 -6.11 33.15
N ALA B 435 -6.47 -6.22 34.44
CA ALA B 435 -6.28 -7.47 35.16
C ALA B 435 -7.16 -8.57 34.54
N PRO B 436 -6.79 -9.84 34.74
CA PRO B 436 -7.61 -10.95 34.22
C PRO B 436 -8.95 -11.16 34.95
N THR B 437 -9.91 -11.68 34.20
CA THR B 437 -11.18 -12.17 34.71
C THR B 437 -11.26 -13.64 34.34
N LEU B 438 -11.55 -14.51 35.31
CA LEU B 438 -11.83 -15.90 35.00
C LEU B 438 -13.25 -16.03 34.50
N LEU B 439 -13.46 -16.81 33.44
CA LEU B 439 -14.82 -17.09 33.03
C LEU B 439 -15.57 -17.77 34.13
N PRO B 440 -16.87 -17.42 34.30
CA PRO B 440 -17.71 -18.18 35.23
C PRO B 440 -17.85 -19.62 34.72
N PRO B 441 -18.40 -20.52 35.56
CA PRO B 441 -18.50 -21.92 35.25
C PRO B 441 -19.63 -22.23 34.24
N ILE B 442 -19.48 -21.70 33.04
CA ILE B 442 -20.50 -21.85 32.00
C ILE B 442 -20.78 -23.29 31.55
N MET B 443 -19.84 -24.21 31.73
CA MET B 443 -20.13 -25.62 31.49
C MET B 443 -20.94 -26.32 32.59
N GLY B 444 -21.21 -25.64 33.72
CA GLY B 444 -21.87 -26.23 34.89
C GLY B 444 -20.87 -26.24 36.03
N LEU B 445 -21.37 -26.33 37.24
CA LEU B 445 -20.52 -26.38 38.43
C LEU B 445 -19.66 -27.63 38.51
N ASN B 446 -20.13 -28.72 37.90
CA ASN B 446 -19.47 -30.04 38.00
C ASN B 446 -18.79 -30.45 36.71
N ARG B 447 -18.39 -29.46 35.91
CA ARG B 447 -17.56 -29.69 34.76
C ARG B 447 -16.42 -28.67 34.74
N ASN B 448 -15.29 -29.09 34.20
CA ASN B 448 -14.23 -28.17 33.94
C ASN B 448 -14.60 -27.21 32.80
N ALA B 449 -13.86 -26.12 32.72
CA ALA B 449 -13.94 -25.19 31.63
C ALA B 449 -13.53 -25.85 30.31
N PRO B 450 -14.01 -25.28 29.21
CA PRO B 450 -13.50 -25.71 27.93
C PRO B 450 -12.05 -25.29 27.69
N TYR B 451 -11.49 -25.86 26.64
CA TYR B 451 -10.18 -25.52 26.11
C TYR B 451 -10.37 -24.64 24.87
N LEU B 452 -9.69 -23.51 24.82
CA LEU B 452 -9.83 -22.59 23.71
C LEU B 452 -9.24 -23.12 22.41
N GLY B 453 -9.89 -22.75 21.30
CA GLY B 453 -9.40 -23.01 19.95
C GLY B 453 -8.58 -21.80 19.53
N PRO B 454 -7.23 -21.94 19.47
CA PRO B 454 -6.41 -20.75 19.26
C PRO B 454 -6.64 -20.07 17.92
N GLY B 455 -6.59 -18.75 17.96
CA GLY B 455 -6.87 -17.92 16.82
C GLY B 455 -7.69 -16.73 17.25
N ARG B 456 -8.74 -16.45 16.51
CA ARG B 456 -9.58 -15.29 16.81
C ARG B 456 -10.99 -15.72 17.15
N GLY B 457 -11.71 -14.77 17.73
CA GLY B 457 -13.15 -14.84 17.83
C GLY B 457 -13.75 -13.93 16.77
N ILE B 458 -15.07 -13.92 16.64
CA ILE B 458 -15.72 -13.00 15.70
C ILE B 458 -16.92 -12.31 16.33
N ILE B 459 -17.35 -11.25 15.67
CA ILE B 459 -18.62 -10.62 15.99
C ILE B 459 -19.55 -10.94 14.82
N GLU B 460 -20.64 -11.64 15.06
CA GLU B 460 -21.58 -11.94 13.97
C GLU B 460 -22.34 -10.64 13.66
N SER B 461 -22.49 -10.31 12.38
CA SER B 461 -22.89 -8.98 11.98
C SER B 461 -24.36 -8.61 12.25
N SER B 462 -25.29 -9.54 12.10
CA SER B 462 -26.70 -9.20 12.23
C SER B 462 -27.14 -9.02 13.70
N THR B 463 -26.56 -9.79 14.62
CA THR B 463 -26.98 -9.72 16.02
C THR B 463 -25.95 -9.05 16.91
N GLY B 464 -24.71 -8.92 16.45
CA GLY B 464 -23.65 -8.41 17.30
C GLY B 464 -23.16 -9.42 18.33
N ARG B 465 -23.56 -10.69 18.18
CA ARG B 465 -23.12 -11.72 19.13
C ARG B 465 -21.61 -11.95 19.00
N ILE B 466 -20.91 -11.98 20.13
CA ILE B 466 -19.50 -12.31 20.17
C ILE B 466 -19.37 -13.83 20.33
N LEU B 467 -18.54 -14.47 19.51
CA LEU B 467 -18.35 -15.91 19.56
C LEU B 467 -16.87 -16.26 19.74
N ILE B 468 -16.61 -17.15 20.69
CA ILE B 468 -15.25 -17.57 21.05
C ILE B 468 -15.23 -19.09 20.91
N PRO B 469 -14.32 -19.64 20.08
CA PRO B 469 -14.31 -21.09 19.83
C PRO B 469 -13.57 -21.82 20.93
N SER B 470 -14.16 -22.93 21.38
CA SER B 470 -13.51 -23.80 22.34
C SER B 470 -14.02 -25.22 22.16
N TYR B 471 -13.45 -26.14 22.93
CA TYR B 471 -13.75 -27.60 22.80
C TYR B 471 -13.48 -28.31 24.13
N THR B 472 -14.07 -29.48 24.30
CA THR B 472 -13.90 -30.25 25.52
C THR B 472 -13.14 -31.56 25.37
N GLY B 473 -12.95 -32.02 24.14
CA GLY B 473 -12.41 -33.35 23.86
C GLY B 473 -13.47 -34.28 23.33
N LYS B 474 -14.73 -34.05 23.67
CA LYS B 474 -15.87 -34.76 23.07
C LYS B 474 -16.91 -33.86 22.40
N GLU B 475 -16.87 -32.55 22.67
CA GLU B 475 -17.87 -31.62 22.19
C GLU B 475 -17.21 -30.38 21.66
N SER B 476 -17.95 -29.65 20.83
CA SER B 476 -17.61 -28.27 20.53
C SER B 476 -18.26 -27.39 21.60
N ALA B 477 -17.58 -26.33 22.00
CA ALA B 477 -18.16 -25.35 22.93
C ALA B 477 -18.02 -23.97 22.38
N PHE B 478 -19.11 -23.43 21.88
CA PHE B 478 -19.11 -22.10 21.32
C PHE B 478 -19.55 -21.14 22.40
N ILE B 479 -18.58 -20.44 22.94
CA ILE B 479 -18.75 -19.47 24.00
C ILE B 479 -19.24 -18.18 23.35
N TYR B 480 -20.23 -17.51 23.94
CA TYR B 480 -20.78 -16.34 23.29
C TYR B 480 -21.35 -15.32 24.26
N SER B 481 -21.44 -14.07 23.81
CA SER B 481 -22.09 -13.03 24.62
C SER B 481 -23.02 -12.23 23.73
N ASP B 482 -24.24 -12.03 24.23
CA ASP B 482 -25.23 -11.20 23.56
C ASP B 482 -25.38 -9.84 24.21
N ASP B 483 -24.48 -9.45 25.09
CA ASP B 483 -24.53 -8.15 25.73
C ASP B 483 -23.17 -7.47 25.65
N ASN B 484 -22.52 -7.56 24.49
CA ASN B 484 -21.25 -6.90 24.22
C ASN B 484 -20.19 -7.29 25.26
N GLY B 485 -20.23 -8.56 25.67
CA GLY B 485 -19.18 -9.10 26.52
C GLY B 485 -19.29 -8.80 27.99
N ALA B 486 -20.46 -8.39 28.45
CA ALA B 486 -20.70 -8.27 29.88
C ALA B 486 -20.93 -9.64 30.52
N SER B 487 -21.62 -10.55 29.86
CA SER B 487 -21.82 -11.90 30.40
C SER B 487 -21.68 -12.92 29.27
N TRP B 488 -21.36 -14.15 29.65
CA TRP B 488 -20.97 -15.19 28.70
C TRP B 488 -21.80 -16.43 28.87
N LYS B 489 -22.14 -17.06 27.75
CA LYS B 489 -22.89 -18.31 27.72
C LYS B 489 -22.20 -19.29 26.80
N VAL B 490 -22.76 -20.48 26.62
CA VAL B 490 -22.12 -21.48 25.77
C VAL B 490 -23.13 -22.38 25.09
N LYS B 491 -22.82 -22.75 23.83
CA LYS B 491 -23.54 -23.82 23.12
C LYS B 491 -22.63 -25.01 22.99
N VAL B 492 -23.06 -26.10 23.60
CA VAL B 492 -22.28 -27.32 23.65
C VAL B 492 -22.83 -28.24 22.61
N VAL B 493 -21.99 -28.66 21.66
CA VAL B 493 -22.46 -29.48 20.56
C VAL B 493 -21.68 -30.78 20.58
N PRO B 494 -22.35 -31.91 20.89
CA PRO B 494 -21.65 -33.21 20.84
C PRO B 494 -21.10 -33.51 19.46
N LEU B 495 -19.93 -34.15 19.40
CA LEU B 495 -19.23 -34.43 18.16
C LEU B 495 -19.22 -35.94 17.86
N PRO B 496 -19.01 -36.36 16.60
CA PRO B 496 -19.02 -37.80 16.26
C PRO B 496 -17.97 -38.62 17.02
N SER B 497 -16.89 -38.00 17.46
CA SER B 497 -15.84 -38.74 18.13
C SER B 497 -15.11 -37.76 19.00
N SER B 498 -14.02 -38.20 19.65
CA SER B 498 -13.33 -37.37 20.61
C SER B 498 -12.31 -36.45 19.92
N TRP B 499 -12.83 -35.47 19.16
CA TRP B 499 -11.99 -34.54 18.42
C TRP B 499 -11.35 -33.53 19.35
N SER B 500 -10.09 -33.21 19.08
CA SER B 500 -9.48 -32.04 19.67
C SER B 500 -9.92 -30.88 18.78
N ALA B 501 -11.17 -30.44 18.98
CA ALA B 501 -11.87 -29.59 18.02
C ALA B 501 -11.55 -28.11 18.11
N GLU B 502 -10.28 -27.79 17.93
CA GLU B 502 -9.81 -26.42 17.78
C GLU B 502 -10.51 -25.87 16.53
N ALA B 503 -11.23 -24.79 16.72
CA ALA B 503 -12.09 -24.24 15.69
C ALA B 503 -11.87 -22.76 15.48
N GLN B 504 -12.34 -22.32 14.29
CA GLN B 504 -12.37 -20.91 13.92
C GLN B 504 -13.65 -20.64 13.14
N PHE B 505 -14.19 -19.44 13.23
CA PHE B 505 -15.48 -19.11 12.58
C PHE B 505 -15.32 -18.23 11.34
N VAL B 506 -16.26 -18.39 10.41
CA VAL B 506 -16.50 -17.41 9.34
C VAL B 506 -17.99 -17.15 9.21
N GLU B 507 -18.31 -15.96 8.74
CA GLU B 507 -19.68 -15.56 8.46
C GLU B 507 -19.85 -15.55 6.95
N LEU B 508 -20.80 -16.31 6.45
CA LEU B 508 -21.07 -16.42 5.01
C LEU B 508 -22.01 -15.31 4.56
N SER B 509 -23.07 -15.12 5.33
CA SER B 509 -24.04 -14.07 5.08
C SER B 509 -24.63 -13.72 6.46
N PRO B 510 -25.34 -12.58 6.58
CA PRO B 510 -25.86 -12.20 7.92
C PRO B 510 -26.63 -13.34 8.61
N GLY B 511 -26.23 -13.67 9.84
CA GLY B 511 -26.85 -14.78 10.58
C GLY B 511 -26.35 -16.20 10.25
N VAL B 512 -25.51 -16.35 9.22
CA VAL B 512 -25.05 -17.66 8.80
C VAL B 512 -23.56 -17.77 9.02
N ILE B 513 -23.19 -18.68 9.91
CA ILE B 513 -21.81 -18.85 10.25
C ILE B 513 -21.43 -20.32 10.22
N GLN B 514 -20.13 -20.55 9.96
CA GLN B 514 -19.57 -21.87 9.93
C GLN B 514 -18.37 -21.92 10.86
N ALA B 515 -18.27 -23.03 11.58
CA ALA B 515 -17.14 -23.35 12.42
C ALA B 515 -16.32 -24.45 11.76
N TYR B 516 -15.09 -24.12 11.34
CA TYR B 516 -14.12 -25.05 10.73
C TYR B 516 -13.21 -25.56 11.85
N MET B 517 -12.96 -26.87 11.88
CA MET B 517 -12.28 -27.46 13.01
C MET B 517 -11.50 -28.75 12.73
N ARG B 518 -10.54 -28.94 13.60
CA ARG B 518 -9.72 -30.14 13.67
C ARG B 518 -10.55 -31.32 14.14
N THR B 519 -10.23 -32.49 13.60
CA THR B 519 -10.90 -33.74 13.99
C THR B 519 -9.85 -34.80 14.35
N ASN B 520 -10.31 -36.01 14.67
CA ASN B 520 -9.44 -37.11 14.88
C ASN B 520 -9.57 -38.13 13.76
N ASN B 521 -10.10 -37.72 12.59
CA ASN B 521 -10.30 -38.68 11.50
C ASN B 521 -9.52 -38.34 10.23
N GLY B 522 -8.67 -37.32 10.26
CA GLY B 522 -7.86 -36.94 9.08
C GLY B 522 -8.44 -35.81 8.24
N LYS B 523 -9.71 -35.46 8.43
CA LYS B 523 -10.34 -34.42 7.63
C LYS B 523 -10.57 -33.16 8.46
N ILE B 524 -10.76 -32.04 7.78
CA ILE B 524 -11.23 -30.82 8.40
C ILE B 524 -12.75 -30.82 8.33
N ALA B 525 -13.39 -30.61 9.49
CA ALA B 525 -14.86 -30.56 9.57
C ALA B 525 -15.36 -29.11 9.59
N TYR B 526 -16.58 -28.91 9.12
CA TYR B 526 -17.26 -27.64 9.27
C TYR B 526 -18.73 -27.85 9.61
N LEU B 527 -19.18 -27.12 10.62
CA LEU B 527 -20.57 -27.14 11.07
C LEU B 527 -21.18 -25.78 10.71
N THR B 528 -22.48 -25.78 10.42
CA THR B 528 -23.14 -24.59 9.91
C THR B 528 -24.29 -24.18 10.83
N SER B 529 -24.36 -22.89 11.17
CA SER B 529 -25.50 -22.30 11.89
C SER B 529 -26.14 -21.21 11.03
N LYS B 530 -27.47 -21.23 10.97
CA LYS B 530 -28.22 -20.24 10.26
C LYS B 530 -28.92 -19.29 11.20
N ASP B 531 -28.60 -19.36 12.50
CA ASP B 531 -29.22 -18.48 13.49
C ASP B 531 -28.13 -17.92 14.39
N ALA B 532 -27.05 -17.47 13.76
CA ALA B 532 -25.93 -16.81 14.45
C ALA B 532 -25.35 -17.62 15.58
N GLY B 533 -25.38 -18.94 15.45
CA GLY B 533 -24.71 -19.82 16.41
C GLY B 533 -25.58 -20.47 17.47
N THR B 534 -26.89 -20.24 17.42
CA THR B 534 -27.80 -20.84 18.39
C THR B 534 -27.93 -22.36 18.16
N THR B 535 -28.06 -22.78 16.90
CA THR B 535 -28.19 -24.20 16.56
C THR B 535 -27.19 -24.50 15.45
N TRP B 536 -26.72 -25.75 15.43
CA TRP B 536 -25.69 -26.17 14.47
C TRP B 536 -26.07 -27.44 13.70
N SER B 537 -25.71 -27.47 12.42
CA SER B 537 -25.82 -28.68 11.59
C SER B 537 -24.87 -29.80 12.03
N ALA B 538 -25.14 -30.98 11.50
CA ALA B 538 -24.20 -32.08 11.53
C ALA B 538 -22.92 -31.68 10.78
N PRO B 539 -21.79 -32.33 11.10
CA PRO B 539 -20.55 -32.02 10.41
C PRO B 539 -20.55 -32.34 8.92
N GLU B 540 -19.92 -31.46 8.15
CA GLU B 540 -19.47 -31.78 6.79
C GLU B 540 -17.96 -31.66 6.80
N TYR B 541 -17.33 -32.11 5.73
CA TYR B 541 -15.89 -32.25 5.66
C TYR B 541 -15.34 -31.69 4.37
N LEU B 542 -14.25 -30.94 4.45
CA LEU B 542 -13.55 -30.52 3.23
C LEU B 542 -13.05 -31.77 2.49
N LYS B 543 -13.15 -31.74 1.16
CA LYS B 543 -12.80 -32.88 0.34
C LYS B 543 -11.33 -32.89 -0.06
N PHE B 544 -10.62 -31.77 0.11
CA PHE B 544 -9.30 -31.62 -0.50
C PHE B 544 -8.17 -31.65 0.52
N VAL B 545 -8.49 -31.80 1.81
CA VAL B 545 -7.45 -31.94 2.81
C VAL B 545 -7.48 -33.33 3.41
N SER B 546 -6.31 -33.94 3.51
CA SER B 546 -6.18 -35.26 4.07
C SER B 546 -4.93 -35.26 4.97
N ASN B 547 -5.18 -35.32 6.28
CA ASN B 547 -4.15 -35.20 7.31
C ASN B 547 -4.11 -36.43 8.18
N PRO B 548 -3.11 -36.53 9.09
CA PRO B 548 -3.11 -37.69 9.98
C PRO B 548 -4.24 -37.59 11.00
N SER B 549 -4.48 -38.70 11.68
CA SER B 549 -5.61 -38.79 12.58
C SER B 549 -5.49 -37.80 13.75
N TYR B 550 -4.28 -37.53 14.25
CA TYR B 550 -4.15 -36.54 15.31
C TYR B 550 -4.61 -35.13 14.90
N GLY B 551 -4.41 -34.76 13.64
CA GLY B 551 -4.85 -33.45 13.13
C GLY B 551 -4.02 -32.28 13.59
N THR B 552 -4.36 -31.10 13.07
CA THR B 552 -3.69 -29.87 13.43
C THR B 552 -4.72 -28.72 13.47
N GLN B 553 -4.45 -27.73 14.33
CA GLN B 553 -5.19 -26.45 14.31
C GLN B 553 -5.13 -25.83 12.89
N LEU B 554 -6.09 -24.96 12.61
CA LEU B 554 -6.15 -24.22 11.33
C LEU B 554 -6.50 -22.78 11.62
N SER B 555 -6.45 -21.98 10.55
CA SER B 555 -6.87 -20.59 10.58
C SER B 555 -7.75 -20.37 9.38
N ILE B 556 -8.90 -19.76 9.61
CA ILE B 556 -9.73 -19.31 8.51
C ILE B 556 -10.31 -17.96 8.90
N ILE B 557 -10.35 -17.07 7.92
CA ILE B 557 -10.87 -15.72 8.12
C ILE B 557 -11.75 -15.30 6.95
N ASN B 558 -12.65 -14.35 7.23
CA ASN B 558 -13.30 -13.55 6.20
C ASN B 558 -12.32 -12.54 5.65
N TYR B 559 -12.44 -12.22 4.36
CA TYR B 559 -11.60 -11.25 3.70
C TYR B 559 -12.53 -10.16 3.28
N SER B 560 -12.10 -8.90 3.39
CA SER B 560 -12.97 -7.75 3.11
C SER B 560 -13.14 -7.42 1.61
N GLN B 561 -12.22 -7.81 0.73
CA GLN B 561 -12.32 -7.43 -0.69
C GLN B 561 -12.87 -8.59 -1.54
N LEU B 562 -13.57 -8.23 -2.59
CA LEU B 562 -14.07 -9.25 -3.53
C LEU B 562 -12.92 -9.96 -4.24
N ILE B 563 -13.06 -11.26 -4.48
CA ILE B 563 -12.16 -12.01 -5.33
C ILE B 563 -13.01 -12.71 -6.37
N ASP B 564 -12.66 -12.46 -7.63
CA ASP B 564 -13.47 -12.88 -8.77
C ASP B 564 -14.95 -12.45 -8.58
N GLY B 565 -15.16 -11.26 -8.05
CA GLY B 565 -16.51 -10.72 -7.88
C GLY B 565 -17.31 -11.31 -6.74
N LYS B 566 -16.66 -12.12 -5.90
CA LYS B 566 -17.33 -12.86 -4.85
C LYS B 566 -16.71 -12.57 -3.50
N LYS B 567 -17.50 -12.74 -2.45
CA LYS B 567 -17.01 -12.68 -1.09
C LYS B 567 -16.17 -13.91 -0.84
N ALA B 568 -15.10 -13.70 -0.10
CA ALA B 568 -14.10 -14.72 0.04
C ALA B 568 -13.76 -15.01 1.49
N VAL B 569 -13.32 -16.24 1.70
CA VAL B 569 -12.68 -16.67 2.93
C VAL B 569 -11.29 -17.21 2.59
N ILE B 570 -10.42 -17.17 3.56
CA ILE B 570 -9.05 -17.60 3.36
C ILE B 570 -8.72 -18.57 4.46
N LEU B 571 -8.24 -19.73 4.06
CA LEU B 571 -7.94 -20.85 4.95
C LEU B 571 -6.44 -21.20 4.92
N SER B 572 -5.86 -21.47 6.10
CA SER B 572 -4.48 -21.95 6.22
C SER B 572 -4.47 -23.25 7.02
N THR B 573 -3.83 -24.28 6.47
CA THR B 573 -3.69 -25.60 7.14
C THR B 573 -2.54 -26.40 6.53
N PRO B 574 -1.91 -27.33 7.32
CA PRO B 574 -1.13 -28.38 6.66
C PRO B 574 -2.07 -29.30 5.89
N ASN B 575 -1.49 -30.02 4.94
CA ASN B 575 -2.23 -30.96 4.11
C ASN B 575 -1.31 -32.09 3.69
N SER B 576 -1.19 -33.07 4.59
CA SER B 576 -0.28 -34.21 4.38
C SER B 576 -0.66 -35.33 5.31
N THR B 577 -0.62 -36.56 4.82
CA THR B 577 -0.81 -37.71 5.68
C THR B 577 0.48 -38.13 6.39
N ASN B 578 1.63 -37.58 5.99
CA ASN B 578 2.94 -37.95 6.57
C ASN B 578 3.39 -37.15 7.79
N GLY B 579 2.67 -36.13 8.18
CA GLY B 579 3.07 -35.32 9.33
C GLY B 579 2.38 -33.98 9.26
N ARG B 580 2.85 -33.03 10.07
CA ARG B 580 2.38 -31.65 9.98
C ARG B 580 3.29 -30.97 8.98
N LYS B 581 2.86 -31.05 7.73
CA LYS B 581 3.69 -30.69 6.59
C LYS B 581 2.82 -30.10 5.48
N HIS B 582 3.47 -29.56 4.46
CA HIS B 582 2.81 -29.18 3.22
C HIS B 582 1.71 -28.17 3.52
N GLY B 583 2.13 -27.05 4.09
CA GLY B 583 1.20 -25.95 4.35
C GLY B 583 0.58 -25.39 3.08
N GLN B 584 -0.70 -25.09 3.15
CA GLN B 584 -1.42 -24.48 2.02
C GLN B 584 -2.33 -23.35 2.47
N ILE B 585 -2.42 -22.32 1.62
CA ILE B 585 -3.45 -21.29 1.78
C ILE B 585 -4.45 -21.42 0.65
N TRP B 586 -5.72 -21.55 1.03
CA TRP B 586 -6.83 -21.80 0.13
C TRP B 586 -7.75 -20.60 0.14
N ILE B 587 -8.18 -20.21 -1.04
CA ILE B 587 -9.19 -19.20 -1.18
C ILE B 587 -10.51 -19.88 -1.52
N GLY B 588 -11.53 -19.55 -0.72
CA GLY B 588 -12.88 -20.05 -0.90
C GLY B 588 -13.84 -18.91 -1.24
N LEU B 589 -14.54 -19.03 -2.35
CA LEU B 589 -15.46 -17.99 -2.79
C LEU B 589 -16.88 -18.41 -2.44
N ILE B 590 -17.60 -17.52 -1.77
CA ILE B 590 -18.92 -17.84 -1.25
C ILE B 590 -19.96 -17.70 -2.37
N ASN B 591 -20.66 -18.80 -2.62
CA ASN B 591 -21.73 -18.84 -3.63
C ASN B 591 -23.04 -18.28 -3.06
N ASP B 592 -23.96 -17.95 -3.96
CA ASP B 592 -25.29 -17.41 -3.61
C ASP B 592 -26.06 -18.31 -2.63
N ASP B 593 -25.87 -19.62 -2.75
CA ASP B 593 -26.51 -20.60 -1.87
C ASP B 593 -25.68 -20.90 -0.61
N ASN B 594 -24.65 -20.10 -0.34
CA ASN B 594 -23.80 -20.28 0.83
C ASN B 594 -22.95 -21.55 0.88
N THR B 595 -22.80 -22.25 -0.24
CA THR B 595 -21.71 -23.18 -0.37
C THR B 595 -20.44 -22.38 -0.76
N ILE B 596 -19.29 -23.03 -0.66
CA ILE B 596 -18.01 -22.39 -0.96
C ILE B 596 -17.31 -23.05 -2.13
N ASP B 597 -16.86 -22.23 -3.08
CA ASP B 597 -16.08 -22.68 -4.20
C ASP B 597 -14.61 -22.48 -3.81
N TRP B 598 -13.97 -23.56 -3.41
CA TRP B 598 -12.53 -23.57 -3.07
C TRP B 598 -11.69 -23.58 -4.37
N ARG B 599 -11.46 -22.37 -4.91
CA ARG B 599 -11.05 -22.18 -6.30
C ARG B 599 -9.53 -22.10 -6.46
N TYR B 600 -8.83 -21.62 -5.43
CA TYR B 600 -7.38 -21.41 -5.52
C TYR B 600 -6.67 -21.95 -4.27
N HIS B 601 -5.42 -22.32 -4.48
CA HIS B 601 -4.53 -22.54 -3.37
C HIS B 601 -3.11 -22.22 -3.73
N HIS B 602 -2.35 -21.92 -2.69
CA HIS B 602 -0.93 -21.68 -2.78
C HIS B 602 -0.22 -22.53 -1.73
N ASP B 603 0.78 -23.30 -2.16
CA ASP B 603 1.60 -24.06 -1.23
C ASP B 603 2.63 -23.15 -0.57
N VAL B 604 2.72 -23.22 0.76
CA VAL B 604 3.76 -22.51 1.49
C VAL B 604 4.95 -23.45 1.61
N ASP B 605 5.96 -23.18 0.83
CA ASP B 605 7.18 -23.99 0.74
C ASP B 605 6.90 -25.40 0.18
N TYR B 606 7.95 -26.22 0.11
CA TYR B 606 7.85 -27.57 -0.46
C TYR B 606 7.08 -28.49 0.46
N SER B 607 6.63 -29.61 -0.11
CA SER B 607 5.62 -30.42 0.50
C SER B 607 6.09 -31.27 1.68
N ASN B 608 7.39 -31.57 1.75
CA ASN B 608 7.94 -32.24 2.91
C ASN B 608 8.48 -31.27 4.01
N TYR B 609 8.40 -29.97 3.79
CA TYR B 609 8.73 -29.00 4.83
C TYR B 609 7.59 -28.91 5.88
N GLY B 610 7.97 -28.62 7.11
CA GLY B 610 7.04 -28.62 8.23
C GLY B 610 6.11 -27.39 8.26
N TYR B 611 4.89 -27.63 8.72
CA TYR B 611 3.86 -26.58 8.79
C TYR B 611 2.84 -27.11 9.76
N SER B 612 2.72 -26.46 10.90
CA SER B 612 1.80 -26.89 11.94
C SER B 612 0.77 -25.78 12.22
N TYR B 613 0.70 -25.23 13.44
CA TYR B 613 -0.31 -24.26 13.78
C TYR B 613 -0.07 -22.99 12.98
N SER B 614 -1.16 -22.29 12.61
CA SER B 614 -1.04 -21.11 11.81
C SER B 614 -2.12 -20.11 12.13
N THR B 615 -1.88 -18.88 11.66
CA THR B 615 -2.84 -17.81 11.87
C THR B 615 -2.78 -16.80 10.72
N LEU B 616 -3.96 -16.38 10.27
CA LEU B 616 -4.12 -15.42 9.19
C LEU B 616 -4.74 -14.13 9.68
N THR B 617 -4.36 -13.03 9.04
CA THR B 617 -5.12 -11.80 9.18
C THR B 617 -5.08 -10.99 7.89
N GLU B 618 -6.10 -10.17 7.68
CA GLU B 618 -6.11 -9.19 6.60
C GLU B 618 -5.39 -7.95 7.09
N LEU B 619 -4.32 -7.60 6.43
CA LEU B 619 -3.60 -6.37 6.76
C LEU B 619 -4.47 -5.17 6.33
N PRO B 620 -4.21 -3.97 6.89
CA PRO B 620 -5.01 -2.80 6.50
C PRO B 620 -4.96 -2.44 5.00
N ASN B 621 -3.85 -2.71 4.33
CA ASN B 621 -3.76 -2.53 2.88
C ASN B 621 -4.33 -3.72 2.06
N HIS B 622 -5.00 -4.67 2.71
CA HIS B 622 -5.69 -5.81 2.08
C HIS B 622 -4.77 -6.91 1.61
N GLU B 623 -3.50 -6.83 1.97
CA GLU B 623 -2.62 -7.94 1.87
C GLU B 623 -2.95 -8.88 3.03
N ILE B 624 -2.32 -10.04 3.03
CA ILE B 624 -2.58 -11.11 4.00
C ILE B 624 -1.34 -11.37 4.82
N GLY B 625 -1.49 -11.36 6.14
CA GLY B 625 -0.40 -11.71 7.04
C GLY B 625 -0.59 -13.15 7.47
N LEU B 626 0.50 -13.90 7.52
CA LEU B 626 0.51 -15.27 7.98
C LEU B 626 1.63 -15.43 8.98
N MET B 627 1.29 -16.00 10.12
CA MET B 627 2.32 -16.47 11.03
C MET B 627 2.08 -17.95 11.28
N PHE B 628 3.14 -18.74 11.30
CA PHE B 628 2.96 -20.18 11.43
C PHE B 628 4.17 -20.90 12.03
N GLU B 629 3.90 -22.09 12.55
CA GLU B 629 4.91 -22.99 13.07
C GLU B 629 5.57 -23.68 11.88
N LYS B 630 6.78 -23.24 11.52
CA LYS B 630 7.49 -23.83 10.34
C LYS B 630 8.36 -25.00 10.80
N PHE B 631 7.66 -26.02 11.20
CA PHE B 631 8.18 -27.27 11.73
C PHE B 631 6.97 -28.15 12.02
N ASP B 632 7.24 -29.43 12.33
CA ASP B 632 6.20 -30.35 12.69
C ASP B 632 6.15 -30.36 14.21
N SER B 633 5.15 -29.69 14.77
CA SER B 633 5.04 -29.55 16.24
C SER B 633 4.42 -30.75 16.95
N TRP B 634 4.07 -31.80 16.20
CA TRP B 634 3.62 -33.11 16.77
C TRP B 634 4.79 -34.10 16.93
N SER B 635 5.60 -34.18 15.88
CA SER B 635 6.76 -35.07 15.81
C SER B 635 7.65 -35.02 17.03
N ARG B 636 8.00 -36.17 17.56
CA ARG B 636 8.98 -36.22 18.67
C ARG B 636 10.40 -35.90 18.22
N ASN B 637 10.64 -35.84 16.91
CA ASN B 637 11.97 -35.47 16.39
C ASN B 637 12.17 -33.96 16.22
N GLU B 638 11.11 -33.15 16.33
CA GLU B 638 11.22 -31.70 16.09
C GLU B 638 10.82 -30.86 17.28
N LEU B 639 10.90 -31.47 18.47
CA LEU B 639 10.61 -30.76 19.71
C LEU B 639 11.73 -29.75 20.04
N HIS B 640 11.39 -28.68 20.74
CA HIS B 640 12.40 -27.84 21.40
C HIS B 640 13.40 -27.24 20.42
N MET B 641 12.89 -26.60 19.37
CA MET B 641 13.75 -25.92 18.39
C MET B 641 13.54 -24.40 18.47
N LYS B 642 14.66 -23.66 18.31
CA LYS B 642 14.64 -22.19 18.36
C LYS B 642 14.33 -21.55 17.01
N ASN B 643 13.53 -20.48 17.06
CA ASN B 643 13.35 -19.57 15.92
C ASN B 643 12.71 -20.19 14.67
N VAL B 644 11.54 -20.74 14.90
CA VAL B 644 10.83 -21.53 13.90
C VAL B 644 9.36 -21.14 13.80
N VAL B 645 9.03 -19.89 14.16
CA VAL B 645 7.66 -19.38 13.95
C VAL B 645 7.68 -18.08 13.19
N PRO B 646 7.83 -18.17 11.86
CA PRO B 646 7.91 -16.96 11.08
C PRO B 646 6.59 -16.30 10.68
N TYR B 647 6.74 -15.04 10.28
CA TYR B 647 5.69 -14.19 9.77
C TYR B 647 5.99 -13.92 8.31
N ILE B 648 4.99 -14.07 7.46
CA ILE B 648 5.08 -13.72 6.03
C ILE B 648 3.86 -12.90 5.59
N THR B 649 4.05 -12.02 4.59
CA THR B 649 2.98 -11.25 3.94
C THR B 649 2.71 -11.79 2.52
N PHE B 650 1.43 -11.89 2.13
CA PHE B 650 1.09 -12.23 0.77
C PHE B 650 0.17 -11.14 0.19
N LYS B 651 0.37 -10.86 -1.08
CA LYS B 651 -0.66 -10.19 -1.87
C LYS B 651 -1.60 -11.28 -2.35
N ILE B 652 -2.82 -10.90 -2.69
CA ILE B 652 -3.78 -11.86 -3.21
C ILE B 652 -3.29 -12.56 -4.48
N GLU B 653 -2.56 -11.85 -5.33
CA GLU B 653 -2.03 -12.44 -6.55
C GLU B 653 -0.99 -13.55 -6.26
N ASP B 654 -0.30 -13.48 -5.11
CA ASP B 654 0.58 -14.56 -4.67
C ASP B 654 -0.23 -15.80 -4.35
N LEU B 655 -1.52 -15.60 -3.98
CA LEU B 655 -2.37 -16.70 -3.50
C LEU B 655 -3.28 -17.26 -4.55
N LYS B 656 -3.61 -16.44 -5.56
CA LYS B 656 -4.54 -16.84 -6.61
C LYS B 656 -3.83 -17.75 -7.60
N LYS B 657 -3.53 -18.97 -7.16
CA LYS B 657 -2.78 -19.94 -7.95
C LYS B 657 -3.59 -21.24 -8.02
N ASN B 658 -3.16 -22.12 -8.92
CA ASN B 658 -3.71 -23.47 -9.02
C ASN B 658 -5.24 -23.49 -9.24
N LEU B 659 -5.74 -22.63 -10.12
CA LEU B 659 -7.17 -22.63 -10.52
C LEU B 659 -7.85 -24.01 -10.55
#